data_2FCI
#
_entry.id   2FCI
#
_cell.length_a   1.000
_cell.length_b   1.000
_cell.length_c   1.000
_cell.angle_alpha   90.00
_cell.angle_beta   90.00
_cell.angle_gamma   90.00
#
_symmetry.space_group_name_H-M   'P 1'
#
loop_
_entity.id
_entity.type
_entity.pdbx_description
1 polymer 'Doubly phosphorylated peptide derived from Syk kinase comprising residues 338-350'
2 polymer 'C-termainl SH2 domain from phospholipase C-gamma-1 comprising residues 663-759'
#
loop_
_entity_poly.entity_id
_entity_poly.type
_entity_poly.pdbx_seq_one_letter_code
_entity_poly.pdbx_strand_id
1 'polypeptide(L)' (ACE)DTEV(PTR)ESP(PTR)ADP(GMA) B
2 'polypeptide(L)'
;GSPGIHESKEWYHASLTRAQAEHMLMRVPRDGAFLVRKRNEPNSYAISFRAEGKIKHCRVQQEGQTVMLGNSEFDSLVDL
ISYYEKHPLYRKMKLRYPINEENSS
;
A
#
# COMPACT_ATOMS: atom_id res chain seq x y z
N ASP A 2 -13.50 7.60 6.30
CA ASP A 2 -14.40 6.66 7.03
C ASP A 2 -13.96 5.23 6.68
N THR A 3 -14.87 4.29 6.41
CA THR A 3 -14.40 2.87 6.07
C THR A 3 -14.39 2.55 4.56
N GLU A 4 -14.98 3.33 3.68
CA GLU A 4 -14.92 2.96 2.21
C GLU A 4 -15.07 4.18 1.27
N VAL A 5 -14.19 5.18 1.34
CA VAL A 5 -14.35 6.36 0.40
C VAL A 5 -13.12 7.36 0.42
N GLU A 7 -9.65 9.15 -2.35
CA GLU A 7 -9.42 9.62 -3.76
C GLU A 7 -7.93 9.52 -4.18
N SER A 8 -7.03 10.26 -3.56
CA SER A 8 -5.57 10.18 -3.97
C SER A 8 -4.74 9.46 -2.89
N PRO A 9 -4.28 8.26 -3.22
CA PRO A 9 -3.51 7.39 -2.26
C PRO A 9 -1.99 7.70 -2.23
N ALA A 11 1.29 8.33 -4.22
CA ALA A 11 1.85 8.60 -5.59
C ALA A 11 3.38 8.81 -5.59
N ASP A 12 3.94 9.49 -4.61
CA ASP A 12 5.41 9.76 -4.64
C ASP A 12 6.18 8.99 -3.55
N PRO A 13 7.47 8.83 -3.77
CA PRO A 13 8.33 8.20 -2.73
C PRO A 13 8.44 9.24 -1.59
N GLY B 1 12.57 -5.96 -10.31
CA GLY B 1 13.99 -5.74 -10.76
C GLY B 1 14.47 -4.42 -10.17
N SER B 2 14.90 -3.47 -10.97
CA SER B 2 15.34 -2.15 -10.40
C SER B 2 14.26 -1.61 -9.44
N PRO B 3 13.01 -1.54 -9.91
CA PRO B 3 11.89 -1.13 -9.03
C PRO B 3 11.56 -2.38 -8.18
N GLY B 4 10.36 -2.91 -8.22
CA GLY B 4 10.08 -4.15 -7.41
C GLY B 4 9.39 -5.22 -8.26
N ILE B 5 8.11 -5.36 -8.10
CA ILE B 5 7.30 -6.38 -8.87
C ILE B 5 7.69 -7.81 -8.46
N HIS B 6 8.96 -8.15 -8.38
CA HIS B 6 9.36 -9.53 -7.95
C HIS B 6 10.06 -9.45 -6.59
N GLU B 7 11.19 -8.76 -6.52
CA GLU B 7 11.93 -8.61 -5.21
C GLU B 7 11.12 -7.75 -4.23
N SER B 8 10.09 -7.07 -4.68
CA SER B 8 9.29 -6.21 -3.74
C SER B 8 8.34 -7.08 -2.89
N LYS B 9 7.24 -6.54 -2.41
CA LYS B 9 6.35 -7.38 -1.54
C LYS B 9 4.86 -6.99 -1.60
N GLU B 10 4.52 -5.72 -1.64
CA GLU B 10 3.06 -5.35 -1.66
C GLU B 10 2.50 -5.33 -3.07
N TRP B 11 2.64 -6.42 -3.77
CA TRP B 11 2.07 -6.52 -5.15
C TRP B 11 0.75 -7.36 -5.06
N TYR B 12 0.26 -7.55 -3.86
CA TYR B 12 -0.98 -8.37 -3.63
C TYR B 12 -2.24 -7.50 -3.79
N HIS B 13 -2.50 -6.97 -4.96
CA HIS B 13 -3.74 -6.13 -5.12
C HIS B 13 -4.82 -6.89 -5.92
N ALA B 14 -5.25 -8.04 -5.44
CA ALA B 14 -6.29 -8.80 -6.19
C ALA B 14 -7.45 -9.25 -5.28
N SER B 15 -7.26 -10.26 -4.45
CA SER B 15 -8.42 -10.73 -3.61
C SER B 15 -8.08 -10.90 -2.11
N LEU B 16 -8.32 -9.88 -1.33
CA LEU B 16 -8.08 -9.97 0.14
C LEU B 16 -9.22 -9.22 0.88
N THR B 17 -9.01 -8.78 2.08
CA THR B 17 -10.11 -8.04 2.80
C THR B 17 -10.12 -6.58 2.34
N ARG B 18 -11.14 -5.82 2.69
CA ARG B 18 -11.20 -4.38 2.23
C ARG B 18 -10.73 -3.42 3.36
N ALA B 19 -11.48 -2.35 3.65
CA ALA B 19 -11.07 -1.39 4.74
C ALA B 19 -10.44 -2.13 5.92
N GLN B 20 -11.02 -3.25 6.26
CA GLN B 20 -10.52 -4.10 7.38
C GLN B 20 -9.00 -4.28 7.30
N ALA B 21 -8.49 -4.82 6.21
CA ALA B 21 -7.01 -5.04 6.10
C ALA B 21 -6.25 -3.72 6.28
N GLU B 22 -6.67 -2.67 5.63
CA GLU B 22 -5.97 -1.36 5.78
C GLU B 22 -6.12 -0.85 7.22
N HIS B 23 -7.34 -0.79 7.74
CA HIS B 23 -7.51 -0.35 9.16
C HIS B 23 -6.55 -1.18 10.02
N MET B 24 -6.55 -2.48 9.82
CA MET B 24 -5.63 -3.38 10.57
C MET B 24 -4.19 -2.91 10.34
N LEU B 25 -3.78 -2.79 9.09
CA LEU B 25 -2.38 -2.32 8.80
C LEU B 25 -2.15 -0.90 9.36
N MET B 26 -3.06 0.01 9.13
CA MET B 26 -2.87 1.39 9.66
C MET B 26 -2.88 1.40 11.20
N ARG B 27 -3.68 0.58 11.82
CA ARG B 27 -3.74 0.56 13.33
C ARG B 27 -2.76 -0.43 13.96
N VAL B 28 -1.99 -1.16 13.17
CA VAL B 28 -1.04 -2.15 13.79
C VAL B 28 -0.13 -1.47 14.81
N PRO B 29 0.51 -2.30 15.58
CA PRO B 29 1.45 -1.80 16.62
C PRO B 29 2.71 -1.14 16.00
N ARG B 30 3.44 -1.84 15.16
CA ARG B 30 4.68 -1.25 14.55
C ARG B 30 4.40 -0.37 13.33
N ASP B 31 5.39 0.40 12.95
CA ASP B 31 5.29 1.27 11.74
C ASP B 31 5.66 0.45 10.51
N GLY B 32 5.31 0.92 9.34
CA GLY B 32 5.70 0.16 8.11
C GLY B 32 4.49 -0.60 7.53
N ALA B 33 3.56 -1.03 8.32
CA ALA B 33 2.38 -1.79 7.76
C ALA B 33 2.01 -1.36 6.31
N PHE B 34 2.33 -2.18 5.32
CA PHE B 34 1.97 -1.85 3.88
C PHE B 34 0.95 -2.88 3.35
N LEU B 35 -0.07 -2.45 2.64
CA LEU B 35 -1.05 -3.46 2.10
C LEU B 35 -2.01 -2.84 1.06
N VAL B 36 -2.11 -3.46 -0.09
CA VAL B 36 -3.06 -2.95 -1.15
C VAL B 36 -4.26 -3.91 -1.28
N ARG B 37 -5.45 -3.39 -1.21
CA ARG B 37 -6.65 -4.27 -1.34
C ARG B 37 -7.80 -3.58 -2.11
N LYS B 38 -8.83 -4.32 -2.44
CA LYS B 38 -9.98 -3.76 -3.23
C LYS B 38 -10.89 -2.81 -2.43
N ARG B 39 -11.43 -1.81 -3.10
CA ARG B 39 -12.38 -0.85 -2.44
C ARG B 39 -13.80 -1.02 -3.04
N ASN B 40 -14.80 -0.45 -2.41
CA ASN B 40 -16.22 -0.57 -2.92
C ASN B 40 -16.43 0.18 -4.25
N GLU B 41 -15.57 1.11 -4.57
CA GLU B 41 -15.73 1.89 -5.83
C GLU B 41 -15.08 1.16 -7.03
N PRO B 42 -15.72 1.25 -8.19
CA PRO B 42 -15.19 0.61 -9.42
C PRO B 42 -13.91 1.33 -9.86
N ASN B 43 -12.94 0.61 -10.38
CA ASN B 43 -11.66 1.27 -10.79
C ASN B 43 -11.12 2.06 -9.59
N SER B 44 -11.19 1.47 -8.42
CA SER B 44 -10.74 2.16 -7.17
C SER B 44 -10.05 1.19 -6.21
N TYR B 45 -8.77 1.05 -6.29
CA TYR B 45 -8.02 0.16 -5.34
C TYR B 45 -7.40 1.04 -4.25
N ALA B 46 -6.86 0.48 -3.20
CA ALA B 46 -6.25 1.39 -2.18
C ALA B 46 -4.93 0.84 -1.65
N ILE B 47 -4.13 1.70 -1.05
CA ILE B 47 -2.80 1.25 -0.53
C ILE B 47 -2.65 1.56 0.97
N SER B 48 -2.53 0.56 1.80
CA SER B 48 -2.34 0.82 3.26
C SER B 48 -0.85 1.02 3.55
N PHE B 49 -0.52 2.13 4.14
CA PHE B 49 0.91 2.46 4.43
C PHE B 49 1.03 3.16 5.79
N ARG B 50 1.61 2.51 6.77
CA ARG B 50 1.74 3.17 8.12
C ARG B 50 3.14 3.75 8.33
N ALA B 51 3.25 5.05 8.41
CA ALA B 51 4.58 5.68 8.62
C ALA B 51 4.68 6.33 10.01
N GLU B 52 5.89 6.48 10.49
CA GLU B 52 6.10 7.11 11.84
C GLU B 52 5.38 8.46 11.96
N GLY B 53 4.45 8.56 12.89
CA GLY B 53 3.69 9.84 13.10
C GLY B 53 3.13 10.37 11.76
N LYS B 54 2.72 9.50 10.87
CA LYS B 54 2.15 9.96 9.56
C LYS B 54 1.41 8.81 8.89
N ILE B 55 0.18 9.00 8.56
CA ILE B 55 -0.58 7.90 7.91
C ILE B 55 -1.62 8.45 6.94
N LYS B 56 -1.60 8.00 5.71
CA LYS B 56 -2.61 8.48 4.72
C LYS B 56 -2.70 7.51 3.53
N HIS B 57 -3.90 7.16 3.13
CA HIS B 57 -4.07 6.23 1.97
C HIS B 57 -5.38 6.56 1.26
N CYS B 58 -5.51 6.20 0.01
CA CYS B 58 -6.78 6.51 -0.73
C CYS B 58 -7.03 5.51 -1.87
N ARG B 59 -7.82 5.90 -2.86
CA ARG B 59 -8.13 4.94 -3.99
C ARG B 59 -7.19 5.09 -5.20
N VAL B 60 -6.87 3.98 -5.79
CA VAL B 60 -6.00 3.94 -7.00
C VAL B 60 -6.86 3.44 -8.19
N GLN B 61 -6.68 4.02 -9.35
CA GLN B 61 -7.48 3.58 -10.53
C GLN B 61 -6.76 2.43 -11.25
N GLN B 62 -7.38 1.27 -11.30
CA GLN B 62 -6.73 0.11 -11.98
C GLN B 62 -7.33 -0.13 -13.38
N GLU B 63 -6.48 -0.31 -14.36
CA GLU B 63 -6.96 -0.57 -15.74
C GLU B 63 -6.36 -1.91 -16.23
N GLY B 64 -7.11 -2.68 -16.99
CA GLY B 64 -6.61 -4.01 -17.49
C GLY B 64 -5.44 -3.83 -18.47
N GLN B 65 -4.42 -3.13 -18.04
CA GLN B 65 -3.19 -2.89 -18.89
C GLN B 65 -2.22 -1.97 -18.13
N THR B 66 -2.74 -1.00 -17.41
CA THR B 66 -1.85 -0.07 -16.64
C THR B 66 -2.61 0.58 -15.48
N VAL B 67 -2.27 0.25 -14.26
CA VAL B 67 -2.98 0.88 -13.09
C VAL B 67 -2.50 2.33 -12.92
N MET B 68 -3.32 3.18 -12.37
CA MET B 68 -2.91 4.61 -12.21
C MET B 68 -3.29 5.14 -10.82
N LEU B 69 -2.42 5.92 -10.22
CA LEU B 69 -2.70 6.48 -8.87
C LEU B 69 -3.20 7.93 -9.01
N GLY B 70 -3.55 8.56 -7.91
CA GLY B 70 -4.04 9.98 -7.96
C GLY B 70 -2.91 10.96 -8.31
N ASN B 71 -2.17 10.70 -9.37
CA ASN B 71 -1.05 11.63 -9.79
C ASN B 71 -0.28 11.04 -10.98
N SER B 72 -0.05 9.74 -11.01
CA SER B 72 0.73 9.16 -12.14
C SER B 72 0.25 7.75 -12.54
N GLU B 73 0.69 7.31 -13.69
CA GLU B 73 0.33 5.95 -14.21
C GLU B 73 1.36 4.93 -13.71
N PHE B 74 0.95 3.73 -13.37
CA PHE B 74 1.94 2.72 -12.86
C PHE B 74 1.61 1.31 -13.36
N ASP B 75 2.61 0.54 -13.72
CA ASP B 75 2.37 -0.85 -14.20
C ASP B 75 1.91 -1.73 -13.03
N SER B 76 0.61 -1.73 -12.77
CA SER B 76 0.06 -2.53 -11.63
C SER B 76 0.45 -1.88 -10.28
N LEU B 77 -0.47 -1.75 -9.34
CA LEU B 77 -0.14 -1.10 -8.01
C LEU B 77 1.26 -1.54 -7.52
N VAL B 78 1.59 -2.78 -7.72
CA VAL B 78 2.93 -3.29 -7.29
C VAL B 78 4.06 -2.36 -7.76
N ASP B 79 3.91 -1.73 -8.92
CA ASP B 79 4.98 -0.82 -9.42
C ASP B 79 5.23 0.33 -8.43
N LEU B 80 4.29 1.25 -8.27
CA LEU B 80 4.51 2.38 -7.28
C LEU B 80 4.81 1.81 -5.88
N ILE B 81 4.14 0.75 -5.50
CA ILE B 81 4.43 0.15 -4.16
C ILE B 81 5.87 -0.39 -4.17
N SER B 82 6.26 -1.10 -5.22
CA SER B 82 7.66 -1.59 -5.31
C SER B 82 8.61 -0.40 -5.20
N TYR B 83 8.28 0.69 -5.85
CA TYR B 83 9.11 1.92 -5.76
C TYR B 83 9.25 2.29 -4.26
N TYR B 84 8.16 2.22 -3.54
CA TYR B 84 8.20 2.54 -2.08
C TYR B 84 9.16 1.61 -1.34
N GLU B 85 9.06 0.33 -1.57
CA GLU B 85 10.01 -0.61 -0.88
C GLU B 85 11.44 -0.21 -1.24
N LYS B 86 11.68 -0.03 -2.51
CA LYS B 86 13.04 0.36 -2.97
C LYS B 86 13.42 1.72 -2.33
N HIS B 87 12.52 2.68 -2.32
CA HIS B 87 12.83 4.01 -1.69
C HIS B 87 11.81 4.37 -0.57
N PRO B 88 11.91 3.65 0.54
CA PRO B 88 11.03 3.89 1.71
C PRO B 88 11.68 4.86 2.74
N LEU B 89 12.87 4.53 3.23
CA LEU B 89 13.61 5.40 4.23
C LEU B 89 12.95 5.45 5.63
N TYR B 90 11.66 5.29 5.75
CA TYR B 90 10.97 5.37 7.09
C TYR B 90 11.51 4.31 8.09
N ARG B 91 12.70 4.50 8.59
CA ARG B 91 13.32 3.55 9.60
C ARG B 91 12.96 2.07 9.35
N LYS B 92 11.87 1.56 9.93
CA LYS B 92 11.51 0.12 9.71
C LYS B 92 10.49 -0.03 8.58
N MET B 93 10.51 0.85 7.63
CA MET B 93 9.55 0.78 6.51
C MET B 93 10.25 0.39 5.20
N LYS B 94 9.95 -0.76 4.67
CA LYS B 94 10.58 -1.19 3.39
C LYS B 94 9.73 -2.29 2.72
N LEU B 95 8.43 -2.09 2.69
CA LEU B 95 7.48 -3.10 2.08
C LEU B 95 7.86 -4.55 2.41
N ARG B 96 8.51 -4.79 3.51
CA ARG B 96 8.87 -6.19 3.85
C ARG B 96 9.01 -6.30 5.37
N TYR B 97 7.99 -5.85 6.07
CA TYR B 97 8.00 -5.88 7.56
C TYR B 97 6.58 -6.19 8.07
N PRO B 98 6.49 -7.07 9.02
CA PRO B 98 5.18 -7.43 9.60
C PRO B 98 4.73 -6.34 10.59
N ILE B 99 3.72 -6.61 11.37
CA ILE B 99 3.24 -5.58 12.35
C ILE B 99 3.41 -6.11 13.78
N ASN B 100 4.61 -6.02 14.27
CA ASN B 100 4.93 -6.55 15.64
C ASN B 100 4.24 -5.73 16.76
N GLU B 101 3.63 -6.42 17.68
CA GLU B 101 2.91 -5.74 18.80
C GLU B 101 3.85 -5.31 19.92
N GLU B 102 3.89 -4.04 20.21
CA GLU B 102 4.73 -3.51 21.34
C GLU B 102 4.69 -4.50 22.53
N ASN B 103 3.50 -4.89 22.93
CA ASN B 103 3.31 -5.86 24.07
C ASN B 103 3.97 -7.22 23.77
N SER B 104 3.78 -7.75 22.58
CA SER B 104 4.36 -9.10 22.23
C SER B 104 5.79 -9.01 21.62
N SER B 105 6.04 -8.08 20.73
CA SER B 105 7.42 -7.99 20.11
C SER B 105 7.68 -6.58 19.56
N ASP A 2 -8.56 3.99 5.95
CA ASP A 2 -9.26 5.27 6.28
C ASP A 2 -10.68 5.27 5.69
N THR A 3 -11.63 4.71 6.42
CA THR A 3 -13.07 4.65 5.94
C THR A 3 -13.19 3.81 4.65
N GLU A 4 -14.31 3.91 3.96
CA GLU A 4 -14.50 3.11 2.71
C GLU A 4 -14.65 4.02 1.48
N VAL A 5 -14.00 5.17 1.48
CA VAL A 5 -14.11 6.09 0.30
C VAL A 5 -12.93 7.08 0.30
N GLU A 7 -9.73 9.35 -2.46
CA GLU A 7 -9.36 9.80 -3.84
C GLU A 7 -7.89 9.45 -4.15
N SER A 8 -6.99 10.41 -4.27
CA SER A 8 -5.55 10.09 -4.57
C SER A 8 -4.83 9.50 -3.34
N PRO A 9 -4.26 8.31 -3.49
CA PRO A 9 -3.58 7.64 -2.37
C PRO A 9 -2.09 8.03 -2.25
N ALA A 11 2.07 8.53 -4.23
CA ALA A 11 2.72 9.06 -5.49
C ALA A 11 4.10 9.63 -5.18
N ASP A 12 4.18 10.58 -4.28
CA ASP A 12 5.50 11.21 -3.92
C ASP A 12 6.46 10.19 -3.31
N PRO A 13 7.70 10.23 -3.75
CA PRO A 13 8.73 9.30 -3.21
C PRO A 13 9.16 9.74 -1.81
N GLY B 1 16.10 -2.66 -6.76
CA GLY B 1 16.53 -1.85 -7.95
C GLY B 1 15.31 -1.15 -8.58
N SER B 2 15.39 -0.79 -9.84
CA SER B 2 14.24 -0.10 -10.51
C SER B 2 12.97 -0.99 -10.52
N PRO B 3 13.10 -2.20 -11.02
CA PRO B 3 11.94 -3.14 -11.10
C PRO B 3 11.42 -3.51 -9.69
N GLY B 4 10.27 -4.14 -9.62
CA GLY B 4 9.70 -4.53 -8.29
C GLY B 4 8.88 -5.80 -8.45
N ILE B 5 7.83 -5.94 -7.68
CA ILE B 5 6.93 -7.16 -7.74
C ILE B 5 7.67 -8.44 -7.29
N HIS B 6 8.95 -8.56 -7.54
CA HIS B 6 9.71 -9.75 -7.09
C HIS B 6 10.45 -9.35 -5.80
N GLU B 7 11.35 -8.38 -5.90
CA GLU B 7 12.07 -7.89 -4.68
C GLU B 7 11.12 -7.02 -3.84
N SER B 8 10.19 -6.35 -4.47
CA SER B 8 9.21 -5.51 -3.69
C SER B 8 8.04 -6.39 -3.23
N LYS B 9 7.12 -5.86 -2.47
CA LYS B 9 5.99 -6.71 -1.99
C LYS B 9 4.68 -5.89 -1.90
N GLU B 10 3.76 -6.30 -1.05
CA GLU B 10 2.45 -5.57 -0.93
C GLU B 10 1.77 -5.49 -2.31
N TRP B 11 1.93 -6.52 -3.11
CA TRP B 11 1.31 -6.54 -4.47
C TRP B 11 -0.17 -6.97 -4.44
N TYR B 12 -0.77 -7.12 -3.27
CA TYR B 12 -2.21 -7.56 -3.18
C TYR B 12 -3.17 -6.54 -3.85
N HIS B 13 -2.94 -6.24 -5.10
CA HIS B 13 -3.83 -5.28 -5.82
C HIS B 13 -4.70 -6.03 -6.86
N ALA B 14 -5.74 -6.67 -6.40
CA ALA B 14 -6.63 -7.41 -7.35
C ALA B 14 -7.95 -7.81 -6.67
N SER B 15 -7.91 -8.68 -5.69
CA SER B 15 -9.17 -9.11 -5.02
C SER B 15 -8.91 -9.65 -3.60
N LEU B 16 -9.44 -8.98 -2.60
CA LEU B 16 -9.27 -9.43 -1.19
C LEU B 16 -10.26 -8.66 -0.30
N THR B 17 -9.97 -8.47 0.95
CA THR B 17 -10.91 -7.70 1.81
C THR B 17 -10.73 -6.20 1.54
N ARG B 18 -11.64 -5.40 1.98
CA ARG B 18 -11.53 -3.93 1.77
C ARG B 18 -10.75 -3.29 2.92
N ALA B 19 -11.13 -2.11 3.32
CA ALA B 19 -10.44 -1.37 4.42
C ALA B 19 -10.16 -2.24 5.65
N GLN B 20 -10.80 -3.37 5.81
CA GLN B 20 -10.51 -4.22 7.02
C GLN B 20 -9.00 -4.54 7.09
N ALA B 21 -8.47 -5.22 6.11
CA ALA B 21 -7.00 -5.55 6.11
C ALA B 21 -6.19 -4.24 6.10
N GLU B 22 -6.65 -3.29 5.33
CA GLU B 22 -5.97 -1.97 5.26
C GLU B 22 -5.88 -1.35 6.65
N HIS B 23 -6.99 -1.33 7.35
CA HIS B 23 -7.01 -0.77 8.72
C HIS B 23 -6.17 -1.67 9.63
N MET B 24 -6.21 -2.97 9.41
CA MET B 24 -5.38 -3.88 10.24
C MET B 24 -3.92 -3.43 10.19
N LEU B 25 -3.43 -3.14 9.01
CA LEU B 25 -2.01 -2.68 8.89
C LEU B 25 -1.83 -1.29 9.48
N MET B 26 -2.62 -0.34 9.09
CA MET B 26 -2.47 1.02 9.69
C MET B 26 -2.54 0.91 11.23
N ARG B 27 -3.43 0.07 11.71
CA ARG B 27 -3.61 -0.12 13.18
C ARG B 27 -2.62 -1.11 13.83
N VAL B 28 -1.94 -1.97 13.08
CA VAL B 28 -1.03 -2.98 13.77
C VAL B 28 -0.14 -2.36 14.86
N PRO B 29 0.33 -3.23 15.72
CA PRO B 29 1.22 -2.84 16.85
C PRO B 29 2.54 -2.24 16.37
N ARG B 30 3.03 -2.66 15.24
CA ARG B 30 4.34 -2.11 14.76
C ARG B 30 4.16 -1.14 13.60
N ASP B 31 5.07 -0.22 13.50
CA ASP B 31 5.02 0.78 12.39
C ASP B 31 5.60 0.12 11.13
N GLY B 32 5.47 0.74 9.99
CA GLY B 32 6.01 0.12 8.74
C GLY B 32 5.10 -1.02 8.28
N ALA B 33 3.86 -0.71 8.05
CA ALA B 33 2.88 -1.74 7.57
C ALA B 33 2.42 -1.34 6.16
N PHE B 34 2.42 -2.25 5.23
CA PHE B 34 2.01 -1.89 3.82
C PHE B 34 0.92 -2.85 3.30
N LEU B 35 -0.11 -2.34 2.65
CA LEU B 35 -1.19 -3.24 2.12
C LEU B 35 -2.00 -2.53 1.04
N VAL B 36 -2.64 -3.28 0.16
CA VAL B 36 -3.46 -2.65 -0.92
C VAL B 36 -4.81 -3.40 -1.00
N ARG B 37 -5.90 -2.68 -1.05
CA ARG B 37 -7.23 -3.35 -1.08
C ARG B 37 -8.17 -2.74 -2.13
N LYS B 38 -9.23 -3.44 -2.45
CA LYS B 38 -10.21 -2.92 -3.44
C LYS B 38 -11.18 -1.94 -2.75
N ARG B 39 -11.50 -0.85 -3.39
CA ARG B 39 -12.43 0.16 -2.77
C ARG B 39 -13.86 -0.05 -3.27
N ASN B 40 -14.83 0.48 -2.57
CA ASN B 40 -16.24 0.31 -3.02
C ASN B 40 -16.48 0.95 -4.40
N GLU B 41 -15.68 1.93 -4.77
CA GLU B 41 -15.86 2.60 -6.10
C GLU B 41 -15.34 1.68 -7.23
N PRO B 42 -15.97 1.77 -8.38
CA PRO B 42 -15.53 0.96 -9.56
C PRO B 42 -14.18 1.47 -10.06
N ASN B 43 -13.31 0.60 -10.54
CA ASN B 43 -11.96 1.08 -11.02
C ASN B 43 -11.26 1.82 -9.87
N SER B 44 -11.58 1.46 -8.65
CA SER B 44 -11.00 2.17 -7.48
C SER B 44 -10.44 1.20 -6.44
N TYR B 45 -9.15 1.16 -6.35
CA TYR B 45 -8.47 0.31 -5.34
C TYR B 45 -7.94 1.24 -4.25
N ALA B 46 -7.01 0.82 -3.45
CA ALA B 46 -6.48 1.74 -2.39
C ALA B 46 -5.23 1.13 -1.73
N ILE B 47 -4.35 1.96 -1.21
CA ILE B 47 -3.10 1.45 -0.56
C ILE B 47 -3.19 1.55 0.99
N SER B 48 -2.18 1.08 1.68
CA SER B 48 -2.17 1.13 3.18
C SER B 48 -0.74 1.18 3.72
N PHE B 49 -0.13 2.33 3.73
CA PHE B 49 1.27 2.41 4.25
C PHE B 49 1.25 2.98 5.68
N ARG B 50 1.52 2.16 6.67
CA ARG B 50 1.53 2.70 8.06
C ARG B 50 2.89 3.35 8.35
N ALA B 51 2.90 4.65 8.53
CA ALA B 51 4.18 5.36 8.80
C ALA B 51 4.18 5.96 10.22
N GLU B 52 5.34 6.24 10.76
CA GLU B 52 5.43 6.83 12.14
C GLU B 52 4.70 8.19 12.19
N GLY B 53 3.51 8.20 12.78
CA GLY B 53 2.73 9.48 12.89
C GLY B 53 2.34 10.00 11.50
N LYS B 54 1.77 9.17 10.66
CA LYS B 54 1.37 9.63 9.29
C LYS B 54 0.55 8.53 8.57
N ILE B 55 -0.72 8.76 8.37
CA ILE B 55 -1.57 7.75 7.66
C ILE B 55 -2.55 8.47 6.72
N LYS B 56 -2.57 8.11 5.45
CA LYS B 56 -3.50 8.79 4.50
C LYS B 56 -3.59 8.00 3.18
N HIS B 57 -4.10 6.80 3.21
CA HIS B 57 -4.20 6.00 1.95
C HIS B 57 -5.56 6.22 1.29
N CYS B 58 -5.56 6.51 0.02
CA CYS B 58 -6.83 6.79 -0.71
C CYS B 58 -7.08 5.79 -1.86
N ARG B 59 -7.98 6.11 -2.76
CA ARG B 59 -8.33 5.17 -3.87
C ARG B 59 -7.28 5.14 -5.00
N VAL B 60 -7.24 4.04 -5.70
CA VAL B 60 -6.28 3.88 -6.84
C VAL B 60 -7.07 3.50 -8.10
N GLN B 61 -6.75 4.06 -9.23
CA GLN B 61 -7.47 3.68 -10.48
C GLN B 61 -6.77 2.47 -11.09
N GLN B 62 -7.41 1.34 -11.22
CA GLN B 62 -6.67 0.17 -11.77
C GLN B 62 -7.34 -0.41 -13.02
N GLU B 63 -6.52 -0.89 -13.92
CA GLU B 63 -7.03 -1.51 -15.17
C GLU B 63 -6.24 -2.81 -15.41
N GLY B 64 -6.85 -3.82 -15.99
CA GLY B 64 -6.08 -5.07 -16.24
C GLY B 64 -5.12 -4.80 -17.38
N GLN B 65 -3.97 -4.24 -17.04
CA GLN B 65 -2.91 -3.87 -18.04
C GLN B 65 -2.10 -2.71 -17.46
N THR B 66 -2.76 -1.75 -16.83
CA THR B 66 -2.01 -0.58 -16.24
C THR B 66 -2.83 0.18 -15.18
N VAL B 67 -2.47 0.07 -13.93
CA VAL B 67 -3.19 0.82 -12.85
C VAL B 67 -2.70 2.29 -12.79
N MET B 68 -3.50 3.17 -12.28
CA MET B 68 -3.11 4.61 -12.20
C MET B 68 -3.40 5.19 -10.80
N LEU B 69 -2.40 5.73 -10.17
CA LEU B 69 -2.58 6.35 -8.82
C LEU B 69 -3.12 7.78 -8.98
N GLY B 70 -3.12 8.58 -7.95
CA GLY B 70 -3.66 9.97 -8.10
C GLY B 70 -2.56 10.84 -8.69
N ASN B 71 -2.56 10.93 -10.01
CA ASN B 71 -1.54 11.71 -10.78
C ASN B 71 -0.29 10.83 -11.00
N SER B 72 -0.48 9.56 -11.29
CA SER B 72 0.70 8.66 -11.53
C SER B 72 0.26 7.34 -12.21
N GLU B 73 0.77 7.08 -13.39
CA GLU B 73 0.43 5.80 -14.11
C GLU B 73 1.45 4.71 -13.76
N PHE B 74 0.99 3.57 -13.32
CA PHE B 74 1.95 2.48 -12.93
C PHE B 74 1.49 1.11 -13.48
N ASP B 75 2.41 0.23 -13.78
CA ASP B 75 1.99 -1.10 -14.27
C ASP B 75 1.71 -1.99 -13.06
N SER B 76 0.45 -2.20 -12.75
CA SER B 76 0.04 -3.03 -11.58
C SER B 76 0.36 -2.27 -10.29
N LEU B 77 -0.63 -1.99 -9.47
CA LEU B 77 -0.38 -1.22 -8.19
C LEU B 77 0.95 -1.63 -7.55
N VAL B 78 1.24 -2.90 -7.53
CA VAL B 78 2.53 -3.40 -6.96
C VAL B 78 3.73 -2.60 -7.51
N ASP B 79 3.57 -2.01 -8.68
CA ASP B 79 4.68 -1.20 -9.29
C ASP B 79 5.02 -0.01 -8.37
N LEU B 80 4.07 0.88 -8.15
CA LEU B 80 4.35 2.05 -7.24
C LEU B 80 4.59 1.50 -5.83
N ILE B 81 3.92 0.45 -5.44
CA ILE B 81 4.19 -0.14 -4.09
C ILE B 81 5.63 -0.66 -4.11
N SER B 82 6.11 -1.08 -5.26
CA SER B 82 7.52 -1.54 -5.37
C SER B 82 8.41 -0.32 -5.23
N TYR B 83 8.08 0.76 -5.91
CA TYR B 83 8.88 2.01 -5.77
C TYR B 83 8.91 2.39 -4.29
N TYR B 84 7.76 2.37 -3.65
CA TYR B 84 7.73 2.67 -2.19
C TYR B 84 8.55 1.62 -1.43
N GLU B 85 8.52 0.37 -1.87
CA GLU B 85 9.38 -0.65 -1.18
C GLU B 85 10.84 -0.23 -1.34
N LYS B 86 11.19 0.16 -2.53
CA LYS B 86 12.59 0.59 -2.81
C LYS B 86 12.92 1.88 -2.04
N HIS B 87 12.00 2.84 -1.99
CA HIS B 87 12.28 4.12 -1.24
C HIS B 87 11.21 4.37 -0.15
N PRO B 88 11.21 3.51 0.85
CA PRO B 88 10.25 3.63 1.98
C PRO B 88 10.83 4.51 3.10
N LEU B 89 11.95 4.13 3.67
CA LEU B 89 12.61 4.92 4.76
C LEU B 89 11.75 4.93 6.05
N TYR B 90 11.51 6.09 6.65
CA TYR B 90 10.70 6.15 7.92
C TYR B 90 11.41 5.33 9.03
N ARG B 91 10.68 4.83 10.01
CA ARG B 91 11.31 4.04 11.10
C ARG B 91 11.69 2.62 10.63
N LYS B 92 10.73 1.74 10.53
CA LYS B 92 11.01 0.34 10.07
C LYS B 92 10.14 0.01 8.85
N MET B 93 10.33 0.75 7.79
CA MET B 93 9.50 0.52 6.57
C MET B 93 10.38 0.20 5.36
N LYS B 94 10.10 -0.91 4.72
CA LYS B 94 10.90 -1.33 3.53
C LYS B 94 10.23 -2.53 2.84
N LEU B 95 8.92 -2.68 3.02
CA LEU B 95 8.20 -3.84 2.40
C LEU B 95 8.95 -5.15 2.73
N ARG B 96 9.37 -5.27 3.96
CA ARG B 96 10.13 -6.48 4.40
C ARG B 96 9.92 -6.74 5.91
N TYR B 97 8.79 -6.35 6.46
CA TYR B 97 8.55 -6.57 7.92
C TYR B 97 7.06 -6.81 8.15
N PRO B 98 6.76 -7.65 9.10
CA PRO B 98 5.35 -7.93 9.41
C PRO B 98 4.89 -6.94 10.46
N ILE B 99 3.81 -7.22 11.12
CA ILE B 99 3.34 -6.32 12.18
C ILE B 99 3.41 -7.06 13.51
N ASN B 100 4.51 -6.95 14.19
CA ASN B 100 4.68 -7.67 15.48
C ASN B 100 4.22 -6.80 16.65
N GLU B 101 3.95 -7.42 17.78
CA GLU B 101 3.51 -6.65 18.97
C GLU B 101 4.61 -5.65 19.40
N GLU B 102 4.22 -4.49 19.88
CA GLU B 102 5.25 -3.47 20.30
C GLU B 102 6.23 -4.06 21.34
N ASN B 103 5.89 -5.17 21.96
CA ASN B 103 6.82 -5.79 22.97
C ASN B 103 7.82 -6.74 22.28
N SER B 104 7.62 -7.07 21.02
CA SER B 104 8.58 -8.01 20.34
C SER B 104 8.49 -7.86 18.81
N SER B 105 9.36 -7.08 18.22
CA SER B 105 9.34 -6.90 16.73
C SER B 105 10.75 -6.68 16.19
N ASP A 2 -11.02 4.77 7.48
CA ASP A 2 -12.35 5.13 8.07
C ASP A 2 -13.38 4.03 7.77
N THR A 3 -13.87 3.98 6.56
CA THR A 3 -14.89 2.94 6.18
C THR A 3 -14.58 2.39 4.78
N GLU A 4 -14.85 3.16 3.76
CA GLU A 4 -14.56 2.71 2.36
C GLU A 4 -14.81 3.86 1.38
N VAL A 5 -13.97 4.87 1.40
CA VAL A 5 -14.16 6.04 0.46
C VAL A 5 -12.88 6.90 0.40
N GLU A 7 -9.71 8.79 -2.65
CA GLU A 7 -9.55 9.47 -3.97
C GLU A 7 -8.08 9.41 -4.45
N SER A 8 -7.15 9.94 -3.68
CA SER A 8 -5.69 9.92 -4.08
C SER A 8 -4.84 9.26 -2.98
N PRO A 9 -4.30 8.10 -3.27
CA PRO A 9 -3.50 7.33 -2.27
C PRO A 9 -1.99 7.73 -2.28
N ALA A 11 1.32 8.48 -4.55
CA ALA A 11 1.89 8.65 -5.92
C ALA A 11 3.42 8.83 -5.85
N ASP A 12 4.15 8.04 -6.61
CA ASP A 12 5.65 8.12 -6.62
C ASP A 12 6.25 7.81 -5.24
N PRO A 13 7.54 7.61 -5.22
CA PRO A 13 8.26 7.28 -3.96
C PRO A 13 8.50 8.53 -3.09
N GLY B 1 15.07 -9.45 -2.64
CA GLY B 1 15.44 -9.62 -4.08
C GLY B 1 16.25 -8.41 -4.56
N SER B 2 15.86 -7.80 -5.65
CA SER B 2 16.62 -6.61 -6.15
C SER B 2 15.69 -5.61 -6.86
N PRO B 3 15.11 -6.01 -7.98
CA PRO B 3 14.21 -5.08 -8.73
C PRO B 3 12.87 -4.87 -7.99
N GLY B 4 11.92 -4.23 -8.64
CA GLY B 4 10.58 -4.01 -8.01
C GLY B 4 9.53 -4.83 -8.76
N ILE B 5 8.25 -4.57 -8.53
CA ILE B 5 7.15 -5.33 -9.23
C ILE B 5 7.09 -6.82 -8.81
N HIS B 6 8.22 -7.41 -8.51
CA HIS B 6 8.24 -8.84 -8.06
C HIS B 6 8.73 -8.91 -6.61
N GLU B 7 9.62 -8.02 -6.22
CA GLU B 7 10.13 -8.02 -4.82
C GLU B 7 9.29 -7.08 -3.93
N SER B 8 8.46 -6.24 -4.51
CA SER B 8 7.62 -5.32 -3.68
C SER B 8 6.72 -6.14 -2.77
N LYS B 9 6.35 -5.59 -1.64
CA LYS B 9 5.49 -6.36 -0.69
C LYS B 9 4.04 -5.86 -0.73
N GLU B 10 3.58 -5.40 -1.87
CA GLU B 10 2.17 -4.94 -1.98
C GLU B 10 1.60 -5.28 -3.37
N TRP B 11 1.83 -6.49 -3.81
CA TRP B 11 1.30 -6.93 -5.14
C TRP B 11 -0.08 -7.58 -5.00
N TYR B 12 -0.67 -7.54 -3.82
CA TYR B 12 -2.03 -8.16 -3.60
C TYR B 12 -3.12 -7.49 -4.47
N HIS B 13 -2.78 -6.47 -5.23
CA HIS B 13 -3.78 -5.77 -6.10
C HIS B 13 -4.63 -6.80 -6.89
N ALA B 14 -5.75 -7.20 -6.33
CA ALA B 14 -6.63 -8.20 -7.03
C ALA B 14 -8.01 -8.29 -6.35
N SER B 15 -8.16 -9.13 -5.36
CA SER B 15 -9.49 -9.25 -4.68
C SER B 15 -9.34 -9.90 -3.29
N LEU B 16 -8.92 -9.13 -2.31
CA LEU B 16 -8.75 -9.68 -0.92
C LEU B 16 -9.88 -9.14 -0.02
N THR B 17 -9.60 -8.91 1.23
CA THR B 17 -10.64 -8.36 2.14
C THR B 17 -10.78 -6.86 1.90
N ARG B 18 -11.81 -6.27 2.43
CA ARG B 18 -12.01 -4.81 2.23
C ARG B 18 -11.23 -4.01 3.29
N ALA B 19 -11.77 -2.91 3.75
CA ALA B 19 -11.08 -2.03 4.75
C ALA B 19 -10.43 -2.81 5.91
N GLN B 20 -10.86 -4.02 6.19
CA GLN B 20 -10.22 -4.79 7.32
C GLN B 20 -8.70 -4.92 7.09
N ALA B 21 -8.27 -5.07 5.86
CA ALA B 21 -6.81 -5.19 5.56
C ALA B 21 -6.11 -3.85 5.82
N GLU B 22 -6.68 -2.78 5.31
CA GLU B 22 -6.10 -1.42 5.50
C GLU B 22 -6.21 -1.00 6.97
N HIS B 23 -7.33 -1.24 7.57
CA HIS B 23 -7.51 -0.86 8.99
C HIS B 23 -6.52 -1.65 9.85
N MET B 24 -6.31 -2.91 9.54
CA MET B 24 -5.33 -3.70 10.35
C MET B 24 -3.91 -3.19 10.08
N LEU B 25 -3.55 -3.03 8.82
CA LEU B 25 -2.17 -2.55 8.49
C LEU B 25 -1.90 -1.17 9.09
N MET B 26 -2.83 -0.26 9.02
CA MET B 26 -2.56 1.10 9.62
C MET B 26 -2.54 1.01 11.16
N ARG B 27 -3.43 0.24 11.73
CA ARG B 27 -3.51 0.11 13.22
C ARG B 27 -2.49 -0.88 13.82
N VAL B 28 -1.88 -1.75 13.03
CA VAL B 28 -0.93 -2.78 13.61
C VAL B 28 0.03 -2.19 14.67
N PRO B 29 0.59 -3.09 15.44
CA PRO B 29 1.56 -2.71 16.52
C PRO B 29 2.86 -2.12 15.96
N ARG B 30 3.50 -2.81 15.04
CA ARG B 30 4.79 -2.28 14.48
C ARG B 30 4.58 -1.22 13.40
N ASP B 31 5.63 -0.51 13.07
CA ASP B 31 5.54 0.54 12.01
C ASP B 31 5.91 -0.09 10.65
N GLY B 32 5.01 -0.01 9.71
CA GLY B 32 5.27 -0.60 8.34
C GLY B 32 3.93 -0.96 7.70
N ALA B 33 3.58 -2.23 7.70
CA ALA B 33 2.27 -2.68 7.12
C ALA B 33 2.02 -2.10 5.71
N PHE B 34 2.23 -2.89 4.69
CA PHE B 34 2.00 -2.41 3.29
C PHE B 34 1.06 -3.40 2.57
N LEU B 35 0.02 -2.91 1.92
CA LEU B 35 -0.89 -3.85 1.20
C LEU B 35 -1.98 -3.07 0.46
N VAL B 36 -2.36 -3.51 -0.71
CA VAL B 36 -3.42 -2.79 -1.46
C VAL B 36 -4.74 -3.58 -1.41
N ARG B 37 -5.75 -3.02 -0.79
CA ARG B 37 -7.05 -3.75 -0.65
C ARG B 37 -8.05 -3.33 -1.73
N LYS B 38 -9.08 -4.13 -1.95
CA LYS B 38 -10.10 -3.78 -2.97
C LYS B 38 -11.12 -2.82 -2.33
N ARG B 39 -11.45 -1.75 -3.00
CA ARG B 39 -12.41 -0.76 -2.41
C ARG B 39 -13.78 -0.86 -3.09
N ASN B 40 -14.82 -0.45 -2.39
CA ASN B 40 -16.19 -0.54 -2.99
C ASN B 40 -16.29 0.31 -4.26
N GLU B 41 -15.78 1.53 -4.25
CA GLU B 41 -15.84 2.38 -5.48
C GLU B 41 -15.02 1.74 -6.61
N PRO B 42 -15.60 1.70 -7.79
CA PRO B 42 -14.88 1.13 -8.97
C PRO B 42 -13.69 2.04 -9.30
N ASN B 43 -12.59 1.48 -9.77
CA ASN B 43 -11.39 2.33 -10.08
C ASN B 43 -11.00 3.10 -8.82
N SER B 44 -10.79 2.40 -7.74
CA SER B 44 -10.45 3.10 -6.48
C SER B 44 -9.74 2.15 -5.49
N TYR B 45 -8.94 1.24 -6.00
CA TYR B 45 -8.18 0.31 -5.10
C TYR B 45 -7.36 1.13 -4.08
N ALA B 46 -7.17 0.66 -2.87
CA ALA B 46 -6.43 1.49 -1.87
C ALA B 46 -5.04 0.93 -1.51
N ILE B 47 -4.24 1.71 -0.83
CA ILE B 47 -2.85 1.28 -0.44
C ILE B 47 -2.66 1.36 1.08
N SER B 48 -2.49 0.25 1.74
CA SER B 48 -2.26 0.29 3.22
C SER B 48 -0.80 0.66 3.51
N PHE B 49 -0.55 1.75 4.18
CA PHE B 49 0.87 2.15 4.46
C PHE B 49 1.01 2.76 5.86
N ARG B 50 1.67 2.08 6.76
CA ARG B 50 1.85 2.65 8.13
C ARG B 50 3.24 3.30 8.22
N ALA B 51 3.28 4.60 8.36
CA ALA B 51 4.61 5.28 8.47
C ALA B 51 4.70 6.00 9.82
N GLU B 52 5.87 6.40 10.22
CA GLU B 52 6.03 7.09 11.53
C GLU B 52 5.21 8.39 11.55
N GLY B 53 4.10 8.39 12.25
CA GLY B 53 3.22 9.60 12.30
C GLY B 53 2.81 10.00 10.88
N LYS B 54 2.80 9.07 9.96
CA LYS B 54 2.42 9.38 8.56
C LYS B 54 1.46 8.32 8.02
N ILE B 55 0.19 8.64 7.94
CA ILE B 55 -0.78 7.64 7.40
C ILE B 55 -1.87 8.35 6.60
N LYS B 56 -1.94 8.11 5.31
CA LYS B 56 -2.99 8.78 4.47
C LYS B 56 -3.21 7.99 3.17
N HIS B 57 -3.82 6.84 3.25
CA HIS B 57 -4.04 6.06 2.00
C HIS B 57 -5.36 6.43 1.33
N CYS B 58 -5.51 6.09 0.08
CA CYS B 58 -6.75 6.44 -0.66
C CYS B 58 -6.96 5.50 -1.86
N ARG B 59 -7.87 5.84 -2.75
CA ARG B 59 -8.17 4.96 -3.92
C ARG B 59 -7.31 5.30 -5.16
N VAL B 60 -7.05 4.32 -5.99
CA VAL B 60 -6.25 4.56 -7.23
C VAL B 60 -7.11 4.21 -8.47
N GLN B 61 -6.78 4.72 -9.62
CA GLN B 61 -7.58 4.39 -10.84
C GLN B 61 -6.92 3.22 -11.56
N GLN B 62 -7.53 2.07 -11.56
CA GLN B 62 -6.89 0.88 -12.22
C GLN B 62 -7.50 0.60 -13.59
N GLU B 63 -6.71 0.69 -14.63
CA GLU B 63 -7.22 0.39 -15.99
C GLU B 63 -6.68 -0.98 -16.40
N GLY B 64 -7.50 -1.83 -16.97
CA GLY B 64 -6.97 -3.17 -17.37
C GLY B 64 -5.92 -2.96 -18.46
N GLN B 65 -4.70 -2.68 -18.04
CA GLN B 65 -3.53 -2.42 -18.95
C GLN B 65 -2.66 -1.34 -18.29
N THR B 66 -3.24 -0.45 -17.50
CA THR B 66 -2.41 0.61 -16.85
C THR B 66 -3.14 1.27 -15.66
N VAL B 67 -2.73 1.00 -14.45
CA VAL B 67 -3.37 1.66 -13.27
C VAL B 67 -2.81 3.09 -13.11
N MET B 68 -3.60 3.98 -12.61
CA MET B 68 -3.12 5.38 -12.44
C MET B 68 -3.54 5.94 -11.07
N LEU B 69 -2.59 6.34 -10.29
CA LEU B 69 -2.92 6.94 -8.96
C LEU B 69 -3.25 8.41 -9.18
N GLY B 70 -3.39 9.17 -8.12
CA GLY B 70 -3.71 10.61 -8.30
C GLY B 70 -2.38 11.33 -8.53
N ASN B 71 -2.00 11.41 -9.80
CA ASN B 71 -0.70 12.04 -10.22
C ASN B 71 0.42 10.98 -10.25
N SER B 72 0.14 9.82 -10.82
CA SER B 72 1.18 8.74 -10.89
C SER B 72 0.67 7.53 -11.71
N GLU B 73 1.01 7.46 -12.98
CA GLU B 73 0.55 6.32 -13.84
C GLU B 73 1.50 5.12 -13.62
N PHE B 74 0.98 3.95 -13.38
CA PHE B 74 1.87 2.78 -13.13
C PHE B 74 1.19 1.46 -13.51
N ASP B 75 1.95 0.43 -13.81
CA ASP B 75 1.28 -0.85 -14.12
C ASP B 75 0.97 -1.53 -12.79
N SER B 76 -0.28 -1.48 -12.42
CA SER B 76 -0.76 -2.05 -11.12
C SER B 76 -0.15 -1.26 -9.96
N LEU B 77 -0.80 -1.26 -8.82
CA LEU B 77 -0.23 -0.51 -7.66
C LEU B 77 1.17 -1.05 -7.34
N VAL B 78 1.43 -2.29 -7.66
CA VAL B 78 2.78 -2.89 -7.41
C VAL B 78 3.87 -1.99 -8.02
N ASP B 79 3.54 -1.26 -9.07
CA ASP B 79 4.56 -0.36 -9.70
C ASP B 79 4.94 0.76 -8.72
N LEU B 80 4.03 1.69 -8.47
CA LEU B 80 4.33 2.79 -7.48
C LEU B 80 4.71 2.17 -6.13
N ILE B 81 4.03 1.12 -5.72
CA ILE B 81 4.39 0.46 -4.43
C ILE B 81 5.84 -0.03 -4.52
N SER B 82 6.23 -0.54 -5.66
CA SER B 82 7.65 -1.02 -5.82
C SER B 82 8.58 0.17 -5.64
N TYR B 83 8.23 1.30 -6.22
CA TYR B 83 9.08 2.52 -6.06
C TYR B 83 9.25 2.82 -4.58
N TYR B 84 8.17 2.74 -3.82
CA TYR B 84 8.27 2.98 -2.34
C TYR B 84 8.99 1.81 -1.67
N GLU B 85 8.78 0.61 -2.17
CA GLU B 85 9.46 -0.60 -1.59
C GLU B 85 10.97 -0.46 -1.74
N LYS B 86 11.39 0.16 -2.81
CA LYS B 86 12.85 0.35 -3.04
C LYS B 86 13.31 1.73 -2.52
N HIS B 87 12.48 2.74 -2.62
CA HIS B 87 12.87 4.11 -2.10
C HIS B 87 11.84 4.60 -1.07
N PRO B 88 11.78 3.91 0.06
CA PRO B 88 10.84 4.29 1.16
C PRO B 88 11.42 5.47 1.96
N LEU B 89 12.46 5.22 2.73
CA LEU B 89 13.16 6.28 3.55
C LEU B 89 12.42 6.63 4.86
N TYR B 90 11.40 5.92 5.24
CA TYR B 90 10.71 6.22 6.54
C TYR B 90 11.51 5.57 7.68
N ARG B 91 11.29 4.30 7.93
CA ARG B 91 12.05 3.56 9.00
C ARG B 91 11.45 2.16 9.21
N LYS B 92 12.30 1.17 9.38
CA LYS B 92 11.84 -0.24 9.60
C LYS B 92 10.74 -0.71 8.61
N MET B 93 10.69 -0.16 7.41
CA MET B 93 9.64 -0.63 6.46
C MET B 93 10.28 -1.01 5.10
N LYS B 94 10.19 -0.17 4.10
CA LYS B 94 10.80 -0.48 2.77
C LYS B 94 10.09 -1.70 2.13
N LEU B 95 8.82 -1.88 2.42
CA LEU B 95 8.06 -3.04 1.85
C LEU B 95 8.82 -4.34 2.13
N ARG B 96 9.22 -4.52 3.37
CA ARG B 96 9.98 -5.74 3.78
C ARG B 96 9.89 -5.95 5.30
N TYR B 97 8.75 -5.68 5.90
CA TYR B 97 8.63 -5.85 7.37
C TYR B 97 7.17 -6.20 7.72
N PRO B 98 7.00 -7.08 8.67
CA PRO B 98 5.64 -7.49 9.08
C PRO B 98 5.17 -6.56 10.19
N ILE B 99 4.17 -6.96 10.91
CA ILE B 99 3.68 -6.11 12.02
C ILE B 99 3.81 -6.88 13.35
N ASN B 100 4.91 -6.68 14.03
CA ASN B 100 5.15 -7.40 15.33
C ASN B 100 4.38 -6.76 16.49
N GLU B 101 3.86 -7.57 17.38
CA GLU B 101 3.10 -7.01 18.55
C GLU B 101 4.09 -6.57 19.66
N GLU B 102 3.83 -5.46 20.27
CA GLU B 102 4.71 -4.93 21.37
C GLU B 102 5.08 -6.04 22.38
N ASN B 103 4.19 -6.98 22.62
CA ASN B 103 4.50 -8.08 23.59
C ASN B 103 5.65 -8.97 23.08
N SER B 104 5.99 -8.86 21.82
CA SER B 104 7.10 -9.69 21.26
C SER B 104 8.19 -8.82 20.63
N SER B 105 7.81 -7.87 19.80
CA SER B 105 8.83 -7.00 19.14
C SER B 105 8.17 -5.79 18.47
N ASP A 2 -19.95 6.73 6.09
CA ASP A 2 -18.99 5.62 5.82
C ASP A 2 -17.55 6.16 5.77
N THR A 3 -16.61 5.35 6.20
CA THR A 3 -15.18 5.79 6.19
C THR A 3 -14.46 5.32 4.92
N GLU A 4 -14.99 4.33 4.24
CA GLU A 4 -14.32 3.82 2.99
C GLU A 4 -14.61 4.77 1.82
N VAL A 5 -13.95 5.91 1.77
CA VAL A 5 -14.18 6.86 0.64
C VAL A 5 -12.98 7.83 0.51
N GLU A 7 -9.34 9.15 -2.23
CA GLU A 7 -8.90 9.31 -3.66
C GLU A 7 -7.41 8.93 -3.79
N SER A 8 -6.66 9.56 -4.69
CA SER A 8 -5.19 9.22 -4.85
C SER A 8 -4.54 8.83 -3.50
N PRO A 9 -4.06 7.60 -3.42
CA PRO A 9 -3.46 7.07 -2.17
C PRO A 9 -1.93 7.24 -2.09
N ALA A 11 1.65 7.41 -4.14
CA ALA A 11 2.37 7.47 -5.46
C ALA A 11 3.85 7.77 -5.26
N ASP A 12 4.70 7.04 -5.95
CA ASP A 12 6.18 7.28 -5.85
C ASP A 12 6.69 7.11 -4.40
N PRO A 13 7.99 7.16 -4.26
CA PRO A 13 8.62 6.99 -2.92
C PRO A 13 8.66 8.33 -2.16
N GLY B 1 17.34 -5.53 -6.89
CA GLY B 1 17.50 -5.02 -8.29
C GLY B 1 16.98 -3.58 -8.39
N SER B 2 17.19 -2.93 -9.51
CA SER B 2 16.72 -1.52 -9.67
C SER B 2 15.18 -1.44 -9.61
N PRO B 3 14.51 -2.22 -10.45
CA PRO B 3 13.03 -2.21 -10.46
C PRO B 3 12.46 -2.95 -9.23
N GLY B 4 11.16 -3.14 -9.19
CA GLY B 4 10.54 -3.85 -8.04
C GLY B 4 9.64 -4.98 -8.56
N ILE B 5 8.38 -4.98 -8.18
CA ILE B 5 7.40 -6.05 -8.63
C ILE B 5 7.71 -7.42 -7.99
N HIS B 6 8.95 -7.72 -7.75
CA HIS B 6 9.32 -9.00 -7.08
C HIS B 6 10.14 -8.65 -5.84
N GLU B 7 11.05 -7.72 -5.98
CA GLU B 7 11.86 -7.26 -4.81
C GLU B 7 10.94 -6.38 -3.93
N SER B 8 10.09 -5.58 -4.53
CA SER B 8 9.14 -4.73 -3.75
C SER B 8 7.96 -5.58 -3.26
N LYS B 9 7.02 -5.00 -2.55
CA LYS B 9 5.87 -5.84 -2.06
C LYS B 9 4.51 -5.12 -2.22
N GLU B 10 3.63 -5.21 -1.23
CA GLU B 10 2.26 -4.59 -1.34
C GLU B 10 1.61 -4.92 -2.70
N TRP B 11 1.90 -6.07 -3.23
CA TRP B 11 1.31 -6.49 -4.55
C TRP B 11 -0.09 -7.11 -4.37
N TYR B 12 -0.67 -7.05 -3.18
CA TYR B 12 -2.03 -7.65 -2.97
C TYR B 12 -3.14 -6.85 -3.69
N HIS B 13 -2.94 -6.57 -4.96
CA HIS B 13 -3.96 -5.84 -5.75
C HIS B 13 -4.84 -6.86 -6.48
N ALA B 14 -5.88 -7.33 -5.83
CA ALA B 14 -6.77 -8.35 -6.46
C ALA B 14 -8.16 -8.32 -5.79
N SER B 15 -8.36 -9.04 -4.72
CA SER B 15 -9.70 -9.04 -4.05
C SER B 15 -9.62 -9.65 -2.63
N LEU B 16 -8.85 -9.05 -1.76
CA LEU B 16 -8.75 -9.58 -0.36
C LEU B 16 -9.84 -8.92 0.52
N THR B 17 -9.56 -8.67 1.77
CA THR B 17 -10.58 -8.02 2.64
C THR B 17 -10.64 -6.53 2.32
N ARG B 18 -11.64 -5.85 2.78
CA ARG B 18 -11.80 -4.40 2.50
C ARG B 18 -11.11 -3.55 3.60
N ALA B 19 -11.73 -2.46 4.00
CA ALA B 19 -11.12 -1.54 5.04
C ALA B 19 -10.54 -2.30 6.22
N GLN B 20 -11.08 -3.44 6.54
CA GLN B 20 -10.54 -4.22 7.70
C GLN B 20 -9.01 -4.39 7.53
N ALA B 21 -8.57 -4.70 6.33
CA ALA B 21 -7.10 -4.86 6.07
C ALA B 21 -6.41 -3.49 6.19
N GLU B 22 -6.99 -2.47 5.60
CA GLU B 22 -6.39 -1.09 5.69
C GLU B 22 -6.27 -0.69 7.16
N HIS B 23 -7.31 -0.88 7.92
CA HIS B 23 -7.27 -0.52 9.37
C HIS B 23 -6.23 -1.40 10.07
N MET B 24 -6.21 -2.69 9.77
CA MET B 24 -5.18 -3.57 10.40
C MET B 24 -3.79 -3.05 10.04
N LEU B 25 -3.56 -2.76 8.78
CA LEU B 25 -2.22 -2.27 8.37
C LEU B 25 -1.88 -0.94 9.04
N MET B 26 -2.71 0.06 8.88
CA MET B 26 -2.41 1.38 9.54
C MET B 26 -2.19 1.17 11.05
N ARG B 27 -2.92 0.25 11.63
CA ARG B 27 -2.80 -0.02 13.09
C ARG B 27 -1.63 -0.95 13.43
N VAL B 28 -1.07 -1.71 12.47
CA VAL B 28 0.03 -2.69 12.83
C VAL B 28 0.98 -2.14 13.92
N PRO B 29 1.48 -3.07 14.70
CA PRO B 29 2.42 -2.72 15.81
C PRO B 29 3.75 -2.14 15.31
N ARG B 30 4.45 -2.86 14.46
CA ARG B 30 5.76 -2.33 13.95
C ARG B 30 5.55 -1.28 12.85
N ASP B 31 6.43 -0.30 12.80
CA ASP B 31 6.32 0.76 11.76
C ASP B 31 6.85 0.23 10.41
N GLY B 32 6.66 0.96 9.35
CA GLY B 32 7.15 0.48 8.01
C GLY B 32 6.24 -0.65 7.51
N ALA B 33 4.96 -0.53 7.74
CA ALA B 33 4.01 -1.60 7.28
C ALA B 33 3.32 -1.17 5.98
N PHE B 34 3.06 -2.11 5.11
CA PHE B 34 2.41 -1.78 3.80
C PHE B 34 1.30 -2.79 3.46
N LEU B 35 0.29 -2.38 2.73
CA LEU B 35 -0.81 -3.31 2.36
C LEU B 35 -1.81 -2.65 1.40
N VAL B 36 -2.14 -3.30 0.32
CA VAL B 36 -3.15 -2.75 -0.63
C VAL B 36 -4.46 -3.54 -0.43
N ARG B 37 -5.59 -2.95 -0.71
CA ARG B 37 -6.88 -3.68 -0.48
C ARG B 37 -7.99 -3.15 -1.42
N LYS B 38 -9.09 -3.88 -1.53
CA LYS B 38 -10.19 -3.43 -2.43
C LYS B 38 -11.06 -2.40 -1.72
N ARG B 39 -11.47 -1.38 -2.44
CA ARG B 39 -12.30 -0.29 -1.84
C ARG B 39 -13.74 -0.38 -2.36
N ASN B 40 -14.67 0.22 -1.66
CA ASN B 40 -16.11 0.17 -2.12
C ASN B 40 -16.31 0.88 -3.47
N GLU B 41 -15.72 2.04 -3.66
CA GLU B 41 -15.89 2.77 -4.97
C GLU B 41 -15.19 1.98 -6.09
N PRO B 42 -15.80 1.95 -7.25
CA PRO B 42 -15.20 1.23 -8.40
C PRO B 42 -13.93 1.94 -8.84
N ASN B 43 -12.90 1.21 -9.20
CA ASN B 43 -11.62 1.84 -9.61
C ASN B 43 -11.07 2.71 -8.48
N SER B 44 -10.93 2.15 -7.31
CA SER B 44 -10.45 2.96 -6.16
C SER B 44 -9.73 2.09 -5.12
N TYR B 45 -8.98 1.11 -5.58
CA TYR B 45 -8.18 0.22 -4.64
C TYR B 45 -7.36 1.10 -3.68
N ALA B 46 -7.14 0.69 -2.45
CA ALA B 46 -6.36 1.57 -1.54
C ALA B 46 -5.02 0.93 -1.11
N ILE B 47 -4.12 1.76 -0.61
CA ILE B 47 -2.77 1.28 -0.14
C ILE B 47 -2.51 1.78 1.29
N SER B 48 -2.30 0.90 2.23
CA SER B 48 -2.05 1.37 3.62
C SER B 48 -0.54 1.34 3.94
N PHE B 49 0.10 2.47 3.80
CA PHE B 49 1.56 2.55 4.09
C PHE B 49 1.77 3.16 5.48
N ARG B 50 2.20 2.36 6.44
CA ARG B 50 2.41 2.92 7.81
C ARG B 50 3.80 3.56 7.92
N ALA B 51 3.82 4.86 8.11
CA ALA B 51 5.11 5.58 8.24
C ALA B 51 5.26 6.12 9.68
N GLU B 52 6.44 6.55 10.04
CA GLU B 52 6.66 7.08 11.43
C GLU B 52 5.78 8.31 11.70
N GLY B 53 4.72 8.13 12.46
CA GLY B 53 3.80 9.27 12.79
C GLY B 53 3.25 9.88 11.51
N LYS B 54 2.69 9.08 10.64
CA LYS B 54 2.14 9.60 9.35
C LYS B 54 1.33 8.50 8.66
N ILE B 55 0.05 8.70 8.48
CA ILE B 55 -0.80 7.66 7.81
C ILE B 55 -1.80 8.34 6.87
N LYS B 56 -1.70 8.09 5.58
CA LYS B 56 -2.66 8.73 4.62
C LYS B 56 -2.99 7.77 3.45
N HIS B 57 -3.72 6.71 3.73
CA HIS B 57 -4.07 5.75 2.65
C HIS B 57 -5.40 6.14 1.99
N CYS B 58 -5.47 6.02 0.68
CA CYS B 58 -6.69 6.41 -0.07
C CYS B 58 -6.95 5.46 -1.26
N ARG B 59 -7.83 5.83 -2.17
CA ARG B 59 -8.18 4.95 -3.34
C ARG B 59 -7.28 5.18 -4.58
N VAL B 60 -7.05 4.14 -5.33
CA VAL B 60 -6.25 4.23 -6.58
C VAL B 60 -7.12 3.73 -7.76
N GLN B 61 -6.79 4.07 -8.97
CA GLN B 61 -7.63 3.60 -10.12
C GLN B 61 -6.88 2.50 -10.89
N GLN B 62 -7.58 1.56 -11.46
CA GLN B 62 -6.90 0.47 -12.22
C GLN B 62 -7.46 0.38 -13.66
N GLU B 63 -6.60 0.32 -14.64
CA GLU B 63 -7.09 0.24 -16.05
C GLU B 63 -7.06 -1.22 -16.51
N GLY B 64 -7.89 -1.61 -17.46
CA GLY B 64 -7.84 -3.03 -17.90
C GLY B 64 -6.52 -3.26 -18.66
N GLN B 65 -5.46 -3.52 -17.91
CA GLN B 65 -4.08 -3.76 -18.46
C GLN B 65 -3.08 -3.23 -17.43
N THR B 66 -3.42 -2.17 -16.74
CA THR B 66 -2.51 -1.59 -15.70
C THR B 66 -3.31 -0.91 -14.58
N VAL B 67 -2.69 -0.02 -13.86
CA VAL B 67 -3.41 0.70 -12.76
C VAL B 67 -2.94 2.17 -12.73
N MET B 68 -3.82 3.08 -12.49
CA MET B 68 -3.39 4.51 -12.48
C MET B 68 -3.76 5.19 -11.16
N LEU B 69 -2.78 5.69 -10.47
CA LEU B 69 -3.04 6.43 -9.22
C LEU B 69 -3.45 7.86 -9.62
N GLY B 70 -3.66 8.77 -8.70
CA GLY B 70 -4.05 10.14 -9.14
C GLY B 70 -2.78 10.92 -9.43
N ASN B 71 -2.26 10.76 -10.62
CA ASN B 71 -1.01 11.46 -11.06
C ASN B 71 -0.53 10.87 -12.40
N SER B 72 -0.39 9.56 -12.49
CA SER B 72 0.06 8.94 -13.78
C SER B 72 -0.24 7.42 -13.81
N GLU B 73 0.10 6.76 -14.90
CA GLU B 73 -0.15 5.29 -15.01
C GLU B 73 0.90 4.50 -14.24
N PHE B 74 0.48 3.46 -13.56
CA PHE B 74 1.45 2.63 -12.77
C PHE B 74 1.25 1.14 -13.08
N ASP B 75 2.29 0.35 -12.96
CA ASP B 75 2.14 -1.10 -13.25
C ASP B 75 1.52 -1.86 -12.06
N SER B 76 0.29 -2.21 -12.23
CA SER B 76 -0.52 -2.99 -11.23
C SER B 76 -0.24 -2.59 -9.77
N LEU B 77 -0.28 -1.32 -9.44
CA LEU B 77 -0.06 -0.86 -8.01
C LEU B 77 1.35 -1.24 -7.53
N VAL B 78 1.73 -2.49 -7.65
CA VAL B 78 3.09 -2.93 -7.24
C VAL B 78 4.16 -2.00 -7.82
N ASP B 79 3.86 -1.33 -8.91
CA ASP B 79 4.85 -0.41 -9.52
C ASP B 79 5.11 0.79 -8.60
N LEU B 80 4.10 1.57 -8.26
CA LEU B 80 4.34 2.73 -7.33
C LEU B 80 4.84 2.19 -5.99
N ILE B 81 4.36 1.02 -5.59
CA ILE B 81 4.87 0.42 -4.33
C ILE B 81 6.34 0.03 -4.57
N SER B 82 6.66 -0.41 -5.77
CA SER B 82 8.07 -0.79 -6.09
C SER B 82 8.96 0.45 -5.95
N TYR B 83 8.53 1.56 -6.50
CA TYR B 83 9.30 2.83 -6.34
C TYR B 83 9.48 3.09 -4.85
N TYR B 84 8.41 2.98 -4.09
CA TYR B 84 8.51 3.20 -2.61
C TYR B 84 9.46 2.16 -2.00
N GLU B 85 9.40 0.90 -2.40
CA GLU B 85 10.36 -0.11 -1.84
C GLU B 85 11.77 0.30 -2.25
N LYS B 86 11.90 0.80 -3.45
CA LYS B 86 13.21 1.24 -3.96
C LYS B 86 13.71 2.47 -3.16
N HIS B 87 12.82 3.33 -2.72
CA HIS B 87 13.25 4.54 -1.92
C HIS B 87 12.21 4.86 -0.82
N PRO B 88 12.07 3.95 0.12
CA PRO B 88 11.10 4.12 1.24
C PRO B 88 11.70 4.93 2.39
N LEU B 89 12.79 4.47 2.96
CA LEU B 89 13.48 5.17 4.09
C LEU B 89 12.63 5.21 5.39
N TYR B 90 12.06 6.34 5.76
CA TYR B 90 11.28 6.40 7.05
C TYR B 90 12.17 5.87 8.21
N ARG B 91 11.71 4.93 9.00
CA ARG B 91 12.58 4.39 10.10
C ARG B 91 12.77 2.88 9.91
N LYS B 92 11.70 2.17 9.66
CA LYS B 92 11.78 0.70 9.41
C LYS B 92 10.81 0.33 8.28
N MET B 93 10.73 1.19 7.29
CA MET B 93 9.82 0.93 6.14
C MET B 93 10.62 0.67 4.86
N LYS B 94 10.55 -0.51 4.35
CA LYS B 94 11.29 -0.86 3.10
C LYS B 94 10.55 -1.99 2.37
N LEU B 95 9.24 -2.04 2.50
CA LEU B 95 8.41 -3.12 1.86
C LEU B 95 9.09 -4.49 2.04
N ARG B 96 9.62 -4.73 3.21
CA ARG B 96 10.31 -6.04 3.49
C ARG B 96 10.24 -6.36 4.99
N TYR B 97 9.25 -5.84 5.69
CA TYR B 97 9.10 -6.12 7.14
C TYR B 97 7.64 -6.46 7.42
N PRO B 98 7.41 -7.33 8.37
CA PRO B 98 6.03 -7.73 8.69
C PRO B 98 5.50 -6.81 9.79
N ILE B 99 4.41 -7.18 10.37
CA ILE B 99 3.89 -6.37 11.49
C ILE B 99 3.90 -7.22 12.76
N ASN B 100 4.97 -7.13 13.52
CA ASN B 100 5.11 -7.95 14.76
C ASN B 100 4.50 -7.22 15.97
N GLU B 101 3.54 -7.84 16.60
CA GLU B 101 2.89 -7.21 17.80
C GLU B 101 3.72 -7.47 19.06
N GLU B 102 4.42 -6.47 19.55
CA GLU B 102 5.23 -6.67 20.79
C GLU B 102 4.43 -6.31 22.06
N ASN B 103 3.17 -5.96 21.92
CA ASN B 103 2.35 -5.62 23.12
C ASN B 103 1.40 -6.77 23.47
N SER B 104 0.78 -7.37 22.49
CA SER B 104 -0.16 -8.50 22.78
C SER B 104 -0.03 -9.61 21.73
N SER B 105 0.01 -9.26 20.45
CA SER B 105 0.13 -10.29 19.37
C SER B 105 -1.07 -11.26 19.37
N ASP A 2 -9.75 3.95 8.68
CA ASP A 2 -10.73 4.17 7.57
C ASP A 2 -11.66 2.96 7.41
N THR A 3 -12.60 3.05 6.50
CA THR A 3 -13.55 1.92 6.25
C THR A 3 -13.81 1.72 4.75
N GLU A 4 -13.97 2.79 3.99
CA GLU A 4 -14.24 2.64 2.51
C GLU A 4 -14.38 4.01 1.83
N VAL A 5 -14.51 4.00 0.52
CA VAL A 5 -14.72 5.26 -0.27
C VAL A 5 -13.62 6.34 -0.06
N GLU A 7 -10.16 8.65 -2.47
CA GLU A 7 -9.80 9.14 -3.84
C GLU A 7 -8.26 9.21 -4.09
N SER A 8 -7.48 9.81 -3.21
CA SER A 8 -5.99 9.92 -3.46
C SER A 8 -5.18 9.12 -2.42
N PRO A 9 -4.68 7.96 -2.83
CA PRO A 9 -3.92 7.06 -1.92
C PRO A 9 -2.40 7.30 -1.95
N ALA A 11 0.57 7.63 -3.79
CA ALA A 11 1.15 7.78 -5.15
C ALA A 11 2.34 8.76 -5.08
N ASP A 12 2.95 8.86 -3.92
CA ASP A 12 4.09 9.80 -3.74
C ASP A 12 5.29 9.07 -3.12
N PRO A 13 6.46 9.59 -3.36
CA PRO A 13 7.70 8.97 -2.82
C PRO A 13 7.86 9.31 -1.33
N GLY B 1 12.81 2.09 -12.44
CA GLY B 1 12.95 0.63 -12.76
C GLY B 1 13.40 -0.13 -11.51
N SER B 2 13.84 -1.36 -11.68
CA SER B 2 14.32 -2.18 -10.51
C SER B 2 13.29 -2.22 -9.36
N PRO B 3 12.04 -2.53 -9.68
CA PRO B 3 10.98 -2.60 -8.65
C PRO B 3 10.88 -4.03 -8.08
N GLY B 4 10.21 -4.18 -6.96
CA GLY B 4 10.07 -5.55 -6.35
C GLY B 4 9.12 -6.39 -7.21
N ILE B 5 7.86 -5.99 -7.32
CA ILE B 5 6.86 -6.77 -8.14
C ILE B 5 6.55 -8.17 -7.54
N HIS B 6 7.48 -8.78 -6.85
CA HIS B 6 7.24 -10.12 -6.23
C HIS B 6 7.99 -10.22 -4.90
N GLU B 7 9.23 -9.79 -4.87
CA GLU B 7 10.02 -9.85 -3.61
C GLU B 7 9.63 -8.71 -2.65
N SER B 8 9.12 -7.62 -3.17
CA SER B 8 8.71 -6.46 -2.30
C SER B 8 7.34 -6.74 -1.64
N LYS B 9 6.58 -5.70 -1.36
CA LYS B 9 5.24 -5.92 -0.70
C LYS B 9 4.13 -5.07 -1.35
N GLU B 10 2.91 -5.21 -0.87
CA GLU B 10 1.73 -4.44 -1.42
C GLU B 10 1.55 -4.70 -2.94
N TRP B 11 2.09 -5.77 -3.44
CA TRP B 11 1.93 -6.10 -4.90
C TRP B 11 0.87 -7.22 -5.08
N TYR B 12 0.24 -7.65 -4.01
CA TYR B 12 -0.80 -8.73 -4.12
C TYR B 12 -2.20 -8.12 -4.16
N HIS B 13 -2.43 -7.17 -5.03
CA HIS B 13 -3.76 -6.52 -5.14
C HIS B 13 -4.74 -7.43 -5.92
N ALA B 14 -6.02 -7.21 -5.72
CA ALA B 14 -7.10 -8.00 -6.41
C ALA B 14 -7.36 -9.35 -5.73
N SER B 15 -6.69 -9.67 -4.65
CA SER B 15 -6.95 -10.97 -3.98
C SER B 15 -6.78 -10.90 -2.46
N LEU B 16 -7.66 -10.18 -1.80
CA LEU B 16 -7.58 -10.06 -0.31
C LEU B 16 -8.88 -9.45 0.23
N THR B 17 -8.91 -9.09 1.48
CA THR B 17 -10.14 -8.46 2.06
C THR B 17 -10.12 -6.96 1.78
N ARG B 18 -11.22 -6.30 2.00
CA ARG B 18 -11.29 -4.83 1.77
C ARG B 18 -10.62 -4.08 2.94
N ALA B 19 -11.14 -2.94 3.32
CA ALA B 19 -10.53 -2.13 4.43
C ALA B 19 -10.16 -2.97 5.67
N GLN B 20 -10.71 -4.14 5.83
CA GLN B 20 -10.37 -4.95 7.02
C GLN B 20 -8.83 -5.12 7.16
N ALA B 21 -8.20 -5.70 6.17
CA ALA B 21 -6.70 -5.90 6.24
C ALA B 21 -5.98 -4.55 6.17
N GLU B 22 -6.40 -3.69 5.28
CA GLU B 22 -5.75 -2.35 5.13
C GLU B 22 -5.87 -1.57 6.45
N HIS B 23 -7.01 -1.63 7.08
CA HIS B 23 -7.21 -0.93 8.38
C HIS B 23 -6.32 -1.61 9.41
N MET B 24 -6.24 -2.93 9.38
CA MET B 24 -5.34 -3.63 10.34
C MET B 24 -3.93 -3.06 10.20
N LEU B 25 -3.46 -2.91 8.98
CA LEU B 25 -2.10 -2.33 8.77
C LEU B 25 -2.07 -0.86 9.15
N MET B 26 -3.06 -0.08 8.78
CA MET B 26 -3.03 1.35 9.20
C MET B 26 -2.99 1.40 10.73
N ARG B 27 -3.68 0.48 11.37
CA ARG B 27 -3.71 0.46 12.86
C ARG B 27 -2.52 -0.28 13.50
N VAL B 28 -1.80 -1.14 12.79
CA VAL B 28 -0.69 -1.93 13.47
C VAL B 28 0.15 -1.08 14.43
N PRO B 29 0.75 -1.78 15.37
CA PRO B 29 1.61 -1.16 16.42
C PRO B 29 2.89 -0.50 15.85
N ARG B 30 3.80 -1.28 15.33
CA ARG B 30 5.07 -0.69 14.78
C ARG B 30 4.91 -0.23 13.34
N ASP B 31 5.93 0.38 12.80
CA ASP B 31 5.88 0.83 11.38
C ASP B 31 6.26 -0.35 10.47
N GLY B 32 5.96 -0.27 9.20
CA GLY B 32 6.29 -1.40 8.28
C GLY B 32 5.01 -2.12 7.86
N ALA B 33 3.90 -1.44 7.88
CA ALA B 33 2.61 -2.09 7.48
C ALA B 33 2.19 -1.61 6.09
N PHE B 34 2.17 -2.49 5.12
CA PHE B 34 1.77 -2.10 3.74
C PHE B 34 0.68 -3.06 3.23
N LEU B 35 -0.39 -2.56 2.64
CA LEU B 35 -1.46 -3.49 2.15
C LEU B 35 -2.37 -2.78 1.12
N VAL B 36 -2.58 -3.40 -0.01
CA VAL B 36 -3.47 -2.78 -1.06
C VAL B 36 -4.78 -3.59 -1.20
N ARG B 37 -5.90 -2.92 -1.23
CA ARG B 37 -7.21 -3.66 -1.33
C ARG B 37 -8.20 -2.99 -2.29
N LYS B 38 -9.24 -3.72 -2.66
CA LYS B 38 -10.26 -3.17 -3.59
C LYS B 38 -11.21 -2.21 -2.86
N ARG B 39 -11.96 -1.45 -3.62
CA ARG B 39 -12.91 -0.45 -3.03
C ARG B 39 -14.30 -0.58 -3.68
N ASN B 40 -15.32 -0.06 -3.04
CA ASN B 40 -16.71 -0.17 -3.60
C ASN B 40 -16.82 0.48 -5.00
N GLU B 41 -16.15 1.59 -5.22
CA GLU B 41 -16.22 2.27 -6.56
C GLU B 41 -15.69 1.33 -7.66
N PRO B 42 -16.09 1.57 -8.89
CA PRO B 42 -15.64 0.72 -10.02
C PRO B 42 -14.12 0.83 -10.17
N ASN B 43 -13.45 -0.25 -10.51
CA ASN B 43 -11.95 -0.21 -10.63
C ASN B 43 -11.37 0.14 -9.25
N SER B 44 -11.30 1.42 -8.95
CA SER B 44 -10.82 1.88 -7.60
C SER B 44 -9.65 1.03 -7.07
N TYR B 45 -9.67 0.74 -5.77
CA TYR B 45 -8.60 -0.02 -5.05
C TYR B 45 -7.82 0.97 -4.17
N ALA B 46 -7.27 0.52 -3.06
CA ALA B 46 -6.54 1.49 -2.18
C ALA B 46 -5.26 0.88 -1.57
N ILE B 47 -4.26 1.70 -1.37
CA ILE B 47 -2.96 1.22 -0.78
C ILE B 47 -2.85 1.68 0.69
N SER B 48 -2.87 0.77 1.62
CA SER B 48 -2.75 1.17 3.07
C SER B 48 -1.27 1.17 3.49
N PHE B 49 -0.68 2.33 3.58
CA PHE B 49 0.77 2.43 3.96
C PHE B 49 0.96 3.14 5.31
N ARG B 50 1.76 2.56 6.18
CA ARG B 50 2.00 3.20 7.52
C ARG B 50 3.48 3.58 7.63
N ALA B 51 3.78 4.86 7.71
CA ALA B 51 5.20 5.30 7.81
C ALA B 51 5.45 5.96 9.18
N GLU B 52 6.70 6.12 9.56
CA GLU B 52 7.00 6.75 10.88
C GLU B 52 6.48 8.19 10.93
N GLY B 53 5.42 8.42 11.67
CA GLY B 53 4.83 9.79 11.78
C GLY B 53 3.98 10.11 10.54
N LYS B 54 3.63 9.11 9.74
CA LYS B 54 2.80 9.41 8.52
C LYS B 54 1.97 8.19 8.09
N ILE B 55 0.67 8.39 7.95
CA ILE B 55 -0.23 7.28 7.51
C ILE B 55 -1.34 7.85 6.62
N LYS B 56 -1.43 7.41 5.39
CA LYS B 56 -2.51 7.94 4.50
C LYS B 56 -2.78 6.98 3.34
N HIS B 57 -4.04 6.74 3.05
CA HIS B 57 -4.39 5.82 1.92
C HIS B 57 -5.71 6.26 1.28
N CYS B 58 -6.02 5.73 0.12
CA CYS B 58 -7.28 6.14 -0.60
C CYS B 58 -7.50 5.29 -1.87
N ARG B 59 -8.42 5.69 -2.73
CA ARG B 59 -8.72 4.90 -3.98
C ARG B 59 -7.74 5.19 -5.13
N VAL B 60 -7.61 4.21 -6.00
CA VAL B 60 -6.73 4.34 -7.20
C VAL B 60 -7.53 3.85 -8.42
N GLN B 61 -7.15 4.20 -9.61
CA GLN B 61 -7.94 3.70 -10.77
C GLN B 61 -7.22 2.51 -11.41
N GLN B 62 -7.76 1.33 -11.25
CA GLN B 62 -7.12 0.12 -11.84
C GLN B 62 -7.59 -0.05 -13.29
N GLU B 63 -6.70 -0.09 -14.24
CA GLU B 63 -7.12 -0.26 -15.66
C GLU B 63 -6.27 -1.34 -16.33
N GLY B 64 -6.86 -2.14 -17.18
CA GLY B 64 -6.04 -3.18 -17.88
C GLY B 64 -5.23 -2.45 -18.94
N GLN B 65 -4.10 -1.91 -18.53
CA GLN B 65 -3.20 -1.11 -19.42
C GLN B 65 -2.32 -0.22 -18.54
N THR B 66 -2.89 0.41 -17.53
CA THR B 66 -2.10 1.30 -16.64
C THR B 66 -2.94 1.75 -15.41
N VAL B 67 -2.67 1.20 -14.25
CA VAL B 67 -3.42 1.61 -13.02
C VAL B 67 -2.97 3.01 -12.59
N MET B 68 -3.82 3.81 -11.99
CA MET B 68 -3.39 5.18 -11.59
C MET B 68 -4.03 5.66 -10.29
N LEU B 69 -3.21 6.09 -9.36
CA LEU B 69 -3.75 6.64 -8.07
C LEU B 69 -4.13 8.11 -8.31
N GLY B 70 -4.49 8.85 -7.30
CA GLY B 70 -4.84 10.28 -7.53
C GLY B 70 -3.55 11.09 -7.39
N ASN B 71 -2.80 11.17 -8.47
CA ASN B 71 -1.49 11.93 -8.49
C ASN B 71 -0.65 11.42 -9.67
N SER B 72 -0.43 10.14 -9.75
CA SER B 72 0.38 9.56 -10.86
C SER B 72 -0.17 8.21 -11.32
N GLU B 73 0.22 7.76 -12.48
CA GLU B 73 -0.25 6.44 -13.00
C GLU B 73 0.92 5.46 -13.13
N PHE B 74 0.68 4.19 -12.93
CA PHE B 74 1.79 3.19 -13.03
C PHE B 74 1.26 1.80 -13.42
N ASP B 75 2.13 0.84 -13.64
CA ASP B 75 1.61 -0.51 -14.00
C ASP B 75 1.24 -1.23 -12.70
N SER B 76 -0.04 -1.24 -12.42
CA SER B 76 -0.58 -1.88 -11.17
C SER B 76 -0.05 -1.16 -9.93
N LEU B 77 -0.76 -1.25 -8.83
CA LEU B 77 -0.26 -0.60 -7.57
C LEU B 77 1.14 -1.11 -7.25
N VAL B 78 1.42 -2.34 -7.62
CA VAL B 78 2.76 -2.94 -7.39
C VAL B 78 3.87 -2.05 -7.97
N ASP B 79 3.57 -1.27 -8.97
CA ASP B 79 4.61 -0.40 -9.59
C ASP B 79 5.09 0.66 -8.58
N LEU B 80 4.32 1.71 -8.36
CA LEU B 80 4.78 2.76 -7.39
C LEU B 80 5.07 2.14 -6.02
N ILE B 81 4.33 1.12 -5.62
CA ILE B 81 4.63 0.48 -4.30
C ILE B 81 6.00 -0.22 -4.38
N SER B 82 6.27 -0.89 -5.49
CA SER B 82 7.59 -1.56 -5.64
C SER B 82 8.69 -0.51 -5.57
N TYR B 83 8.50 0.59 -6.25
CA TYR B 83 9.50 1.70 -6.21
C TYR B 83 9.74 2.10 -4.76
N TYR B 84 8.68 2.29 -4.01
CA TYR B 84 8.82 2.67 -2.57
C TYR B 84 9.47 1.53 -1.76
N GLU B 85 9.11 0.29 -2.01
CA GLU B 85 9.75 -0.84 -1.25
C GLU B 85 11.26 -0.79 -1.44
N LYS B 86 11.67 -0.56 -2.65
CA LYS B 86 13.12 -0.49 -2.97
C LYS B 86 13.70 0.86 -2.50
N HIS B 87 12.97 1.94 -2.67
CA HIS B 87 13.46 3.29 -2.22
C HIS B 87 12.52 3.87 -1.13
N PRO B 88 12.58 3.28 0.05
CA PRO B 88 11.74 3.72 1.18
C PRO B 88 12.47 4.78 2.02
N LEU B 89 13.51 4.38 2.72
CA LEU B 89 14.35 5.32 3.56
C LEU B 89 13.64 5.81 4.84
N TYR B 90 12.40 5.45 5.08
CA TYR B 90 11.73 5.90 6.35
C TYR B 90 12.10 4.93 7.48
N ARG B 91 13.36 4.57 7.57
CA ARG B 91 13.85 3.61 8.63
C ARG B 91 13.26 2.20 8.43
N LYS B 92 11.95 2.09 8.36
CA LYS B 92 11.32 0.73 8.19
C LYS B 92 10.25 0.74 7.08
N MET B 93 10.30 1.66 6.15
CA MET B 93 9.25 1.67 5.06
C MET B 93 9.70 0.85 3.85
N LYS B 94 10.64 -0.03 4.02
CA LYS B 94 11.12 -0.85 2.86
C LYS B 94 10.12 -1.98 2.53
N LEU B 95 8.85 -1.76 2.79
CA LEU B 95 7.80 -2.80 2.48
C LEU B 95 8.31 -4.22 2.75
N ARG B 96 8.92 -4.45 3.90
CA ARG B 96 9.45 -5.81 4.23
C ARG B 96 9.51 -6.04 5.74
N TYR B 97 8.44 -5.81 6.44
CA TYR B 97 8.43 -6.04 7.92
C TYR B 97 7.00 -6.34 8.40
N PRO B 98 6.87 -7.07 9.49
CA PRO B 98 5.53 -7.41 9.99
C PRO B 98 5.08 -6.32 10.97
N ILE B 99 4.06 -6.59 11.73
CA ILE B 99 3.60 -5.59 12.71
C ILE B 99 3.72 -6.17 14.12
N ASN B 100 4.79 -5.85 14.81
CA ASN B 100 5.02 -6.41 16.18
C ASN B 100 4.13 -5.71 17.22
N GLU B 101 3.15 -6.42 17.75
CA GLU B 101 2.27 -5.81 18.79
C GLU B 101 3.01 -5.78 20.12
N GLU B 102 3.31 -4.61 20.61
CA GLU B 102 4.07 -4.42 21.91
C GLU B 102 3.69 -5.47 22.98
N ASN B 103 2.44 -5.84 23.08
CA ASN B 103 2.04 -6.87 24.11
C ASN B 103 2.57 -8.27 23.75
N SER B 104 2.98 -8.49 22.52
CA SER B 104 3.51 -9.83 22.11
C SER B 104 4.97 -9.74 21.63
N SER B 105 5.31 -8.67 20.94
CA SER B 105 6.72 -8.52 20.43
C SER B 105 7.03 -7.05 20.12
N ASP A 2 -20.46 4.60 4.77
CA ASP A 2 -19.75 5.83 5.28
C ASP A 2 -18.33 5.50 5.80
N THR A 3 -17.57 4.78 5.02
CA THR A 3 -16.17 4.42 5.46
C THR A 3 -15.21 4.34 4.25
N GLU A 4 -15.48 3.48 3.31
CA GLU A 4 -14.58 3.36 2.11
C GLU A 4 -14.77 4.56 1.15
N VAL A 5 -14.24 5.71 1.51
CA VAL A 5 -14.40 6.91 0.64
C VAL A 5 -13.04 7.57 0.30
N GLU A 7 -10.09 8.81 -3.01
CA GLU A 7 -10.06 9.24 -4.45
C GLU A 7 -8.62 9.28 -5.02
N SER A 8 -7.62 9.61 -4.23
CA SER A 8 -6.21 9.66 -4.76
C SER A 8 -5.22 9.14 -3.69
N PRO A 9 -4.69 7.96 -3.92
CA PRO A 9 -3.75 7.33 -2.95
C PRO A 9 -2.32 7.92 -3.03
N ALA A 11 0.68 9.72 -3.49
CA ALA A 11 1.12 10.64 -4.59
C ALA A 11 2.60 11.00 -4.41
N ASP A 12 3.16 10.69 -3.25
CA ASP A 12 4.60 10.98 -2.98
C ASP A 12 5.47 9.78 -3.40
N PRO A 13 6.58 10.09 -4.03
CA PRO A 13 7.51 9.02 -4.51
C PRO A 13 8.33 8.39 -3.37
N GLY B 1 16.95 -6.12 -5.50
CA GLY B 1 17.58 -5.46 -6.69
C GLY B 1 17.01 -4.05 -6.86
N SER B 2 17.34 -3.39 -7.94
CA SER B 2 16.82 -2.00 -8.17
C SER B 2 15.31 -2.02 -8.51
N PRO B 3 14.94 -2.83 -9.49
CA PRO B 3 13.51 -2.90 -9.90
C PRO B 3 12.68 -3.76 -8.91
N GLY B 4 11.38 -3.78 -9.08
CA GLY B 4 10.51 -4.58 -8.17
C GLY B 4 9.47 -5.38 -8.98
N ILE B 5 8.19 -5.17 -8.69
CA ILE B 5 7.08 -5.90 -9.43
C ILE B 5 7.05 -7.43 -9.21
N HIS B 6 8.18 -8.07 -9.01
CA HIS B 6 8.16 -9.55 -8.80
C HIS B 6 9.07 -9.94 -7.63
N GLU B 7 10.32 -9.53 -7.66
CA GLU B 7 11.24 -9.86 -6.53
C GLU B 7 10.85 -9.09 -5.25
N SER B 8 9.89 -8.19 -5.35
CA SER B 8 9.44 -7.41 -4.15
C SER B 8 8.49 -8.25 -3.29
N LYS B 9 7.61 -7.62 -2.57
CA LYS B 9 6.69 -8.43 -1.71
C LYS B 9 5.28 -7.83 -1.55
N GLU B 10 5.11 -6.52 -1.64
CA GLU B 10 3.73 -5.94 -1.47
C GLU B 10 2.93 -6.05 -2.77
N TRP B 11 2.82 -7.24 -3.31
CA TRP B 11 2.04 -7.44 -4.58
C TRP B 11 0.65 -8.06 -4.30
N TYR B 12 0.25 -8.16 -3.04
CA TYR B 12 -1.08 -8.79 -2.73
C TYR B 12 -2.29 -7.95 -3.21
N HIS B 13 -2.11 -6.98 -4.08
CA HIS B 13 -3.27 -6.18 -4.57
C HIS B 13 -4.14 -7.05 -5.50
N ALA B 14 -4.90 -7.94 -4.93
CA ALA B 14 -5.77 -8.82 -5.77
C ALA B 14 -7.18 -8.89 -5.17
N SER B 15 -7.33 -9.56 -4.06
CA SER B 15 -8.69 -9.66 -3.42
C SER B 15 -8.57 -10.16 -1.98
N LEU B 16 -8.77 -9.28 -1.03
CA LEU B 16 -8.69 -9.68 0.42
C LEU B 16 -9.76 -8.93 1.21
N THR B 17 -9.48 -8.56 2.43
CA THR B 17 -10.49 -7.79 3.22
C THR B 17 -10.48 -6.32 2.80
N ARG B 18 -11.59 -5.65 2.91
CA ARG B 18 -11.66 -4.21 2.53
C ARG B 18 -10.98 -3.35 3.62
N ALA B 19 -11.57 -2.23 3.98
CA ALA B 19 -10.96 -1.31 5.01
C ALA B 19 -10.40 -2.08 6.22
N GLN B 20 -10.86 -3.29 6.46
CA GLN B 20 -10.31 -4.09 7.61
C GLN B 20 -8.77 -4.13 7.52
N ALA B 21 -8.24 -4.35 6.33
CA ALA B 21 -6.76 -4.39 6.16
C ALA B 21 -6.16 -2.98 6.19
N GLU B 22 -6.74 -2.04 5.48
CA GLU B 22 -6.21 -0.64 5.50
C GLU B 22 -6.18 -0.14 6.95
N HIS B 23 -7.22 -0.45 7.72
CA HIS B 23 -7.26 -0.04 9.15
C HIS B 23 -6.21 -0.84 9.94
N MET B 24 -6.20 -2.15 9.80
CA MET B 24 -5.19 -2.97 10.53
C MET B 24 -3.79 -2.46 10.19
N LEU B 25 -3.57 -2.12 8.95
CA LEU B 25 -2.24 -1.60 8.53
C LEU B 25 -1.97 -0.22 9.16
N MET B 26 -2.87 0.71 9.01
CA MET B 26 -2.65 2.06 9.63
C MET B 26 -2.52 1.90 11.16
N ARG B 27 -3.26 0.99 11.73
CA ARG B 27 -3.21 0.78 13.21
C ARG B 27 -1.97 -0.03 13.64
N VAL B 28 -1.31 -0.72 12.73
CA VAL B 28 -0.11 -1.57 13.12
C VAL B 28 0.64 -1.01 14.35
N PRO B 29 1.05 -1.93 15.19
CA PRO B 29 1.75 -1.59 16.46
C PRO B 29 3.09 -0.86 16.23
N ARG B 30 4.04 -1.48 15.57
CA ARG B 30 5.36 -0.81 15.35
C ARG B 30 5.37 0.02 14.06
N ASP B 31 6.41 0.78 13.85
CA ASP B 31 6.49 1.61 12.61
C ASP B 31 6.73 0.71 11.39
N GLY B 32 6.51 1.24 10.21
CA GLY B 32 6.67 0.42 8.97
C GLY B 32 5.28 -0.09 8.57
N ALA B 33 5.14 -1.37 8.29
CA ALA B 33 3.80 -1.94 7.94
C ALA B 33 3.29 -1.45 6.56
N PHE B 34 2.99 -2.38 5.66
CA PHE B 34 2.49 -2.00 4.31
C PHE B 34 1.45 -3.04 3.83
N LEU B 35 0.46 -2.62 3.05
CA LEU B 35 -0.57 -3.60 2.59
C LEU B 35 -1.52 -2.97 1.56
N VAL B 36 -1.81 -3.69 0.49
CA VAL B 36 -2.74 -3.15 -0.57
C VAL B 36 -4.10 -3.89 -0.47
N ARG B 37 -5.21 -3.16 -0.39
CA ARG B 37 -6.56 -3.83 -0.23
C ARG B 37 -7.57 -3.41 -1.32
N LYS B 38 -8.65 -4.16 -1.45
CA LYS B 38 -9.67 -3.87 -2.50
C LYS B 38 -10.83 -3.01 -1.96
N ARG B 39 -11.41 -2.20 -2.82
CA ARG B 39 -12.57 -1.34 -2.43
C ARG B 39 -13.78 -1.67 -3.31
N ASN B 40 -14.97 -1.28 -2.89
CA ASN B 40 -16.19 -1.60 -3.71
C ASN B 40 -16.29 -0.71 -4.96
N GLU B 41 -15.62 0.41 -4.97
CA GLU B 41 -15.70 1.34 -6.15
C GLU B 41 -14.81 0.83 -7.31
N PRO B 42 -15.27 1.07 -8.52
CA PRO B 42 -14.49 0.66 -9.73
C PRO B 42 -13.27 1.56 -9.85
N ASN B 43 -12.16 1.06 -10.37
CA ASN B 43 -10.94 1.94 -10.46
C ASN B 43 -10.71 2.52 -9.07
N SER B 44 -10.54 1.69 -8.09
CA SER B 44 -10.40 2.23 -6.72
C SER B 44 -9.79 1.22 -5.72
N TYR B 45 -8.61 0.75 -5.99
CA TYR B 45 -7.94 -0.18 -5.02
C TYR B 45 -7.26 0.68 -3.95
N ALA B 46 -7.52 0.43 -2.69
CA ALA B 46 -6.88 1.29 -1.65
C ALA B 46 -5.56 0.69 -1.16
N ILE B 47 -4.58 1.53 -0.91
CA ILE B 47 -3.26 1.03 -0.42
C ILE B 47 -2.87 1.75 0.88
N SER B 48 -3.11 1.14 2.00
CA SER B 48 -2.76 1.76 3.31
C SER B 48 -1.26 1.68 3.57
N PHE B 49 -0.73 2.62 4.32
CA PHE B 49 0.73 2.62 4.62
C PHE B 49 0.99 3.28 5.97
N ARG B 50 1.98 2.82 6.68
CA ARG B 50 2.31 3.46 7.99
C ARG B 50 3.79 3.87 8.01
N ALA B 51 4.05 5.09 8.36
CA ALA B 51 5.46 5.58 8.38
C ALA B 51 5.67 6.51 9.58
N GLU B 52 6.89 6.82 9.91
CA GLU B 52 7.13 7.71 11.10
C GLU B 52 6.43 9.06 10.86
N GLY B 53 5.31 9.26 11.51
CA GLY B 53 4.53 10.53 11.34
C GLY B 53 4.01 10.64 9.90
N LYS B 54 3.67 9.55 9.26
CA LYS B 54 3.17 9.65 7.84
C LYS B 54 2.21 8.51 7.48
N ILE B 55 0.97 8.60 7.88
CA ILE B 55 -0.03 7.54 7.54
C ILE B 55 -1.11 8.14 6.61
N LYS B 56 -1.21 7.63 5.40
CA LYS B 56 -2.24 8.17 4.45
C LYS B 56 -2.43 7.23 3.25
N HIS B 57 -3.66 7.02 2.83
CA HIS B 57 -3.93 6.13 1.67
C HIS B 57 -5.30 6.41 1.05
N CYS B 58 -5.46 6.07 -0.20
CA CYS B 58 -6.77 6.30 -0.89
C CYS B 58 -6.95 5.24 -1.99
N ARG B 59 -7.95 5.39 -2.83
CA ARG B 59 -8.20 4.38 -3.90
C ARG B 59 -7.34 4.64 -5.15
N VAL B 60 -6.56 3.68 -5.55
CA VAL B 60 -5.71 3.86 -6.77
C VAL B 60 -6.60 3.72 -8.02
N GLN B 61 -6.18 4.27 -9.13
CA GLN B 61 -6.99 4.13 -10.36
C GLN B 61 -6.43 2.97 -11.17
N GLN B 62 -7.14 1.87 -11.24
CA GLN B 62 -6.60 0.70 -11.99
C GLN B 62 -7.23 0.59 -13.38
N GLU B 63 -6.40 0.48 -14.39
CA GLU B 63 -6.92 0.34 -15.78
C GLU B 63 -6.24 -0.87 -16.42
N GLY B 64 -6.92 -1.58 -17.28
CA GLY B 64 -6.26 -2.76 -17.93
C GLY B 64 -5.24 -2.22 -18.92
N GLN B 65 -4.07 -1.89 -18.41
CA GLN B 65 -2.95 -1.32 -19.22
C GLN B 65 -2.10 -0.43 -18.31
N THR B 66 -2.71 0.23 -17.34
CA THR B 66 -1.91 1.14 -16.46
C THR B 66 -2.69 1.54 -15.18
N VAL B 67 -2.36 0.94 -14.06
CA VAL B 67 -3.02 1.32 -12.76
C VAL B 67 -2.27 2.52 -12.18
N MET B 68 -2.93 3.45 -11.56
CA MET B 68 -2.19 4.65 -11.06
C MET B 68 -2.81 5.31 -9.82
N LEU B 69 -1.96 5.87 -9.01
CA LEU B 69 -2.40 6.60 -7.78
C LEU B 69 -2.84 8.03 -8.18
N GLY B 70 -3.11 8.88 -7.23
CA GLY B 70 -3.51 10.27 -7.60
C GLY B 70 -2.27 11.14 -7.66
N ASN B 71 -1.59 11.13 -8.79
CA ASN B 71 -0.34 11.95 -8.96
C ASN B 71 0.31 11.66 -10.34
N SER B 72 0.38 10.41 -10.74
CA SER B 72 1.00 10.07 -12.05
C SER B 72 0.68 8.63 -12.46
N GLU B 73 0.62 8.35 -13.74
CA GLU B 73 0.30 6.98 -14.22
C GLU B 73 1.43 5.98 -13.91
N PHE B 74 1.09 4.75 -13.59
CA PHE B 74 2.13 3.74 -13.28
C PHE B 74 1.63 2.36 -13.72
N ASP B 75 2.35 1.33 -13.38
CA ASP B 75 1.85 -0.03 -13.73
C ASP B 75 0.98 -0.50 -12.56
N SER B 76 0.47 -1.70 -12.62
CA SER B 76 -0.40 -2.21 -11.51
C SER B 76 0.17 -1.86 -10.14
N LEU B 77 -0.67 -1.83 -9.13
CA LEU B 77 -0.21 -1.50 -7.75
C LEU B 77 1.14 -2.13 -7.43
N VAL B 78 1.41 -3.30 -7.96
CA VAL B 78 2.74 -3.95 -7.71
C VAL B 78 3.88 -2.99 -8.08
N ASP B 79 3.72 -2.23 -9.12
CA ASP B 79 4.78 -1.29 -9.56
C ASP B 79 4.91 -0.12 -8.58
N LEU B 80 3.86 0.62 -8.34
CA LEU B 80 3.98 1.77 -7.38
C LEU B 80 4.21 1.25 -5.96
N ILE B 81 3.46 0.27 -5.51
CA ILE B 81 3.69 -0.27 -4.15
C ILE B 81 5.09 -0.92 -4.09
N SER B 82 5.49 -1.67 -5.11
CA SER B 82 6.89 -2.23 -5.07
C SER B 82 7.88 -1.08 -5.32
N TYR B 83 7.46 -0.04 -6.02
CA TYR B 83 8.38 1.12 -6.23
C TYR B 83 8.79 1.60 -4.85
N TYR B 84 7.84 1.75 -3.94
CA TYR B 84 8.20 2.13 -2.56
C TYR B 84 9.05 1.00 -1.95
N GLU B 85 8.69 -0.25 -2.22
CA GLU B 85 9.51 -1.40 -1.71
C GLU B 85 10.95 -1.24 -2.20
N LYS B 86 11.12 -0.70 -3.37
CA LYS B 86 12.48 -0.51 -3.94
C LYS B 86 13.05 0.89 -3.57
N HIS B 87 12.20 1.83 -3.25
CA HIS B 87 12.66 3.20 -2.87
C HIS B 87 11.74 3.82 -1.80
N PRO B 88 11.82 3.27 -0.60
CA PRO B 88 10.98 3.75 0.53
C PRO B 88 11.68 4.88 1.31
N LEU B 89 12.75 4.55 2.02
CA LEU B 89 13.52 5.57 2.81
C LEU B 89 12.69 6.17 3.97
N TYR B 90 12.24 5.34 4.89
CA TYR B 90 11.46 5.85 6.06
C TYR B 90 11.65 4.92 7.27
N ARG B 91 12.69 5.15 8.05
CA ARG B 91 12.97 4.31 9.26
C ARG B 91 12.96 2.81 8.87
N LYS B 92 11.87 2.10 9.12
CA LYS B 92 11.83 0.65 8.72
C LYS B 92 10.81 0.44 7.58
N MET B 93 10.45 1.49 6.89
CA MET B 93 9.48 1.36 5.77
C MET B 93 10.21 0.89 4.51
N LYS B 94 9.74 -0.18 3.91
CA LYS B 94 10.39 -0.70 2.66
C LYS B 94 9.53 -1.83 2.04
N LEU B 95 8.25 -1.90 2.38
CA LEU B 95 7.33 -2.95 1.81
C LEU B 95 7.69 -4.38 2.29
N ARG B 96 8.93 -4.63 2.69
CA ARG B 96 9.32 -6.00 3.16
C ARG B 96 9.41 -6.07 4.69
N TYR B 97 8.33 -5.87 5.39
CA TYR B 97 8.35 -5.94 6.89
C TYR B 97 6.90 -6.08 7.38
N PRO B 98 6.69 -6.92 8.37
CA PRO B 98 5.32 -7.13 8.89
C PRO B 98 5.08 -6.15 10.02
N ILE B 99 4.13 -6.41 10.85
CA ILE B 99 3.87 -5.52 11.99
C ILE B 99 4.09 -6.29 13.29
N ASN B 100 4.93 -5.78 14.15
CA ASN B 100 5.21 -6.50 15.43
C ASN B 100 4.34 -5.94 16.56
N GLU B 101 3.42 -6.73 17.06
CA GLU B 101 2.53 -6.25 18.17
C GLU B 101 3.30 -6.27 19.50
N GLU B 102 3.41 -5.14 20.16
CA GLU B 102 4.16 -5.09 21.46
C GLU B 102 3.85 -6.30 22.36
N ASN B 103 2.63 -6.78 22.33
CA ASN B 103 2.26 -7.97 23.15
C ASN B 103 2.86 -9.26 22.57
N SER B 104 3.44 -9.21 21.39
CA SER B 104 4.04 -10.44 20.77
C SER B 104 5.04 -10.05 19.66
N SER B 105 6.32 -10.17 19.94
CA SER B 105 7.40 -9.82 18.94
C SER B 105 7.52 -8.29 18.79
N ASP A 2 -12.68 9.23 4.13
CA ASP A 2 -12.72 8.38 5.36
C ASP A 2 -11.93 7.06 5.13
N THR A 3 -12.32 6.00 5.77
CA THR A 3 -11.58 4.71 5.62
C THR A 3 -12.06 3.93 4.37
N GLU A 4 -13.06 4.40 3.69
CA GLU A 4 -13.57 3.66 2.48
C GLU A 4 -13.77 4.61 1.29
N VAL A 5 -14.50 5.67 1.46
CA VAL A 5 -14.71 6.63 0.33
C VAL A 5 -13.53 7.61 0.25
N GLU A 7 -10.11 9.22 -2.35
CA GLU A 7 -9.72 9.42 -3.79
C GLU A 7 -8.17 9.33 -4.01
N SER A 8 -7.43 10.42 -3.84
CA SER A 8 -5.93 10.37 -4.06
C SER A 8 -5.25 9.51 -3.00
N PRO A 9 -4.76 8.36 -3.42
CA PRO A 9 -4.13 7.40 -2.48
C PRO A 9 -2.65 7.70 -2.19
N ALA A 11 1.19 8.31 -3.95
CA ALA A 11 2.11 8.43 -5.13
C ALA A 11 3.24 9.41 -4.79
N ASP A 12 3.52 9.56 -3.53
CA ASP A 12 4.59 10.51 -3.07
C ASP A 12 5.86 9.74 -2.70
N PRO A 13 6.91 10.46 -2.37
CA PRO A 13 8.19 9.82 -2.00
C PRO A 13 8.09 9.16 -0.61
N GLY B 1 12.79 -11.77 -6.91
CA GLY B 1 12.80 -11.61 -8.40
C GLY B 1 13.38 -10.24 -8.75
N SER B 2 12.79 -9.55 -9.71
CA SER B 2 13.32 -8.20 -10.10
C SER B 2 13.05 -7.17 -8.99
N PRO B 3 13.86 -6.13 -8.98
CA PRO B 3 13.70 -5.05 -7.96
C PRO B 3 12.40 -4.29 -8.21
N GLY B 4 11.31 -4.81 -7.70
CA GLY B 4 9.99 -4.15 -7.90
C GLY B 4 9.01 -5.18 -8.48
N ILE B 5 7.80 -5.23 -7.97
CA ILE B 5 6.77 -6.21 -8.47
C ILE B 5 7.14 -7.68 -8.17
N HIS B 6 8.40 -8.03 -8.15
CA HIS B 6 8.78 -9.45 -7.85
C HIS B 6 9.57 -9.54 -6.54
N GLU B 7 10.65 -8.80 -6.42
CA GLU B 7 11.44 -8.82 -5.16
C GLU B 7 10.75 -7.99 -4.06
N SER B 8 9.77 -7.19 -4.42
CA SER B 8 9.05 -6.38 -3.39
C SER B 8 8.09 -7.28 -2.58
N LYS B 9 7.51 -6.76 -1.54
CA LYS B 9 6.60 -7.59 -0.68
C LYS B 9 5.11 -7.31 -0.96
N GLU B 10 4.70 -6.08 -1.07
CA GLU B 10 3.24 -5.81 -1.31
C GLU B 10 2.97 -5.62 -2.81
N TRP B 11 3.11 -6.66 -3.58
CA TRP B 11 2.86 -6.56 -5.06
C TRP B 11 1.50 -7.18 -5.46
N TYR B 12 1.12 -8.29 -4.87
CA TYR B 12 -0.19 -8.91 -5.25
C TYR B 12 -1.36 -8.15 -4.62
N HIS B 13 -1.94 -7.24 -5.36
CA HIS B 13 -3.08 -6.45 -4.82
C HIS B 13 -4.42 -7.06 -5.29
N ALA B 14 -4.84 -8.14 -4.66
CA ALA B 14 -6.12 -8.78 -5.08
C ALA B 14 -6.55 -9.88 -4.10
N SER B 15 -7.77 -10.35 -4.24
CA SER B 15 -8.31 -11.44 -3.36
C SER B 15 -8.06 -11.18 -1.86
N LEU B 16 -8.24 -9.95 -1.43
CA LEU B 16 -8.05 -9.64 0.02
C LEU B 16 -9.23 -8.80 0.52
N THR B 17 -9.09 -8.14 1.64
CA THR B 17 -10.23 -7.31 2.16
C THR B 17 -9.98 -5.81 1.95
N ARG B 18 -11.04 -5.05 2.03
CA ARG B 18 -10.97 -3.56 1.87
C ARG B 18 -10.30 -2.91 3.10
N ALA B 19 -10.77 -1.76 3.52
CA ALA B 19 -10.17 -1.05 4.71
C ALA B 19 -9.88 -2.00 5.90
N GLN B 20 -10.46 -3.17 5.95
CA GLN B 20 -10.16 -4.10 7.09
C GLN B 20 -8.66 -4.45 7.11
N ALA B 21 -8.15 -5.07 6.06
CA ALA B 21 -6.68 -5.38 6.02
C ALA B 21 -5.89 -4.07 6.01
N GLU B 22 -6.42 -3.06 5.39
CA GLU B 22 -5.74 -1.73 5.37
C GLU B 22 -5.55 -1.23 6.81
N HIS B 23 -6.62 -1.11 7.55
CA HIS B 23 -6.51 -0.66 8.96
C HIS B 23 -5.77 -1.70 9.79
N MET B 24 -5.82 -2.97 9.42
CA MET B 24 -5.05 -3.98 10.21
C MET B 24 -3.55 -3.61 10.13
N LEU B 25 -3.05 -3.37 8.94
CA LEU B 25 -1.62 -2.96 8.80
C LEU B 25 -1.41 -1.52 9.28
N MET B 26 -2.41 -0.68 9.16
CA MET B 26 -2.26 0.73 9.60
C MET B 26 -2.30 0.83 11.14
N ARG B 27 -3.23 0.16 11.77
CA ARG B 27 -3.36 0.23 13.26
C ARG B 27 -2.40 -0.71 14.03
N VAL B 28 -1.95 -1.80 13.43
CA VAL B 28 -1.04 -2.76 14.18
C VAL B 28 0.11 -2.03 14.91
N PRO B 29 0.77 -2.78 15.77
CA PRO B 29 1.90 -2.21 16.57
C PRO B 29 3.04 -1.67 15.69
N ARG B 30 3.93 -2.52 15.24
CA ARG B 30 5.08 -2.05 14.41
C ARG B 30 4.64 -1.20 13.23
N ASP B 31 5.44 -0.22 12.89
CA ASP B 31 5.13 0.67 11.75
C ASP B 31 5.82 0.12 10.48
N GLY B 32 5.57 0.72 9.34
CA GLY B 32 6.18 0.22 8.08
C GLY B 32 5.25 -0.82 7.44
N ALA B 33 3.96 -0.63 7.59
CA ALA B 33 2.98 -1.60 7.01
C ALA B 33 2.43 -1.10 5.66
N PHE B 34 2.37 -1.98 4.69
CA PHE B 34 1.84 -1.58 3.34
C PHE B 34 0.80 -2.62 2.87
N LEU B 35 -0.20 -2.22 2.10
CA LEU B 35 -1.21 -3.23 1.65
C LEU B 35 -2.10 -2.67 0.53
N VAL B 36 -2.20 -3.33 -0.59
CA VAL B 36 -3.07 -2.81 -1.69
C VAL B 36 -4.37 -3.60 -1.73
N ARG B 37 -5.49 -2.94 -1.87
CA ARG B 37 -6.79 -3.69 -1.85
C ARG B 37 -7.85 -3.01 -2.73
N LYS B 38 -8.90 -3.72 -3.06
CA LYS B 38 -9.98 -3.12 -3.89
C LYS B 38 -10.90 -2.29 -2.98
N ARG B 39 -11.21 -1.08 -3.39
CA ARG B 39 -12.07 -0.18 -2.56
C ARG B 39 -13.55 -0.26 -3.00
N ASN B 40 -14.45 0.17 -2.14
CA ASN B 40 -15.90 0.14 -2.50
C ASN B 40 -16.24 1.21 -3.57
N GLU B 41 -15.72 1.05 -4.76
CA GLU B 41 -16.00 2.02 -5.86
C GLU B 41 -15.51 1.44 -7.21
N PRO B 42 -16.24 1.72 -8.27
CA PRO B 42 -15.85 1.20 -9.62
C PRO B 42 -14.54 1.87 -10.06
N ASN B 43 -13.66 1.15 -10.72
CA ASN B 43 -12.35 1.78 -11.15
C ASN B 43 -11.72 2.44 -9.93
N SER B 44 -11.68 1.75 -8.84
CA SER B 44 -11.18 2.36 -7.58
C SER B 44 -10.47 1.35 -6.69
N TYR B 45 -9.17 1.25 -6.82
CA TYR B 45 -8.39 0.31 -5.96
C TYR B 45 -7.77 1.14 -4.82
N ALA B 46 -7.54 0.59 -3.67
CA ALA B 46 -6.97 1.44 -2.58
C ALA B 46 -5.67 0.87 -2.01
N ILE B 47 -4.76 1.74 -1.66
CA ILE B 47 -3.44 1.31 -1.09
C ILE B 47 -3.38 1.57 0.42
N SER B 48 -2.60 0.82 1.12
CA SER B 48 -2.47 1.02 2.60
C SER B 48 -1.00 1.35 2.92
N PHE B 49 -0.76 2.48 3.53
CA PHE B 49 0.65 2.89 3.83
C PHE B 49 0.73 3.39 5.28
N ARG B 50 1.32 2.62 6.16
CA ARG B 50 1.43 3.08 7.58
C ARG B 50 2.79 3.69 7.86
N ALA B 51 2.82 4.95 8.24
CA ALA B 51 4.11 5.63 8.56
C ALA B 51 4.06 6.19 9.99
N GLU B 52 5.19 6.35 10.61
CA GLU B 52 5.21 6.86 12.02
C GLU B 52 4.63 8.29 12.13
N GLY B 53 3.46 8.41 12.71
CA GLY B 53 2.82 9.76 12.88
C GLY B 53 2.23 10.26 11.57
N LYS B 54 1.89 9.37 10.66
CA LYS B 54 1.30 9.83 9.36
C LYS B 54 0.68 8.65 8.57
N ILE B 55 -0.58 8.73 8.26
CA ILE B 55 -1.23 7.62 7.49
C ILE B 55 -2.28 8.19 6.52
N LYS B 56 -2.31 7.68 5.31
CA LYS B 56 -3.30 8.17 4.30
C LYS B 56 -3.48 7.11 3.20
N HIS B 57 -4.67 6.92 2.73
CA HIS B 57 -4.90 5.89 1.66
C HIS B 57 -6.20 6.19 0.90
N CYS B 58 -6.17 6.09 -0.41
CA CYS B 58 -7.40 6.40 -1.19
C CYS B 58 -7.52 5.49 -2.43
N ARG B 59 -8.41 5.84 -3.35
CA ARG B 59 -8.64 4.97 -4.54
C ARG B 59 -7.68 5.22 -5.74
N VAL B 60 -7.38 4.17 -6.44
CA VAL B 60 -6.52 4.21 -7.65
C VAL B 60 -7.37 3.82 -8.86
N GLN B 61 -7.01 4.24 -10.04
CA GLN B 61 -7.81 3.87 -11.26
C GLN B 61 -7.24 2.61 -11.89
N GLN B 62 -7.94 1.51 -11.81
CA GLN B 62 -7.41 0.25 -12.40
C GLN B 62 -7.96 0.01 -13.81
N GLU B 63 -7.11 -0.40 -14.72
CA GLU B 63 -7.55 -0.67 -16.12
C GLU B 63 -6.89 -1.98 -16.59
N GLY B 64 -7.59 -2.80 -17.33
CA GLY B 64 -6.96 -4.07 -17.80
C GLY B 64 -5.94 -3.73 -18.88
N GLN B 65 -4.75 -3.37 -18.47
CA GLN B 65 -3.63 -2.99 -19.40
C GLN B 65 -2.72 -2.01 -18.69
N THR B 66 -3.28 -1.06 -17.96
CA THR B 66 -2.42 -0.06 -17.25
C THR B 66 -3.20 0.65 -16.12
N VAL B 67 -3.00 0.24 -14.89
CA VAL B 67 -3.71 0.91 -13.74
C VAL B 67 -3.09 2.30 -13.50
N MET B 68 -3.86 3.22 -13.01
CA MET B 68 -3.31 4.59 -12.73
C MET B 68 -3.71 5.06 -11.33
N LEU B 69 -2.77 5.48 -10.55
CA LEU B 69 -3.11 5.98 -9.18
C LEU B 69 -3.61 7.42 -9.30
N GLY B 70 -3.95 8.07 -8.22
CA GLY B 70 -4.41 9.48 -8.35
C GLY B 70 -3.17 10.37 -8.30
N ASN B 71 -2.55 10.53 -9.45
CA ASN B 71 -1.29 11.35 -9.58
C ASN B 71 -0.70 11.12 -10.97
N SER B 72 -0.57 9.87 -11.39
CA SER B 72 -0.01 9.58 -12.75
C SER B 72 -0.13 8.08 -13.08
N GLU B 73 0.38 7.66 -14.22
CA GLU B 73 0.31 6.22 -14.59
C GLU B 73 1.30 5.40 -13.76
N PHE B 74 0.94 4.20 -13.40
CA PHE B 74 1.85 3.35 -12.57
C PHE B 74 1.60 1.87 -12.88
N ASP B 75 2.54 1.01 -12.60
CA ASP B 75 2.27 -0.43 -12.90
C ASP B 75 1.41 -1.06 -11.79
N SER B 76 0.18 -1.28 -12.14
CA SER B 76 -0.86 -1.92 -11.25
C SER B 76 -0.58 -1.78 -9.75
N LEU B 77 -0.57 -0.57 -9.21
CA LEU B 77 -0.34 -0.37 -7.72
C LEU B 77 1.02 -0.92 -7.27
N VAL B 78 1.28 -2.16 -7.56
CA VAL B 78 2.57 -2.81 -7.18
C VAL B 78 3.75 -1.93 -7.58
N ASP B 79 3.59 -1.09 -8.57
CA ASP B 79 4.71 -0.21 -8.98
C ASP B 79 5.10 0.74 -7.84
N LEU B 80 4.28 1.74 -7.56
CA LEU B 80 4.62 2.69 -6.45
C LEU B 80 4.79 1.92 -5.14
N ILE B 81 4.04 0.87 -4.91
CA ILE B 81 4.24 0.08 -3.65
C ILE B 81 5.63 -0.56 -3.73
N SER B 82 6.02 -1.01 -4.91
CA SER B 82 7.39 -1.59 -5.08
C SER B 82 8.40 -0.48 -4.87
N TYR B 83 8.14 0.69 -5.43
CA TYR B 83 9.05 1.84 -5.23
C TYR B 83 9.19 2.10 -3.72
N TYR B 84 8.10 1.97 -2.99
CA TYR B 84 8.16 2.17 -1.52
C TYR B 84 8.99 1.04 -0.89
N GLU B 85 8.85 -0.19 -1.36
CA GLU B 85 9.67 -1.30 -0.81
C GLU B 85 11.16 -0.96 -1.02
N LYS B 86 11.45 -0.37 -2.14
CA LYS B 86 12.85 0.03 -2.44
C LYS B 86 13.24 1.31 -1.67
N HIS B 87 12.37 2.29 -1.61
CA HIS B 87 12.69 3.56 -0.87
C HIS B 87 11.51 4.00 0.03
N PRO B 88 11.41 3.38 1.18
CA PRO B 88 10.36 3.70 2.18
C PRO B 88 10.87 4.76 3.18
N LEU B 89 11.78 4.37 4.05
CA LEU B 89 12.41 5.32 5.04
C LEU B 89 11.41 5.89 6.08
N TYR B 90 11.35 5.23 7.22
CA TYR B 90 10.48 5.67 8.36
C TYR B 90 10.88 4.87 9.62
N ARG B 91 12.18 4.75 9.84
CA ARG B 91 12.74 3.99 11.02
C ARG B 91 12.40 2.49 10.94
N LYS B 92 11.14 2.13 10.86
CA LYS B 92 10.77 0.68 10.76
C LYS B 92 9.86 0.49 9.55
N MET B 93 10.44 0.23 8.41
CA MET B 93 9.61 0.07 7.18
C MET B 93 10.44 -0.52 6.05
N LYS B 94 9.79 -0.84 4.95
CA LYS B 94 10.47 -1.41 3.73
C LYS B 94 9.53 -2.37 2.97
N LEU B 95 8.21 -2.26 3.15
CA LEU B 95 7.25 -3.19 2.46
C LEU B 95 7.47 -4.63 2.96
N ARG B 96 8.66 -5.15 2.84
CA ARG B 96 8.96 -6.54 3.30
C ARG B 96 9.08 -6.64 4.84
N TYR B 97 8.25 -5.96 5.59
CA TYR B 97 8.29 -6.06 7.08
C TYR B 97 6.87 -6.30 7.58
N PRO B 98 6.73 -7.04 8.64
CA PRO B 98 5.39 -7.33 9.17
C PRO B 98 5.06 -6.30 10.23
N ILE B 99 4.05 -6.53 10.99
CA ILE B 99 3.73 -5.59 12.07
C ILE B 99 3.83 -6.33 13.39
N ASN B 100 4.98 -6.30 14.00
CA ASN B 100 5.19 -7.01 15.29
C ASN B 100 4.87 -6.08 16.47
N GLU B 101 4.72 -6.63 17.64
CA GLU B 101 4.41 -5.78 18.83
C GLU B 101 5.69 -5.49 19.64
N GLU B 102 5.70 -4.42 20.41
CA GLU B 102 6.90 -4.07 21.23
C GLU B 102 7.33 -5.25 22.13
N ASN B 103 6.44 -6.18 22.38
CA ASN B 103 6.82 -7.36 23.22
C ASN B 103 7.71 -8.33 22.44
N SER B 104 7.76 -8.20 21.12
CA SER B 104 8.62 -9.12 20.31
C SER B 104 9.74 -8.35 19.62
N SER B 105 9.41 -7.45 18.72
CA SER B 105 10.46 -6.64 17.99
C SER B 105 9.79 -5.64 17.04
N ASP A 2 -18.39 9.54 5.53
CA ASP A 2 -18.26 8.05 5.47
C ASP A 2 -16.81 7.63 5.76
N THR A 3 -16.58 6.38 6.06
CA THR A 3 -15.19 5.91 6.34
C THR A 3 -14.69 4.92 5.28
N GLU A 4 -15.49 4.64 4.27
CA GLU A 4 -15.05 3.69 3.19
C GLU A 4 -15.08 4.39 1.82
N VAL A 5 -14.27 5.40 1.62
CA VAL A 5 -14.27 6.12 0.32
C VAL A 5 -13.13 7.16 0.23
N GLU A 7 -9.70 8.86 -2.72
CA GLU A 7 -9.27 8.97 -4.17
C GLU A 7 -7.74 9.18 -4.34
N SER A 8 -7.06 9.85 -3.43
CA SER A 8 -5.57 10.08 -3.61
C SER A 8 -4.75 9.35 -2.54
N PRO A 9 -4.32 8.14 -2.87
CA PRO A 9 -3.55 7.30 -1.92
C PRO A 9 -2.04 7.62 -1.95
N ALA A 11 1.34 8.40 -2.97
CA ALA A 11 1.97 8.75 -4.29
C ALA A 11 3.13 9.75 -4.08
N ASP A 12 3.97 9.49 -3.11
CA ASP A 12 5.11 10.43 -2.82
C ASP A 12 6.25 9.67 -2.10
N PRO A 13 7.40 9.64 -2.73
CA PRO A 13 8.58 8.94 -2.14
C PRO A 13 9.16 9.74 -0.95
N GLY B 1 13.24 -6.96 -9.38
CA GLY B 1 14.70 -7.03 -9.72
C GLY B 1 15.43 -5.83 -9.11
N SER B 2 15.44 -4.71 -9.79
CA SER B 2 16.13 -3.51 -9.23
C SER B 2 15.14 -2.66 -8.41
N PRO B 3 14.09 -2.16 -9.03
CA PRO B 3 13.09 -1.34 -8.30
C PRO B 3 11.89 -2.19 -7.85
N GLY B 4 12.12 -3.23 -7.07
CA GLY B 4 10.99 -4.09 -6.61
C GLY B 4 10.50 -4.97 -7.75
N ILE B 5 9.19 -5.09 -7.89
CA ILE B 5 8.58 -5.93 -9.00
C ILE B 5 8.74 -7.45 -8.73
N HIS B 6 9.73 -7.84 -7.97
CA HIS B 6 9.93 -9.29 -7.67
C HIS B 6 10.46 -9.47 -6.25
N GLU B 7 11.52 -8.79 -5.91
CA GLU B 7 12.09 -8.91 -4.52
C GLU B 7 11.41 -7.93 -3.54
N SER B 8 10.44 -7.14 -4.00
CA SER B 8 9.74 -6.20 -3.08
C SER B 8 8.74 -7.00 -2.21
N LYS B 9 7.45 -6.71 -2.24
CA LYS B 9 6.52 -7.52 -1.38
C LYS B 9 5.01 -7.28 -1.61
N GLU B 10 4.56 -6.06 -1.66
CA GLU B 10 3.08 -5.84 -1.80
C GLU B 10 2.58 -5.92 -3.24
N TRP B 11 2.37 -7.12 -3.71
CA TRP B 11 1.82 -7.32 -5.08
C TRP B 11 0.31 -7.64 -4.98
N TYR B 12 -0.25 -7.54 -3.78
CA TYR B 12 -1.71 -7.87 -3.56
C TYR B 12 -2.65 -6.92 -4.33
N HIS B 13 -2.45 -6.76 -5.61
CA HIS B 13 -3.36 -5.89 -6.43
C HIS B 13 -4.46 -6.76 -7.08
N ALA B 14 -5.51 -7.06 -6.36
CA ALA B 14 -6.60 -7.91 -6.96
C ALA B 14 -7.95 -7.68 -6.23
N SER B 15 -8.21 -8.42 -5.17
CA SER B 15 -9.52 -8.26 -4.43
C SER B 15 -9.50 -8.97 -3.07
N LEU B 16 -8.53 -8.69 -2.23
CA LEU B 16 -8.50 -9.34 -0.87
C LEU B 16 -9.52 -8.68 0.06
N THR B 17 -9.18 -8.44 1.30
CA THR B 17 -10.15 -7.77 2.21
C THR B 17 -10.18 -6.28 1.91
N ARG B 18 -11.32 -5.68 1.98
CA ARG B 18 -11.45 -4.23 1.72
C ARG B 18 -10.99 -3.44 2.96
N ALA B 19 -11.69 -2.41 3.34
CA ALA B 19 -11.27 -1.58 4.52
C ALA B 19 -10.76 -2.45 5.68
N GLN B 20 -11.19 -3.69 5.79
CA GLN B 20 -10.68 -4.57 6.88
C GLN B 20 -9.13 -4.59 6.85
N ALA B 21 -8.55 -4.82 5.69
CA ALA B 21 -7.06 -4.86 5.59
C ALA B 21 -6.47 -3.46 5.76
N GLU B 22 -6.96 -2.47 5.05
CA GLU B 22 -6.40 -1.09 5.22
C GLU B 22 -6.48 -0.69 6.69
N HIS B 23 -7.60 -0.97 7.33
CA HIS B 23 -7.74 -0.64 8.77
C HIS B 23 -6.75 -1.49 9.57
N MET B 24 -6.64 -2.77 9.27
CA MET B 24 -5.67 -3.63 10.00
C MET B 24 -4.25 -3.08 9.81
N LEU B 25 -3.90 -2.75 8.59
CA LEU B 25 -2.53 -2.22 8.34
C LEU B 25 -2.35 -0.83 8.94
N MET B 26 -3.19 0.11 8.59
CA MET B 26 -3.03 1.48 9.17
C MET B 26 -3.03 1.38 10.70
N ARG B 27 -3.78 0.45 11.25
CA ARG B 27 -3.84 0.29 12.73
C ARG B 27 -2.66 -0.51 13.27
N VAL B 28 -1.93 -1.27 12.45
CA VAL B 28 -0.79 -2.12 13.00
C VAL B 28 -0.06 -1.42 14.16
N PRO B 29 0.53 -2.23 15.00
CA PRO B 29 1.26 -1.74 16.21
C PRO B 29 2.41 -0.79 15.87
N ARG B 30 3.31 -1.20 15.02
CA ARG B 30 4.47 -0.31 14.69
C ARG B 30 4.41 0.25 13.28
N ASP B 31 5.15 1.30 13.03
CA ASP B 31 5.18 1.87 11.65
C ASP B 31 5.90 0.88 10.74
N GLY B 32 5.82 1.05 9.44
CA GLY B 32 6.49 0.07 8.53
C GLY B 32 5.48 -1.02 8.18
N ALA B 33 4.25 -0.63 8.02
CA ALA B 33 3.17 -1.59 7.67
C ALA B 33 2.59 -1.19 6.30
N PHE B 34 2.64 -2.06 5.34
CA PHE B 34 2.13 -1.70 3.97
C PHE B 34 1.16 -2.77 3.44
N LEU B 35 0.19 -2.37 2.65
CA LEU B 35 -0.79 -3.39 2.11
C LEU B 35 -1.68 -2.77 1.03
N VAL B 36 -1.76 -3.39 -0.12
CA VAL B 36 -2.64 -2.86 -1.20
C VAL B 36 -3.93 -3.69 -1.25
N ARG B 37 -5.05 -3.08 -1.03
CA ARG B 37 -6.33 -3.84 -1.02
C ARG B 37 -7.39 -3.15 -1.88
N LYS B 38 -8.45 -3.85 -2.21
CA LYS B 38 -9.50 -3.25 -3.07
C LYS B 38 -10.47 -2.40 -2.24
N ARG B 39 -11.04 -1.40 -2.86
CA ARG B 39 -11.99 -0.49 -2.15
C ARG B 39 -13.42 -0.76 -2.63
N ASN B 40 -14.40 -0.32 -1.88
CA ASN B 40 -15.83 -0.54 -2.30
C ASN B 40 -16.06 0.00 -3.71
N GLU B 41 -15.53 1.16 -4.03
CA GLU B 41 -15.72 1.73 -5.40
C GLU B 41 -14.93 0.88 -6.41
N PRO B 42 -15.54 0.55 -7.52
CA PRO B 42 -14.85 -0.26 -8.55
C PRO B 42 -13.70 0.55 -9.17
N ASN B 43 -12.62 -0.09 -9.53
CA ASN B 43 -11.46 0.64 -10.13
C ASN B 43 -10.91 1.69 -9.14
N SER B 44 -10.94 1.39 -7.87
CA SER B 44 -10.46 2.37 -6.85
C SER B 44 -9.71 1.65 -5.72
N TYR B 45 -8.76 0.81 -6.07
CA TYR B 45 -7.94 0.06 -5.07
C TYR B 45 -7.33 0.99 -4.01
N ALA B 46 -6.93 0.49 -2.87
CA ALA B 46 -6.33 1.39 -1.84
C ALA B 46 -5.01 0.83 -1.29
N ILE B 47 -4.06 1.70 -1.06
CA ILE B 47 -2.72 1.28 -0.52
C ILE B 47 -2.62 1.66 0.96
N SER B 48 -2.56 0.70 1.86
CA SER B 48 -2.43 1.05 3.30
C SER B 48 -0.94 1.09 3.67
N PHE B 49 -0.41 2.26 3.89
CA PHE B 49 1.06 2.37 4.24
C PHE B 49 1.26 3.14 5.55
N ARG B 50 1.75 2.47 6.57
CA ARG B 50 1.99 3.18 7.87
C ARG B 50 3.45 3.63 7.99
N ALA B 51 3.67 4.92 7.99
CA ALA B 51 5.05 5.47 8.11
C ALA B 51 5.33 5.88 9.57
N GLU B 52 6.55 6.22 9.87
CA GLU B 52 6.88 6.60 11.29
C GLU B 52 5.97 7.76 11.74
N GLY B 53 4.97 7.43 12.53
CA GLY B 53 4.01 8.47 13.03
C GLY B 53 3.34 9.19 11.84
N LYS B 54 3.18 8.51 10.73
CA LYS B 54 2.54 9.13 9.53
C LYS B 54 1.66 8.11 8.82
N ILE B 55 0.42 8.43 8.57
CA ILE B 55 -0.44 7.44 7.89
C ILE B 55 -1.39 8.11 6.88
N LYS B 56 -1.47 7.57 5.69
CA LYS B 56 -2.39 8.15 4.66
C LYS B 56 -2.65 7.12 3.54
N HIS B 57 -3.86 7.03 3.06
CA HIS B 57 -4.19 6.06 1.98
C HIS B 57 -5.46 6.51 1.24
N CYS B 58 -5.73 5.94 0.09
CA CYS B 58 -6.92 6.37 -0.72
C CYS B 58 -7.15 5.44 -1.93
N ARG B 59 -8.00 5.84 -2.86
CA ARG B 59 -8.31 4.99 -4.07
C ARG B 59 -7.26 5.07 -5.19
N VAL B 60 -7.08 3.98 -5.88
CA VAL B 60 -6.14 3.92 -7.05
C VAL B 60 -6.94 3.36 -8.24
N GLN B 61 -6.70 3.84 -9.43
CA GLN B 61 -7.46 3.30 -10.59
C GLN B 61 -6.70 2.11 -11.16
N GLN B 62 -7.38 1.08 -11.58
CA GLN B 62 -6.64 -0.09 -12.12
C GLN B 62 -7.32 -0.66 -13.36
N GLU B 63 -6.59 -0.78 -14.44
CA GLU B 63 -7.17 -1.33 -15.70
C GLU B 63 -6.32 -2.49 -16.18
N GLY B 64 -6.91 -3.49 -16.80
CA GLY B 64 -6.07 -4.61 -17.30
C GLY B 64 -5.28 -4.09 -18.49
N GLN B 65 -4.17 -3.46 -18.20
CA GLN B 65 -3.28 -2.84 -19.23
C GLN B 65 -2.60 -1.62 -18.59
N THR B 66 -3.27 -0.92 -17.68
CA THR B 66 -2.63 0.28 -17.04
C THR B 66 -3.39 0.75 -15.78
N VAL B 67 -2.78 0.62 -14.64
CA VAL B 67 -3.40 1.09 -13.35
C VAL B 67 -2.96 2.55 -13.08
N MET B 68 -3.60 3.24 -12.18
CA MET B 68 -3.20 4.66 -11.90
C MET B 68 -3.55 5.09 -10.47
N LEU B 69 -2.56 5.51 -9.73
CA LEU B 69 -2.83 6.02 -8.35
C LEU B 69 -3.26 7.48 -8.47
N GLY B 70 -3.45 8.18 -7.39
CA GLY B 70 -3.85 9.61 -7.54
C GLY B 70 -2.58 10.44 -7.61
N ASN B 71 -2.04 10.54 -8.79
CA ASN B 71 -0.77 11.30 -9.02
C ASN B 71 -0.20 10.91 -10.41
N SER B 72 -0.29 9.64 -10.77
CA SER B 72 0.23 9.20 -12.10
C SER B 72 -0.19 7.77 -12.42
N GLU B 73 0.06 7.33 -13.64
CA GLU B 73 -0.32 5.94 -14.04
C GLU B 73 0.79 4.94 -13.68
N PHE B 74 0.44 3.68 -13.52
CA PHE B 74 1.46 2.66 -13.14
C PHE B 74 0.99 1.24 -13.59
N ASP B 75 1.89 0.32 -13.80
CA ASP B 75 1.47 -1.05 -14.25
C ASP B 75 1.46 -2.05 -13.08
N SER B 76 0.29 -2.43 -12.63
CA SER B 76 0.13 -3.40 -11.48
C SER B 76 0.62 -2.76 -10.17
N LEU B 77 -0.28 -2.35 -9.30
CA LEU B 77 0.08 -1.69 -7.98
C LEU B 77 1.46 -2.10 -7.43
N VAL B 78 1.90 -3.31 -7.67
CA VAL B 78 3.27 -3.72 -7.23
C VAL B 78 4.28 -2.70 -7.80
N ASP B 79 3.88 -1.98 -8.82
CA ASP B 79 4.74 -0.97 -9.49
C ASP B 79 5.18 0.16 -8.51
N LEU B 80 4.31 1.09 -8.16
CA LEU B 80 4.73 2.15 -7.19
C LEU B 80 4.99 1.52 -5.83
N ILE B 81 4.29 0.44 -5.49
CA ILE B 81 4.57 -0.22 -4.18
C ILE B 81 6.00 -0.75 -4.21
N SER B 82 6.43 -1.31 -5.32
CA SER B 82 7.84 -1.80 -5.40
C SER B 82 8.78 -0.62 -5.29
N TYR B 83 8.52 0.43 -6.05
CA TYR B 83 9.39 1.64 -5.95
C TYR B 83 9.38 2.14 -4.51
N TYR B 84 8.25 2.06 -3.85
CA TYR B 84 8.18 2.48 -2.42
C TYR B 84 9.06 1.55 -1.57
N GLU B 85 9.06 0.27 -1.88
CA GLU B 85 9.91 -0.69 -1.11
C GLU B 85 11.38 -0.36 -1.37
N LYS B 86 11.67 0.12 -2.55
CA LYS B 86 13.06 0.46 -2.94
C LYS B 86 13.44 1.89 -2.49
N HIS B 87 12.51 2.80 -2.46
CA HIS B 87 12.82 4.21 -2.03
C HIS B 87 11.89 4.67 -0.88
N PRO B 88 11.75 3.84 0.13
CA PRO B 88 10.89 4.19 1.29
C PRO B 88 11.69 4.99 2.33
N LEU B 89 12.85 4.50 2.70
CA LEU B 89 13.72 5.19 3.71
C LEU B 89 13.01 5.34 5.07
N TYR B 90 12.50 6.51 5.41
CA TYR B 90 11.81 6.71 6.73
C TYR B 90 12.55 5.92 7.84
N ARG B 91 11.94 4.86 8.37
CA ARG B 91 12.60 4.05 9.44
C ARG B 91 12.45 2.55 9.13
N LYS B 92 11.60 1.84 9.86
CA LYS B 92 11.40 0.38 9.60
C LYS B 92 10.32 0.17 8.53
N MET B 93 10.35 0.93 7.46
CA MET B 93 9.31 0.75 6.41
C MET B 93 9.95 0.63 5.02
N LYS B 94 10.48 -0.52 4.71
CA LYS B 94 11.09 -0.77 3.37
C LYS B 94 10.29 -1.90 2.70
N LEU B 95 8.99 -1.87 2.93
CA LEU B 95 8.07 -2.93 2.40
C LEU B 95 8.58 -4.34 2.80
N ARG B 96 7.89 -5.37 2.41
CA ARG B 96 8.31 -6.76 2.80
C ARG B 96 8.54 -6.83 4.33
N TYR B 97 7.62 -6.29 5.09
CA TYR B 97 7.75 -6.32 6.57
C TYR B 97 6.38 -6.59 7.19
N PRO B 98 6.35 -7.29 8.29
CA PRO B 98 5.08 -7.62 8.95
C PRO B 98 4.73 -6.53 9.96
N ILE B 99 3.80 -6.78 10.81
CA ILE B 99 3.44 -5.78 11.84
C ILE B 99 3.73 -6.36 13.23
N ASN B 100 4.89 -6.05 13.77
CA ASN B 100 5.27 -6.61 15.11
C ASN B 100 4.54 -5.89 16.25
N GLU B 101 3.60 -6.54 16.88
CA GLU B 101 2.85 -5.91 18.01
C GLU B 101 3.79 -5.53 19.16
N GLU B 102 3.34 -4.65 20.02
CA GLU B 102 4.19 -4.18 21.19
C GLU B 102 5.13 -5.27 21.71
N ASN B 103 4.69 -6.51 21.76
CA ASN B 103 5.60 -7.62 22.23
C ASN B 103 6.97 -7.52 21.53
N SER B 104 6.98 -7.01 20.31
CA SER B 104 8.27 -6.85 19.55
C SER B 104 9.01 -8.19 19.45
N SER B 105 8.34 -9.20 18.96
CA SER B 105 8.97 -10.55 18.81
C SER B 105 8.55 -11.18 17.49
N ASP A 2 -11.79 9.20 2.91
CA ASP A 2 -12.49 9.10 4.23
C ASP A 2 -12.67 7.62 4.65
N THR A 3 -13.54 7.39 5.62
CA THR A 3 -13.80 5.99 6.12
C THR A 3 -13.90 4.99 4.97
N GLU A 4 -14.96 5.02 4.21
CA GLU A 4 -15.09 4.07 3.07
C GLU A 4 -15.17 4.84 1.75
N VAL A 5 -14.14 5.60 1.43
CA VAL A 5 -14.11 6.36 0.14
C VAL A 5 -12.80 7.13 -0.02
N GLU A 7 -9.45 8.32 -3.07
CA GLU A 7 -9.39 8.82 -4.49
C GLU A 7 -7.97 8.62 -5.09
N SER A 8 -6.94 8.95 -4.35
CA SER A 8 -5.54 8.77 -4.87
C SER A 8 -4.59 8.48 -3.69
N PRO A 9 -3.96 7.33 -3.71
CA PRO A 9 -3.05 6.95 -2.61
C PRO A 9 -1.62 7.43 -2.85
N ALA A 11 2.05 9.36 -3.26
CA ALA A 11 2.44 10.37 -4.30
C ALA A 11 3.97 10.33 -4.48
N ASP A 12 4.69 11.02 -3.62
CA ASP A 12 6.18 11.00 -3.71
C ASP A 12 6.76 10.05 -2.66
N PRO A 13 8.06 9.87 -2.69
CA PRO A 13 8.73 8.97 -1.71
C PRO A 13 8.66 9.58 -0.31
N GLY B 1 6.14 -0.87 -15.28
CA GLY B 1 6.76 -2.02 -14.54
C GLY B 1 8.27 -2.03 -14.77
N SER B 2 9.05 -1.69 -13.77
CA SER B 2 10.54 -1.69 -13.95
C SER B 2 11.29 -1.59 -12.61
N PRO B 3 11.18 -0.46 -11.93
CA PRO B 3 11.89 -0.28 -10.64
C PRO B 3 11.23 -1.12 -9.52
N GLY B 4 11.34 -2.42 -9.60
CA GLY B 4 10.74 -3.30 -8.55
C GLY B 4 9.92 -4.40 -9.20
N ILE B 5 8.72 -4.66 -8.72
CA ILE B 5 7.84 -5.73 -9.29
C ILE B 5 8.39 -7.16 -9.05
N HIS B 6 9.69 -7.33 -8.96
CA HIS B 6 10.26 -8.69 -8.71
C HIS B 6 10.73 -8.78 -7.25
N GLU B 7 11.57 -7.87 -6.84
CA GLU B 7 12.07 -7.88 -5.43
C GLU B 7 11.05 -7.17 -4.53
N SER B 8 10.39 -6.16 -5.05
CA SER B 8 9.38 -5.42 -4.23
C SER B 8 8.14 -6.29 -3.95
N LYS B 9 7.17 -5.75 -3.25
CA LYS B 9 5.96 -6.58 -2.92
C LYS B 9 4.65 -5.79 -3.10
N GLU B 10 3.64 -6.14 -2.34
CA GLU B 10 2.30 -5.45 -2.43
C GLU B 10 1.64 -5.69 -3.80
N TRP B 11 2.03 -6.73 -4.50
CA TRP B 11 1.41 -7.02 -5.84
C TRP B 11 0.16 -7.91 -5.70
N TYR B 12 0.00 -8.57 -4.59
CA TYR B 12 -1.20 -9.46 -4.40
C TYR B 12 -2.48 -8.63 -4.14
N HIS B 13 -2.84 -7.75 -5.04
CA HIS B 13 -4.08 -6.94 -4.82
C HIS B 13 -5.33 -7.76 -5.24
N ALA B 14 -5.72 -8.71 -4.43
CA ALA B 14 -6.92 -9.53 -4.77
C ALA B 14 -7.19 -10.61 -3.70
N SER B 15 -8.40 -11.09 -3.62
CA SER B 15 -8.77 -12.15 -2.63
C SER B 15 -8.20 -11.87 -1.23
N LEU B 16 -8.65 -10.79 -0.61
CA LEU B 16 -8.18 -10.46 0.77
C LEU B 16 -9.22 -9.58 1.49
N THR B 17 -8.82 -8.88 2.52
CA THR B 17 -9.77 -8.01 3.28
C THR B 17 -9.99 -6.64 2.62
N ARG B 18 -10.97 -5.93 3.12
CA ARG B 18 -11.29 -4.56 2.61
C ARG B 18 -10.69 -3.52 3.58
N ALA B 19 -11.38 -2.44 3.85
CA ALA B 19 -10.82 -1.39 4.78
C ALA B 19 -10.19 -1.99 6.04
N GLN B 20 -10.63 -3.15 6.47
CA GLN B 20 -10.02 -3.78 7.68
C GLN B 20 -8.49 -3.92 7.46
N ALA B 21 -8.07 -4.11 6.23
CA ALA B 21 -6.61 -4.21 5.94
C ALA B 21 -5.95 -2.87 6.29
N GLU B 22 -6.54 -1.78 5.86
CA GLU B 22 -5.99 -0.44 6.19
C GLU B 22 -6.03 -0.27 7.71
N HIS B 23 -7.08 -0.74 8.32
CA HIS B 23 -7.22 -0.63 9.81
C HIS B 23 -6.14 -1.47 10.51
N MET B 24 -5.93 -2.71 10.11
CA MET B 24 -4.90 -3.53 10.82
C MET B 24 -3.50 -3.02 10.51
N LEU B 25 -3.18 -2.81 9.26
CA LEU B 25 -1.81 -2.32 8.92
C LEU B 25 -1.55 -0.94 9.51
N MET B 26 -2.54 -0.09 9.58
CA MET B 26 -2.33 1.25 10.18
C MET B 26 -2.20 1.15 11.71
N ARG B 27 -3.05 0.35 12.33
CA ARG B 27 -3.03 0.20 13.83
C ARG B 27 -1.97 -0.79 14.36
N VAL B 28 -1.44 -1.68 13.54
CA VAL B 28 -0.45 -2.71 14.04
C VAL B 28 0.56 -2.14 15.06
N PRO B 29 1.15 -3.06 15.81
CA PRO B 29 2.14 -2.70 16.87
C PRO B 29 3.39 -2.00 16.32
N ARG B 30 3.81 -2.29 15.12
CA ARG B 30 5.03 -1.61 14.59
C ARG B 30 4.70 -0.73 13.39
N ASP B 31 5.57 0.19 13.08
CA ASP B 31 5.34 1.09 11.91
C ASP B 31 5.69 0.34 10.61
N GLY B 32 5.19 0.80 9.50
CA GLY B 32 5.48 0.11 8.20
C GLY B 32 4.18 -0.45 7.64
N ALA B 33 3.87 -1.68 7.98
CA ALA B 33 2.60 -2.34 7.52
C ALA B 33 2.24 -1.98 6.07
N PHE B 34 2.61 -2.82 5.14
CA PHE B 34 2.27 -2.53 3.70
C PHE B 34 1.31 -3.62 3.17
N LEU B 35 0.22 -3.23 2.57
CA LEU B 35 -0.74 -4.25 2.04
C LEU B 35 -1.81 -3.59 1.16
N VAL B 36 -1.97 -4.07 -0.03
CA VAL B 36 -3.01 -3.50 -0.94
C VAL B 36 -4.32 -4.29 -0.79
N ARG B 37 -5.44 -3.62 -0.72
CA ARG B 37 -6.73 -4.37 -0.56
C ARG B 37 -7.86 -3.68 -1.34
N LYS B 38 -8.94 -4.38 -1.59
CA LYS B 38 -10.05 -3.80 -2.38
C LYS B 38 -10.96 -2.94 -1.51
N ARG B 39 -11.69 -2.09 -2.14
CA ARG B 39 -12.61 -1.17 -1.42
C ARG B 39 -14.01 -1.20 -2.06
N ASN B 40 -15.03 -0.74 -1.36
CA ASN B 40 -16.43 -0.75 -1.94
C ASN B 40 -16.42 -0.33 -3.42
N GLU B 41 -15.64 0.68 -3.73
CA GLU B 41 -15.51 1.19 -5.15
C GLU B 41 -15.30 0.05 -6.18
N PRO B 42 -15.48 0.39 -7.44
CA PRO B 42 -15.25 -0.58 -8.55
C PRO B 42 -13.77 -0.53 -8.96
N ASN B 43 -13.34 0.54 -9.60
CA ASN B 43 -11.91 0.70 -10.01
C ASN B 43 -11.25 1.72 -9.07
N SER B 44 -10.66 1.27 -8.00
CA SER B 44 -10.07 2.24 -7.03
C SER B 44 -9.50 1.49 -5.80
N TYR B 45 -8.54 0.64 -6.05
CA TYR B 45 -7.90 -0.18 -4.97
C TYR B 45 -7.12 0.70 -3.97
N ALA B 46 -7.20 0.41 -2.70
CA ALA B 46 -6.45 1.25 -1.69
C ALA B 46 -5.23 0.49 -1.12
N ILE B 47 -4.23 1.22 -0.68
CA ILE B 47 -2.98 0.58 -0.14
C ILE B 47 -2.85 0.80 1.39
N SER B 48 -2.81 -0.25 2.17
CA SER B 48 -2.68 -0.09 3.65
C SER B 48 -1.20 0.17 4.00
N PHE B 49 -0.91 1.32 4.56
CA PHE B 49 0.52 1.66 4.89
C PHE B 49 0.63 2.32 6.28
N ARG B 50 1.68 2.00 7.01
CA ARG B 50 1.89 2.62 8.36
C ARG B 50 3.27 3.29 8.42
N ALA B 51 3.36 4.54 8.80
CA ALA B 51 4.71 5.20 8.85
C ALA B 51 4.96 5.81 10.25
N GLU B 52 6.20 6.10 10.56
CA GLU B 52 6.51 6.69 11.92
C GLU B 52 5.82 8.06 12.07
N GLY B 53 4.75 8.12 12.83
CA GLY B 53 4.02 9.41 13.04
C GLY B 53 3.47 9.91 11.69
N LYS B 54 2.89 9.03 10.90
CA LYS B 54 2.32 9.45 9.58
C LYS B 54 1.51 8.30 8.98
N ILE B 55 0.24 8.50 8.77
CA ILE B 55 -0.62 7.41 8.20
C ILE B 55 -1.53 7.99 7.10
N LYS B 56 -1.37 7.55 5.88
CA LYS B 56 -2.24 8.09 4.79
C LYS B 56 -2.27 7.13 3.58
N HIS B 57 -3.44 6.71 3.18
CA HIS B 57 -3.55 5.78 2.01
C HIS B 57 -4.93 5.91 1.36
N CYS B 58 -4.94 6.02 0.06
CA CYS B 58 -6.20 6.21 -0.70
C CYS B 58 -6.35 5.13 -1.81
N ARG B 59 -7.25 5.34 -2.72
CA ARG B 59 -7.50 4.32 -3.80
C ARG B 59 -6.74 4.61 -5.10
N VAL B 60 -6.09 3.62 -5.62
CA VAL B 60 -5.33 3.75 -6.90
C VAL B 60 -6.27 3.41 -8.07
N GLN B 61 -5.98 3.90 -9.25
CA GLN B 61 -6.86 3.57 -10.41
C GLN B 61 -6.22 2.42 -11.19
N GLN B 62 -6.80 1.26 -11.16
CA GLN B 62 -6.17 0.10 -11.86
C GLN B 62 -6.85 -0.19 -13.20
N GLU B 63 -6.08 -0.31 -14.25
CA GLU B 63 -6.69 -0.63 -15.58
C GLU B 63 -6.03 -1.89 -16.12
N GLY B 64 -6.75 -2.72 -16.84
CA GLY B 64 -6.07 -3.93 -17.40
C GLY B 64 -5.14 -3.44 -18.49
N GLN B 65 -3.97 -3.01 -18.08
CA GLN B 65 -2.96 -2.44 -19.01
C GLN B 65 -2.07 -1.48 -18.22
N THR B 66 -2.67 -0.69 -17.33
CA THR B 66 -1.85 0.27 -16.52
C THR B 66 -2.62 0.78 -15.28
N VAL B 67 -2.11 0.49 -14.11
CA VAL B 67 -2.75 0.98 -12.84
C VAL B 67 -2.10 2.33 -12.44
N MET B 68 -2.87 3.25 -11.91
CA MET B 68 -2.27 4.58 -11.56
C MET B 68 -2.56 5.02 -10.12
N LEU B 69 -1.50 5.23 -9.36
CA LEU B 69 -1.61 5.73 -7.96
C LEU B 69 -1.76 7.26 -8.03
N GLY B 70 -1.75 7.99 -6.93
CA GLY B 70 -1.89 9.47 -7.06
C GLY B 70 -0.50 10.03 -7.28
N ASN B 71 -0.07 10.03 -8.51
CA ASN B 71 1.28 10.53 -8.89
C ASN B 71 1.51 10.22 -10.39
N SER B 72 1.32 8.97 -10.78
CA SER B 72 1.50 8.60 -12.23
C SER B 72 0.97 7.19 -12.50
N GLU B 73 1.04 6.74 -13.72
CA GLU B 73 0.53 5.38 -14.09
C GLU B 73 1.66 4.34 -14.11
N PHE B 74 1.43 3.20 -13.51
CA PHE B 74 2.49 2.13 -13.51
C PHE B 74 1.84 0.76 -13.78
N ASP B 75 2.63 -0.29 -13.81
CA ASP B 75 2.03 -1.63 -14.05
C ASP B 75 1.61 -2.25 -12.72
N SER B 76 0.33 -2.21 -12.44
CA SER B 76 -0.24 -2.79 -11.18
C SER B 76 0.23 -2.03 -9.94
N LEU B 77 -0.52 -2.17 -8.86
CA LEU B 77 -0.15 -1.49 -7.59
C LEU B 77 1.32 -1.80 -7.25
N VAL B 78 1.75 -3.00 -7.53
CA VAL B 78 3.16 -3.38 -7.23
C VAL B 78 4.14 -2.39 -7.88
N ASP B 79 3.80 -1.80 -9.00
CA ASP B 79 4.75 -0.83 -9.62
C ASP B 79 4.83 0.43 -8.76
N LEU B 80 3.74 1.16 -8.62
CA LEU B 80 3.79 2.38 -7.74
C LEU B 80 4.33 2.00 -6.36
N ILE B 81 3.83 0.93 -5.79
CA ILE B 81 4.36 0.49 -4.47
C ILE B 81 5.86 0.21 -4.62
N SER B 82 6.25 -0.46 -5.69
CA SER B 82 7.71 -0.74 -5.92
C SER B 82 8.50 0.57 -5.87
N TYR B 83 7.99 1.59 -6.53
CA TYR B 83 8.69 2.92 -6.49
C TYR B 83 8.92 3.28 -5.02
N TYR B 84 7.90 3.14 -4.21
CA TYR B 84 8.03 3.45 -2.75
C TYR B 84 8.87 2.36 -2.05
N GLU B 85 8.79 1.13 -2.53
CA GLU B 85 9.58 0.01 -1.91
C GLU B 85 11.05 0.27 -2.13
N LYS B 86 11.40 0.79 -3.28
CA LYS B 86 12.83 1.10 -3.56
C LYS B 86 13.19 2.40 -2.84
N HIS B 87 12.24 3.30 -2.72
CA HIS B 87 12.49 4.59 -1.97
C HIS B 87 11.62 4.60 -0.71
N PRO B 88 12.07 3.87 0.30
CA PRO B 88 11.33 3.75 1.59
C PRO B 88 11.30 5.09 2.36
N LEU B 89 12.23 5.29 3.27
CA LEU B 89 12.35 6.54 4.11
C LEU B 89 11.48 6.45 5.36
N TYR B 90 11.53 5.33 6.03
CA TYR B 90 10.76 5.13 7.29
C TYR B 90 11.51 4.11 8.16
N ARG B 91 11.91 4.49 9.35
CA ARG B 91 12.69 3.53 10.21
C ARG B 91 11.94 2.21 10.44
N LYS B 92 12.47 1.13 9.89
CA LYS B 92 11.88 -0.26 10.03
C LYS B 92 10.83 -0.58 8.95
N MET B 93 10.58 0.30 8.01
CA MET B 93 9.54 -0.05 7.00
C MET B 93 9.90 0.41 5.58
N LYS B 94 10.36 -0.52 4.79
CA LYS B 94 10.73 -0.23 3.38
C LYS B 94 9.93 -1.18 2.46
N LEU B 95 8.61 -1.15 2.60
CA LEU B 95 7.70 -2.06 1.80
C LEU B 95 8.21 -3.51 1.81
N ARG B 96 8.79 -3.92 2.91
CA ARG B 96 9.29 -5.32 3.01
C ARG B 96 9.54 -5.69 4.50
N TYR B 97 8.53 -5.53 5.34
CA TYR B 97 8.70 -5.86 6.79
C TYR B 97 7.32 -6.16 7.39
N PRO B 98 7.28 -6.99 8.40
CA PRO B 98 5.99 -7.36 9.01
C PRO B 98 5.67 -6.40 10.16
N ILE B 99 4.75 -6.79 11.01
CA ILE B 99 4.41 -5.92 12.16
C ILE B 99 4.74 -6.67 13.47
N ASN B 100 5.79 -6.27 14.13
CA ASN B 100 6.21 -6.99 15.39
C ASN B 100 5.32 -6.61 16.57
N GLU B 101 4.66 -7.58 17.13
CA GLU B 101 3.77 -7.33 18.30
C GLU B 101 4.55 -6.79 19.50
N GLU B 102 4.24 -5.59 19.92
CA GLU B 102 4.91 -5.00 21.11
C GLU B 102 3.85 -4.84 22.21
N ASN B 103 3.02 -3.83 22.10
CA ASN B 103 1.93 -3.64 23.11
C ASN B 103 0.85 -4.72 22.93
N SER B 104 0.52 -5.03 21.70
CA SER B 104 -0.52 -6.08 21.42
C SER B 104 -0.66 -6.32 19.91
N SER B 105 -0.77 -7.56 19.50
CA SER B 105 -0.90 -7.88 18.04
C SER B 105 -1.93 -7.00 17.35
N ASP A 2 -13.49 3.07 9.31
CA ASP A 2 -14.31 1.86 8.90
C ASP A 2 -14.72 1.92 7.41
N THR A 3 -15.40 2.94 6.99
CA THR A 3 -15.83 3.02 5.55
C THR A 3 -14.63 3.25 4.63
N GLU A 4 -14.89 3.49 3.37
CA GLU A 4 -13.78 3.74 2.40
C GLU A 4 -14.15 4.85 1.41
N VAL A 5 -13.27 5.81 1.26
CA VAL A 5 -13.53 6.95 0.32
C VAL A 5 -12.27 7.83 0.19
N GLU A 7 -8.80 9.22 -2.65
CA GLU A 7 -8.56 9.58 -4.08
C GLU A 7 -7.07 9.39 -4.46
N SER A 8 -6.15 10.04 -3.77
CA SER A 8 -4.68 9.88 -4.11
C SER A 8 -3.94 9.21 -2.93
N PRO A 9 -3.52 7.98 -3.16
CA PRO A 9 -2.83 7.21 -2.10
C PRO A 9 -1.36 7.62 -1.91
N ALA A 11 2.47 8.44 -3.87
CA ALA A 11 3.26 8.59 -5.13
C ALA A 11 4.70 9.05 -4.79
N ASP A 12 4.83 10.03 -3.93
CA ASP A 12 6.19 10.52 -3.54
C ASP A 12 6.82 9.56 -2.51
N PRO A 13 8.12 9.68 -2.33
CA PRO A 13 8.83 8.80 -1.37
C PRO A 13 8.52 9.20 0.08
N GLY B 1 7.90 -1.02 -14.44
CA GLY B 1 8.64 0.28 -14.30
C GLY B 1 9.82 0.10 -13.35
N SER B 2 9.56 -0.09 -12.09
CA SER B 2 10.67 -0.28 -11.10
C SER B 2 11.06 -1.78 -11.03
N PRO B 3 12.30 -2.02 -10.64
CA PRO B 3 12.80 -3.42 -10.54
C PRO B 3 12.20 -4.13 -9.30
N GLY B 4 10.90 -4.26 -9.24
CA GLY B 4 10.25 -4.92 -8.07
C GLY B 4 9.21 -5.93 -8.56
N ILE B 5 7.99 -5.84 -8.07
CA ILE B 5 6.88 -6.78 -8.47
C ILE B 5 7.14 -8.24 -8.05
N HIS B 6 8.37 -8.68 -8.00
CA HIS B 6 8.66 -10.08 -7.61
C HIS B 6 9.30 -10.12 -6.22
N GLU B 7 10.44 -9.48 -6.06
CA GLU B 7 11.13 -9.49 -4.73
C GLU B 7 10.37 -8.60 -3.72
N SER B 8 9.61 -7.63 -4.16
CA SER B 8 8.86 -6.76 -3.20
C SER B 8 7.80 -7.60 -2.46
N LYS B 9 6.94 -7.00 -1.68
CA LYS B 9 5.93 -7.82 -0.92
C LYS B 9 4.46 -7.47 -1.23
N GLU B 10 4.09 -6.22 -1.34
CA GLU B 10 2.65 -5.88 -1.60
C GLU B 10 2.31 -5.81 -3.09
N TRP B 11 2.65 -6.82 -3.84
CA TRP B 11 2.32 -6.84 -5.30
C TRP B 11 1.10 -7.72 -5.59
N TYR B 12 0.44 -8.22 -4.57
CA TYR B 12 -0.75 -9.11 -4.81
C TYR B 12 -2.08 -8.37 -4.59
N HIS B 13 -2.35 -7.34 -5.35
CA HIS B 13 -3.64 -6.61 -5.20
C HIS B 13 -4.78 -7.48 -5.77
N ALA B 14 -5.21 -8.48 -5.03
CA ALA B 14 -6.29 -9.38 -5.55
C ALA B 14 -7.21 -9.89 -4.43
N SER B 15 -6.91 -11.05 -3.87
CA SER B 15 -7.80 -11.61 -2.80
C SER B 15 -7.24 -11.37 -1.38
N LEU B 16 -7.71 -10.35 -0.72
CA LEU B 16 -7.24 -10.05 0.68
C LEU B 16 -8.39 -9.43 1.48
N THR B 17 -8.10 -8.80 2.59
CA THR B 17 -9.19 -8.14 3.38
C THR B 17 -9.42 -6.74 2.82
N ARG B 18 -10.65 -6.34 2.69
CA ARG B 18 -10.97 -4.98 2.18
C ARG B 18 -10.53 -3.93 3.22
N ALA B 19 -11.32 -2.91 3.45
CA ALA B 19 -10.94 -1.85 4.45
C ALA B 19 -10.41 -2.48 5.76
N GLN B 20 -10.71 -3.74 6.02
CA GLN B 20 -10.18 -4.41 7.25
C GLN B 20 -8.64 -4.33 7.24
N ALA B 21 -8.03 -4.68 6.12
CA ALA B 21 -6.54 -4.63 6.01
C ALA B 21 -6.03 -3.19 6.17
N GLU B 22 -6.63 -2.26 5.48
CA GLU B 22 -6.20 -0.83 5.59
C GLU B 22 -6.29 -0.37 7.05
N HIS B 23 -7.38 -0.68 7.72
CA HIS B 23 -7.51 -0.28 9.15
C HIS B 23 -6.59 -1.13 10.03
N MET B 24 -6.42 -2.40 9.72
CA MET B 24 -5.52 -3.24 10.56
C MET B 24 -4.08 -2.72 10.42
N LEU B 25 -3.66 -2.44 9.21
CA LEU B 25 -2.27 -1.93 9.03
C LEU B 25 -2.14 -0.49 9.52
N MET B 26 -3.13 0.33 9.33
CA MET B 26 -3.01 1.72 9.87
C MET B 26 -2.90 1.64 11.40
N ARG B 27 -3.66 0.74 12.01
CA ARG B 27 -3.65 0.60 13.49
C ARG B 27 -2.50 -0.29 14.03
N VAL B 28 -1.86 -1.13 13.23
CA VAL B 28 -0.77 -2.00 13.82
C VAL B 28 0.23 -1.19 14.68
N PRO B 29 0.89 -1.89 15.56
CA PRO B 29 1.85 -1.26 16.55
C PRO B 29 3.11 -0.60 15.94
N ARG B 30 3.96 -1.35 15.30
CA ARG B 30 5.26 -0.78 14.78
C ARG B 30 5.07 0.22 13.61
N ASP B 31 5.81 0.03 12.54
CA ASP B 31 5.74 0.95 11.37
C ASP B 31 5.66 0.14 10.07
N GLY B 32 5.51 0.79 8.95
CA GLY B 32 5.42 0.06 7.66
C GLY B 32 3.96 -0.21 7.35
N ALA B 33 3.46 -1.36 7.72
CA ALA B 33 2.02 -1.68 7.45
C ALA B 33 1.65 -1.29 6.01
N PHE B 34 2.10 -2.05 5.06
CA PHE B 34 1.78 -1.74 3.63
C PHE B 34 0.85 -2.82 3.10
N LEU B 35 -0.18 -2.46 2.38
CA LEU B 35 -1.11 -3.49 1.83
C LEU B 35 -2.10 -2.86 0.86
N VAL B 36 -2.17 -3.40 -0.32
CA VAL B 36 -3.12 -2.84 -1.34
C VAL B 36 -4.43 -3.64 -1.31
N ARG B 37 -5.53 -2.99 -1.51
CA ARG B 37 -6.83 -3.72 -1.47
C ARG B 37 -7.83 -3.12 -2.47
N LYS B 38 -8.85 -3.86 -2.81
CA LYS B 38 -9.85 -3.36 -3.78
C LYS B 38 -10.87 -2.44 -3.08
N ARG B 39 -11.14 -1.28 -3.64
CA ARG B 39 -12.13 -0.37 -3.02
C ARG B 39 -13.48 -0.48 -3.72
N ASN B 40 -14.53 -0.06 -3.07
CA ASN B 40 -15.90 -0.16 -3.66
C ASN B 40 -16.06 0.81 -4.85
N GLU B 41 -15.47 1.98 -4.77
CA GLU B 41 -15.60 2.97 -5.90
C GLU B 41 -15.02 2.37 -7.20
N PRO B 42 -15.64 2.68 -8.32
CA PRO B 42 -15.15 2.15 -9.63
C PRO B 42 -13.79 2.77 -9.95
N ASN B 43 -12.89 2.03 -10.56
CA ASN B 43 -11.53 2.58 -10.85
C ASN B 43 -10.87 3.01 -9.53
N SER B 44 -11.29 2.43 -8.44
CA SER B 44 -10.77 2.86 -7.12
C SER B 44 -10.22 1.68 -6.31
N TYR B 45 -8.94 1.71 -6.02
CA TYR B 45 -8.28 0.63 -5.21
C TYR B 45 -7.94 1.18 -3.81
N ALA B 46 -6.85 0.75 -3.21
CA ALA B 46 -6.49 1.28 -1.85
C ALA B 46 -5.13 0.73 -1.40
N ILE B 47 -4.16 1.59 -1.15
CA ILE B 47 -2.80 1.12 -0.71
C ILE B 47 -2.60 1.45 0.78
N SER B 48 -2.73 0.48 1.65
CA SER B 48 -2.52 0.74 3.11
C SER B 48 -1.03 1.04 3.39
N PHE B 49 -0.76 2.08 4.13
CA PHE B 49 0.65 2.44 4.45
C PHE B 49 0.73 3.14 5.82
N ARG B 50 1.56 2.67 6.72
CA ARG B 50 1.69 3.35 8.05
C ARG B 50 3.14 3.77 8.28
N ALA B 51 3.41 5.05 8.35
CA ALA B 51 4.81 5.50 8.54
C ALA B 51 5.03 6.20 9.89
N GLU B 52 6.26 6.35 10.26
CA GLU B 52 6.61 7.00 11.56
C GLU B 52 6.20 8.50 11.55
N GLY B 53 5.32 8.89 12.44
CA GLY B 53 4.88 10.32 12.50
C GLY B 53 4.02 10.71 11.28
N LYS B 54 3.54 9.75 10.52
CA LYS B 54 2.69 10.09 9.33
C LYS B 54 1.93 8.84 8.84
N ILE B 55 0.64 8.96 8.64
CA ILE B 55 -0.16 7.79 8.17
C ILE B 55 -1.27 8.25 7.20
N LYS B 56 -1.33 7.67 6.03
CA LYS B 56 -2.40 8.06 5.06
C LYS B 56 -2.41 7.12 3.84
N HIS B 57 -3.57 6.80 3.31
CA HIS B 57 -3.64 5.88 2.13
C HIS B 57 -4.95 6.11 1.38
N CYS B 58 -4.92 5.96 0.08
CA CYS B 58 -6.17 6.19 -0.74
C CYS B 58 -6.29 5.16 -1.86
N ARG B 59 -7.21 5.38 -2.78
CA ARG B 59 -7.44 4.40 -3.88
C ARG B 59 -6.55 4.64 -5.12
N VAL B 60 -6.33 3.57 -5.85
CA VAL B 60 -5.55 3.64 -7.13
C VAL B 60 -6.51 3.30 -8.28
N GLN B 61 -6.22 3.73 -9.48
CA GLN B 61 -7.12 3.42 -10.64
C GLN B 61 -6.50 2.28 -11.45
N GLN B 62 -7.19 1.19 -11.64
CA GLN B 62 -6.59 0.07 -12.43
C GLN B 62 -7.24 -0.04 -13.81
N GLU B 63 -6.44 -0.02 -14.85
CA GLU B 63 -7.01 -0.14 -16.23
C GLU B 63 -6.82 -1.58 -16.74
N GLY B 64 -7.64 -2.04 -17.64
CA GLY B 64 -7.42 -3.43 -18.14
C GLY B 64 -6.20 -3.39 -19.05
N GLN B 65 -5.02 -3.46 -18.46
CA GLN B 65 -3.71 -3.40 -19.21
C GLN B 65 -2.71 -2.65 -18.31
N THR B 66 -3.19 -1.68 -17.57
CA THR B 66 -2.29 -0.90 -16.68
C THR B 66 -3.02 -0.45 -15.39
N VAL B 67 -2.41 0.42 -14.63
CA VAL B 67 -3.00 0.94 -13.37
C VAL B 67 -2.46 2.37 -13.12
N MET B 68 -3.24 3.20 -12.50
CA MET B 68 -2.78 4.58 -12.25
C MET B 68 -3.16 5.03 -10.83
N LEU B 69 -2.25 5.66 -10.15
CA LEU B 69 -2.55 6.16 -8.78
C LEU B 69 -3.34 7.48 -8.90
N GLY B 70 -3.56 8.17 -7.81
CA GLY B 70 -4.34 9.45 -7.90
C GLY B 70 -3.37 10.58 -8.27
N ASN B 71 -3.33 10.89 -9.55
CA ASN B 71 -2.43 11.96 -10.10
C ASN B 71 -1.05 11.37 -10.48
N SER B 72 -1.03 10.14 -10.96
CA SER B 72 0.27 9.49 -11.38
C SER B 72 0.03 8.07 -11.92
N GLU B 73 0.40 7.81 -13.15
CA GLU B 73 0.20 6.42 -13.72
C GLU B 73 1.42 5.55 -13.37
N PHE B 74 1.23 4.26 -13.23
CA PHE B 74 2.38 3.38 -12.89
C PHE B 74 2.15 1.95 -13.41
N ASP B 75 3.09 1.07 -13.17
CA ASP B 75 2.92 -0.32 -13.67
C ASP B 75 2.05 -1.16 -12.71
N SER B 76 1.01 -1.72 -13.26
CA SER B 76 0.01 -2.57 -12.52
C SER B 76 0.03 -2.45 -10.98
N LEU B 77 0.04 -1.24 -10.45
CA LEU B 77 0.04 -1.05 -8.95
C LEU B 77 1.30 -1.67 -8.31
N VAL B 78 1.54 -2.95 -8.51
CA VAL B 78 2.75 -3.61 -7.94
C VAL B 78 3.99 -2.76 -8.22
N ASP B 79 4.00 -2.01 -9.29
CA ASP B 79 5.20 -1.18 -9.62
C ASP B 79 5.35 -0.02 -8.63
N LEU B 80 4.33 0.79 -8.42
CA LEU B 80 4.49 1.92 -7.45
C LEU B 80 4.73 1.35 -6.04
N ILE B 81 4.01 0.30 -5.68
CA ILE B 81 4.29 -0.32 -4.35
C ILE B 81 5.72 -0.88 -4.38
N SER B 82 6.10 -1.47 -5.49
CA SER B 82 7.50 -2.00 -5.61
C SER B 82 8.49 -0.86 -5.43
N TYR B 83 8.20 0.29 -6.01
CA TYR B 83 9.11 1.45 -5.81
C TYR B 83 9.24 1.71 -4.31
N TYR B 84 8.12 1.72 -3.62
CA TYR B 84 8.15 1.92 -2.13
C TYR B 84 8.97 0.79 -1.46
N GLU B 85 8.92 -0.40 -1.99
CA GLU B 85 9.71 -1.54 -1.39
C GLU B 85 11.19 -1.39 -1.74
N LYS B 86 11.48 -1.17 -2.99
CA LYS B 86 12.90 -1.01 -3.43
C LYS B 86 13.54 0.20 -2.74
N HIS B 87 12.81 1.28 -2.62
CA HIS B 87 13.37 2.50 -1.96
C HIS B 87 12.63 2.78 -0.65
N PRO B 88 13.29 2.47 0.45
CA PRO B 88 12.68 2.69 1.79
C PRO B 88 12.63 4.18 2.13
N LEU B 89 11.45 4.73 2.13
CA LEU B 89 11.29 6.20 2.43
C LEU B 89 11.30 6.48 3.94
N TYR B 90 10.24 6.11 4.63
CA TYR B 90 10.16 6.40 6.09
C TYR B 90 11.09 5.45 6.88
N ARG B 91 12.36 5.42 6.52
CA ARG B 91 13.37 4.56 7.24
C ARG B 91 13.01 3.06 7.19
N LYS B 92 11.92 2.68 7.82
CA LYS B 92 11.52 1.24 7.83
C LYS B 92 10.41 0.94 6.80
N MET B 93 9.92 1.93 6.10
CA MET B 93 8.84 1.68 5.08
C MET B 93 9.46 1.09 3.81
N LYS B 94 10.04 -0.08 3.92
CA LYS B 94 10.67 -0.74 2.73
C LYS B 94 9.83 -1.96 2.28
N LEU B 95 8.56 -1.98 2.62
CA LEU B 95 7.68 -3.14 2.25
C LEU B 95 8.33 -4.46 2.71
N ARG B 96 8.77 -4.48 3.93
CA ARG B 96 9.41 -5.69 4.52
C ARG B 96 9.37 -5.59 6.06
N TYR B 97 8.20 -5.35 6.61
CA TYR B 97 8.06 -5.22 8.09
C TYR B 97 6.71 -5.79 8.52
N PRO B 98 6.69 -6.52 9.59
CA PRO B 98 5.43 -7.10 10.07
C PRO B 98 4.80 -6.13 11.06
N ILE B 99 3.82 -6.59 11.79
CA ILE B 99 3.21 -5.69 12.80
C ILE B 99 3.43 -6.32 14.20
N ASN B 100 4.49 -5.92 14.86
CA ASN B 100 4.79 -6.49 16.21
C ASN B 100 4.22 -5.61 17.33
N GLU B 101 3.28 -6.11 18.10
CA GLU B 101 2.69 -5.27 19.20
C GLU B 101 3.70 -5.04 20.33
N GLU B 102 3.84 -3.79 20.72
CA GLU B 102 4.81 -3.42 21.82
C GLU B 102 4.56 -4.24 23.10
N ASN B 103 3.35 -4.72 23.30
CA ASN B 103 3.07 -5.52 24.54
C ASN B 103 3.84 -6.86 24.55
N SER B 104 4.20 -7.37 23.41
CA SER B 104 4.94 -8.67 23.36
C SER B 104 6.42 -8.44 23.05
N SER B 105 6.71 -7.68 22.01
CA SER B 105 8.14 -7.42 21.63
C SER B 105 8.19 -6.36 20.54
N ASP A 2 -11.42 4.81 7.12
CA ASP A 2 -12.67 5.33 7.76
C ASP A 2 -13.81 4.32 7.57
N THR A 3 -14.25 4.11 6.35
CA THR A 3 -15.35 3.14 6.08
C THR A 3 -15.02 2.34 4.80
N GLU A 4 -15.37 2.85 3.64
CA GLU A 4 -15.06 2.13 2.36
C GLU A 4 -14.90 3.13 1.21
N VAL A 5 -14.38 4.30 1.50
CA VAL A 5 -14.19 5.33 0.42
C VAL A 5 -12.78 5.93 0.50
N GLU A 7 -9.56 8.37 -2.00
CA GLU A 7 -9.42 9.29 -3.19
C GLU A 7 -7.95 9.44 -3.66
N SER A 8 -7.06 10.00 -2.86
CA SER A 8 -5.63 10.16 -3.30
C SER A 8 -4.69 9.45 -2.31
N PRO A 9 -4.18 8.31 -2.73
CA PRO A 9 -3.27 7.50 -1.87
C PRO A 9 -1.82 7.99 -1.88
N ALA A 11 2.10 8.56 -4.38
CA ALA A 11 2.56 9.03 -5.72
C ALA A 11 4.04 8.69 -5.91
N ASP A 12 4.92 9.48 -5.37
CA ASP A 12 6.38 9.20 -5.51
C ASP A 12 6.91 8.51 -4.23
N PRO A 13 8.00 7.78 -4.37
CA PRO A 13 8.59 7.07 -3.21
C PRO A 13 9.16 8.08 -2.20
N GLY B 1 8.97 -0.74 -10.64
CA GLY B 1 9.27 -1.57 -11.84
C GLY B 1 10.36 -2.58 -11.52
N SER B 2 11.55 -2.40 -12.05
CA SER B 2 12.67 -3.36 -11.77
C SER B 2 12.83 -3.59 -10.25
N PRO B 3 12.91 -2.52 -9.48
CA PRO B 3 13.06 -2.67 -8.00
C PRO B 3 11.74 -3.15 -7.37
N GLY B 4 11.34 -4.36 -7.65
CA GLY B 4 10.07 -4.89 -7.07
C GLY B 4 9.39 -5.81 -8.10
N ILE B 5 8.07 -5.93 -8.07
CA ILE B 5 7.33 -6.84 -9.05
C ILE B 5 7.65 -8.34 -8.80
N HIS B 6 8.84 -8.64 -8.35
CA HIS B 6 9.25 -10.04 -8.06
C HIS B 6 10.00 -10.04 -6.72
N GLU B 7 10.85 -9.07 -6.52
CA GLU B 7 11.59 -8.94 -5.22
C GLU B 7 10.81 -8.01 -4.27
N SER B 8 9.54 -7.79 -4.52
CA SER B 8 8.73 -6.92 -3.62
C SER B 8 7.67 -7.77 -2.89
N LYS B 9 6.71 -7.16 -2.25
CA LYS B 9 5.71 -7.98 -1.50
C LYS B 9 4.30 -7.34 -1.50
N GLU B 10 4.17 -6.05 -1.40
CA GLU B 10 2.79 -5.44 -1.38
C GLU B 10 2.26 -5.18 -2.80
N TRP B 11 2.56 -6.05 -3.72
CA TRP B 11 2.07 -5.89 -5.12
C TRP B 11 0.87 -6.82 -5.41
N TYR B 12 0.60 -7.75 -4.53
CA TYR B 12 -0.52 -8.73 -4.73
C TYR B 12 -1.92 -8.06 -4.71
N HIS B 13 -2.14 -7.04 -5.48
CA HIS B 13 -3.50 -6.38 -5.49
C HIS B 13 -4.52 -7.32 -6.14
N ALA B 14 -4.96 -8.33 -5.42
CA ALA B 14 -5.97 -9.27 -5.98
C ALA B 14 -6.99 -9.69 -4.90
N SER B 15 -6.63 -10.58 -4.00
CA SER B 15 -7.59 -11.02 -2.94
C SER B 15 -7.00 -10.85 -1.54
N LEU B 16 -7.77 -10.33 -0.63
CA LEU B 16 -7.30 -10.11 0.79
C LEU B 16 -8.44 -9.53 1.63
N THR B 17 -8.13 -8.79 2.67
CA THR B 17 -9.20 -8.17 3.49
C THR B 17 -9.59 -6.82 2.88
N ARG B 18 -10.85 -6.49 2.95
CA ARG B 18 -11.37 -5.20 2.42
C ARG B 18 -10.99 -4.06 3.39
N ALA B 19 -11.87 -3.11 3.64
CA ALA B 19 -11.55 -1.96 4.55
C ALA B 19 -10.82 -2.42 5.82
N GLN B 20 -11.14 -3.58 6.32
CA GLN B 20 -10.45 -4.09 7.55
C GLN B 20 -8.92 -4.06 7.33
N ALA B 21 -8.46 -4.27 6.11
CA ALA B 21 -6.99 -4.21 5.85
C ALA B 21 -6.49 -2.77 6.05
N GLU B 22 -7.23 -1.79 5.56
CA GLU B 22 -6.83 -0.36 5.75
C GLU B 22 -6.87 -0.04 7.24
N HIS B 23 -7.92 -0.45 7.88
CA HIS B 23 -8.08 -0.20 9.34
C HIS B 23 -7.00 -0.94 10.13
N MET B 24 -6.70 -2.19 9.78
CA MET B 24 -5.66 -2.94 10.55
C MET B 24 -4.28 -2.33 10.32
N LEU B 25 -3.90 -2.11 9.09
CA LEU B 25 -2.53 -1.55 8.84
C LEU B 25 -2.43 -0.10 9.32
N MET B 26 -3.42 0.70 9.08
CA MET B 26 -3.33 2.10 9.59
C MET B 26 -3.25 2.05 11.13
N ARG B 27 -4.02 1.18 11.75
CA ARG B 27 -4.01 1.08 13.24
C ARG B 27 -2.90 0.17 13.83
N VAL B 28 -2.27 -0.73 13.08
CA VAL B 28 -1.25 -1.65 13.73
C VAL B 28 -0.29 -0.91 14.68
N PRO B 29 0.28 -1.67 15.60
CA PRO B 29 1.21 -1.12 16.63
C PRO B 29 2.48 -0.52 16.01
N ARG B 30 3.17 -1.27 15.19
CA ARG B 30 4.44 -0.73 14.59
C ARG B 30 4.18 0.00 13.27
N ASP B 31 5.15 0.76 12.83
CA ASP B 31 5.03 1.52 11.56
C ASP B 31 5.07 0.56 10.36
N GLY B 32 4.88 1.07 9.17
CA GLY B 32 4.90 0.19 7.95
C GLY B 32 3.47 -0.16 7.54
N ALA B 33 3.02 -1.34 7.90
CA ALA B 33 1.63 -1.77 7.54
C ALA B 33 1.32 -1.46 6.06
N PHE B 34 1.92 -2.19 5.15
CA PHE B 34 1.65 -1.95 3.69
C PHE B 34 0.65 -2.97 3.16
N LEU B 35 -0.31 -2.56 2.34
CA LEU B 35 -1.33 -3.55 1.81
C LEU B 35 -2.31 -2.92 0.81
N VAL B 36 -2.45 -3.50 -0.36
CA VAL B 36 -3.43 -2.95 -1.36
C VAL B 36 -4.74 -3.77 -1.26
N ARG B 37 -5.86 -3.28 -1.74
CA ARG B 37 -7.12 -4.10 -1.59
C ARG B 37 -8.32 -3.54 -2.37
N LYS B 38 -9.36 -4.35 -2.47
CA LYS B 38 -10.61 -3.92 -3.18
C LYS B 38 -11.67 -3.52 -2.13
N ARG B 39 -12.07 -2.27 -2.10
CA ARG B 39 -13.08 -1.82 -1.09
C ARG B 39 -14.26 -1.09 -1.76
N ASN B 40 -15.21 -1.82 -2.29
CA ASN B 40 -16.41 -1.21 -2.94
C ASN B 40 -16.03 -0.33 -4.16
N GLU B 41 -15.48 0.84 -3.94
CA GLU B 41 -15.11 1.73 -5.10
C GLU B 41 -14.14 1.02 -6.06
N PRO B 42 -14.63 0.72 -7.24
CA PRO B 42 -13.80 0.05 -8.27
C PRO B 42 -12.80 1.05 -8.85
N ASN B 43 -11.75 0.58 -9.49
CA ASN B 43 -10.74 1.55 -10.04
C ASN B 43 -10.26 2.48 -8.92
N SER B 44 -10.17 1.95 -7.73
CA SER B 44 -9.81 2.79 -6.56
C SER B 44 -8.95 1.99 -5.57
N TYR B 45 -8.12 1.10 -6.07
CA TYR B 45 -7.23 0.26 -5.19
C TYR B 45 -6.65 1.10 -4.03
N ALA B 46 -6.87 0.69 -2.81
CA ALA B 46 -6.30 1.46 -1.68
C ALA B 46 -4.94 0.89 -1.30
N ILE B 47 -4.00 1.73 -0.94
CA ILE B 47 -2.64 1.22 -0.57
C ILE B 47 -2.42 1.45 0.94
N SER B 48 -2.60 0.44 1.75
CA SER B 48 -2.38 0.61 3.23
C SER B 48 -0.92 1.03 3.46
N PHE B 49 -0.70 2.13 4.13
CA PHE B 49 0.70 2.60 4.37
C PHE B 49 0.79 3.36 5.70
N ARG B 50 1.64 2.92 6.60
CA ARG B 50 1.75 3.62 7.92
C ARG B 50 3.21 4.11 8.13
N ALA B 51 3.41 5.39 8.28
CA ALA B 51 4.80 5.90 8.49
C ALA B 51 4.97 6.50 9.89
N GLU B 52 6.18 6.55 10.36
CA GLU B 52 6.45 7.11 11.72
C GLU B 52 6.10 8.61 11.76
N GLY B 53 5.03 8.97 12.42
CA GLY B 53 4.61 10.40 12.51
C GLY B 53 3.72 10.78 11.31
N LYS B 54 3.26 9.82 10.55
CA LYS B 54 2.38 10.15 9.38
C LYS B 54 1.67 8.88 8.88
N ILE B 55 0.38 8.96 8.69
CA ILE B 55 -0.38 7.78 8.20
C ILE B 55 -1.44 8.25 7.20
N LYS B 56 -1.34 7.84 5.96
CA LYS B 56 -2.36 8.28 4.95
C LYS B 56 -2.37 7.36 3.72
N HIS B 57 -3.52 6.84 3.38
CA HIS B 57 -3.64 5.96 2.18
C HIS B 57 -5.01 6.16 1.53
N CYS B 58 -5.11 5.95 0.26
CA CYS B 58 -6.41 6.18 -0.45
C CYS B 58 -6.52 5.31 -1.73
N ARG B 59 -7.46 5.59 -2.57
CA ARG B 59 -7.69 4.77 -3.81
C ARG B 59 -6.76 5.11 -4.99
N VAL B 60 -6.27 4.09 -5.64
CA VAL B 60 -5.40 4.23 -6.83
C VAL B 60 -6.25 3.90 -8.07
N GLN B 61 -5.90 4.38 -9.24
CA GLN B 61 -6.72 4.05 -10.43
C GLN B 61 -6.14 2.81 -11.11
N GLN B 62 -6.98 1.97 -11.64
CA GLN B 62 -6.46 0.75 -12.32
C GLN B 62 -7.12 0.58 -13.68
N GLU B 63 -6.34 0.57 -14.72
CA GLU B 63 -6.91 0.41 -16.08
C GLU B 63 -6.17 -0.71 -16.81
N GLY B 64 -6.85 -1.47 -17.63
CA GLY B 64 -6.13 -2.54 -18.37
C GLY B 64 -5.29 -1.85 -19.43
N GLN B 65 -4.13 -1.39 -19.03
CA GLN B 65 -3.17 -0.65 -19.93
C GLN B 65 -2.35 0.32 -19.06
N THR B 66 -2.96 0.93 -18.06
CA THR B 66 -2.17 1.88 -17.19
C THR B 66 -2.87 2.20 -15.86
N VAL B 67 -2.38 1.67 -14.77
CA VAL B 67 -2.96 2.01 -13.41
C VAL B 67 -2.49 3.43 -13.04
N MET B 68 -3.02 4.01 -12.00
CA MET B 68 -2.56 5.38 -11.62
C MET B 68 -2.67 5.65 -10.12
N LEU B 69 -1.60 6.13 -9.55
CA LEU B 69 -1.58 6.48 -8.10
C LEU B 69 -2.27 7.84 -7.91
N GLY B 70 -2.26 8.40 -6.74
CA GLY B 70 -2.92 9.74 -6.57
C GLY B 70 -1.88 10.82 -6.83
N ASN B 71 -1.71 11.16 -8.09
CA ASN B 71 -0.72 12.21 -8.53
C ASN B 71 -0.38 11.97 -10.01
N SER B 72 -0.10 10.74 -10.38
CA SER B 72 0.25 10.44 -11.79
C SER B 72 -0.02 8.96 -12.14
N GLU B 73 -0.10 8.67 -13.41
CA GLU B 73 -0.35 7.26 -13.86
C GLU B 73 0.90 6.40 -13.65
N PHE B 74 0.76 5.10 -13.78
CA PHE B 74 1.94 4.20 -13.58
C PHE B 74 1.64 2.82 -14.15
N ASP B 75 2.51 1.89 -13.93
CA ASP B 75 2.24 0.51 -14.39
C ASP B 75 1.33 -0.15 -13.33
N SER B 76 0.97 -1.38 -13.54
CA SER B 76 0.08 -2.08 -12.56
C SER B 76 0.49 -1.75 -11.12
N LEU B 77 -0.48 -1.63 -10.24
CA LEU B 77 -0.19 -1.30 -8.81
C LEU B 77 1.08 -2.00 -8.31
N VAL B 78 1.35 -3.19 -8.80
CA VAL B 78 2.59 -3.92 -8.39
C VAL B 78 3.82 -3.02 -8.62
N ASP B 79 3.83 -2.24 -9.68
CA ASP B 79 5.00 -1.36 -9.97
C ASP B 79 5.04 -0.15 -9.03
N LEU B 80 3.99 0.66 -8.98
CA LEU B 80 4.05 1.85 -8.06
C LEU B 80 4.41 1.38 -6.64
N ILE B 81 3.83 0.30 -6.17
CA ILE B 81 4.21 -0.20 -4.82
C ILE B 81 5.64 -0.78 -4.91
N SER B 82 6.02 -1.36 -6.05
CA SER B 82 7.41 -1.90 -6.17
C SER B 82 8.39 -0.76 -5.92
N TYR B 83 8.13 0.40 -6.49
CA TYR B 83 9.01 1.57 -6.27
C TYR B 83 8.94 1.96 -4.80
N TYR B 84 7.75 2.01 -4.24
CA TYR B 84 7.62 2.36 -2.78
C TYR B 84 8.30 1.26 -1.93
N GLU B 85 8.31 0.04 -2.40
CA GLU B 85 8.95 -1.08 -1.61
C GLU B 85 10.46 -0.89 -1.60
N LYS B 86 11.03 -0.68 -2.74
CA LYS B 86 12.51 -0.49 -2.82
C LYS B 86 12.90 0.94 -2.40
N HIS B 87 11.97 1.89 -2.45
CA HIS B 87 12.29 3.30 -2.03
C HIS B 87 11.37 3.71 -0.86
N PRO B 88 11.65 3.17 0.31
CA PRO B 88 10.83 3.45 1.53
C PRO B 88 11.38 4.65 2.32
N LEU B 89 12.55 4.49 2.91
CA LEU B 89 13.23 5.59 3.70
C LEU B 89 12.56 5.87 5.06
N TYR B 90 11.81 4.95 5.62
CA TYR B 90 11.18 5.19 6.96
C TYR B 90 11.74 4.23 8.02
N ARG B 91 13.00 3.87 7.92
CA ARG B 91 13.64 2.94 8.91
C ARG B 91 12.92 1.57 8.91
N LYS B 92 11.86 1.40 9.66
CA LYS B 92 11.14 0.09 9.67
C LYS B 92 10.13 0.04 8.49
N MET B 93 10.59 0.38 7.33
CA MET B 93 9.69 0.39 6.13
C MET B 93 10.29 -0.52 5.04
N LYS B 94 10.09 -0.15 3.79
CA LYS B 94 10.63 -0.93 2.61
C LYS B 94 9.61 -1.99 2.16
N LEU B 95 8.36 -1.86 2.54
CA LEU B 95 7.32 -2.85 2.14
C LEU B 95 7.69 -4.26 2.64
N ARG B 96 6.84 -5.23 2.44
CA ARG B 96 7.15 -6.61 2.93
C ARG B 96 7.48 -6.61 4.42
N TYR B 97 6.85 -5.75 5.19
CA TYR B 97 7.14 -5.71 6.65
C TYR B 97 5.83 -5.83 7.42
N PRO B 98 5.83 -6.62 8.47
CA PRO B 98 4.61 -6.78 9.26
C PRO B 98 4.59 -5.69 10.33
N ILE B 99 3.81 -5.87 11.35
CA ILE B 99 3.77 -4.84 12.41
C ILE B 99 4.22 -5.46 13.75
N ASN B 100 5.36 -5.03 14.25
CA ASN B 100 5.88 -5.60 15.54
C ASN B 100 5.14 -5.03 16.76
N GLU B 101 4.93 -5.83 17.77
CA GLU B 101 4.21 -5.34 18.99
C GLU B 101 5.16 -5.33 20.20
N GLU B 102 4.97 -4.41 21.11
CA GLU B 102 5.87 -4.31 22.30
C GLU B 102 5.18 -4.84 23.57
N ASN B 103 3.89 -5.09 23.53
CA ASN B 103 3.19 -5.60 24.75
C ASN B 103 3.06 -7.14 24.67
N SER B 104 2.71 -7.65 23.51
CA SER B 104 2.56 -9.12 23.35
C SER B 104 3.65 -9.67 22.42
N SER B 105 4.89 -9.62 22.84
CA SER B 105 6.00 -10.12 21.99
C SER B 105 6.81 -11.20 22.73
N ASP A 2 -13.68 9.13 6.57
CA ASP A 2 -13.21 8.44 5.33
C ASP A 2 -13.00 6.92 5.58
N THR A 3 -14.02 6.25 6.05
CA THR A 3 -13.88 4.77 6.33
C THR A 3 -13.70 3.97 5.04
N GLU A 4 -14.38 4.34 3.98
CA GLU A 4 -14.24 3.59 2.69
C GLU A 4 -14.07 4.56 1.51
N VAL A 5 -13.39 5.64 1.73
CA VAL A 5 -13.17 6.64 0.62
C VAL A 5 -11.78 7.28 0.77
N GLU A 7 -9.63 8.20 -2.66
CA GLU A 7 -9.46 8.95 -3.95
C GLU A 7 -8.17 9.81 -3.95
N SER A 8 -7.17 9.44 -3.19
CA SER A 8 -5.90 10.26 -3.15
C SER A 8 -4.81 9.61 -4.01
N PRO A 9 -3.71 10.31 -4.18
CA PRO A 9 -2.58 9.81 -4.98
C PRO A 9 -1.43 9.25 -4.11
N ALA A 11 1.78 8.02 -4.65
CA ALA A 11 2.91 7.74 -5.61
C ALA A 11 4.28 7.95 -4.94
N ASP A 12 4.35 8.74 -3.89
CA ASP A 12 5.66 8.98 -3.21
C ASP A 12 5.64 8.46 -1.75
N PRO A 13 6.83 8.24 -1.22
CA PRO A 13 6.96 7.75 0.18
C PRO A 13 6.63 8.88 1.18
N GLY B 1 5.64 0.62 -15.11
CA GLY B 1 7.11 0.36 -15.05
C GLY B 1 7.38 -0.91 -14.23
N SER B 2 8.59 -1.07 -13.74
CA SER B 2 8.92 -2.29 -12.93
C SER B 2 10.01 -1.97 -11.90
N PRO B 3 9.72 -1.03 -11.02
CA PRO B 3 10.71 -0.64 -9.97
C PRO B 3 10.70 -1.68 -8.84
N GLY B 4 11.03 -2.91 -9.15
CA GLY B 4 11.03 -3.99 -8.12
C GLY B 4 10.11 -5.12 -8.58
N ILE B 5 8.93 -5.25 -8.02
CA ILE B 5 7.98 -6.35 -8.45
C ILE B 5 8.54 -7.77 -8.19
N HIS B 6 9.83 -7.98 -8.30
CA HIS B 6 10.42 -9.33 -8.02
C HIS B 6 11.11 -9.27 -6.66
N GLU B 7 11.80 -8.20 -6.40
CA GLU B 7 12.47 -8.02 -5.07
C GLU B 7 11.42 -7.58 -4.06
N SER B 8 10.63 -6.58 -4.40
CA SER B 8 9.56 -6.10 -3.48
C SER B 8 8.45 -7.14 -3.39
N LYS B 9 7.47 -6.92 -2.56
CA LYS B 9 6.36 -7.93 -2.48
C LYS B 9 4.95 -7.34 -2.26
N GLU B 10 4.80 -6.05 -2.12
CA GLU B 10 3.41 -5.49 -1.93
C GLU B 10 2.71 -5.36 -3.29
N TRP B 11 2.66 -6.44 -4.03
CA TRP B 11 2.02 -6.41 -5.38
C TRP B 11 0.64 -7.08 -5.38
N TYR B 12 0.46 -8.08 -4.55
CA TYR B 12 -0.84 -8.81 -4.50
C TYR B 12 -1.98 -7.88 -4.05
N HIS B 13 -2.45 -7.04 -4.93
CA HIS B 13 -3.57 -6.12 -4.57
C HIS B 13 -4.88 -6.63 -5.20
N ALA B 14 -5.45 -7.68 -4.63
CA ALA B 14 -6.72 -8.24 -5.19
C ALA B 14 -7.32 -9.28 -4.23
N SER B 15 -6.66 -10.41 -4.06
CA SER B 15 -7.21 -11.46 -3.15
C SER B 15 -6.98 -11.09 -1.68
N LEU B 16 -7.72 -10.13 -1.19
CA LEU B 16 -7.58 -9.71 0.24
C LEU B 16 -8.85 -8.99 0.70
N THR B 17 -8.89 -8.57 1.93
CA THR B 17 -10.10 -7.84 2.41
C THR B 17 -10.06 -6.39 1.96
N ARG B 18 -11.19 -5.76 1.91
CA ARG B 18 -11.25 -4.32 1.50
C ARG B 18 -10.73 -3.46 2.66
N ALA B 19 -11.32 -2.32 2.91
CA ALA B 19 -10.85 -1.42 4.01
C ALA B 19 -10.55 -2.17 5.31
N GLN B 20 -11.05 -3.39 5.47
CA GLN B 20 -10.73 -4.16 6.72
C GLN B 20 -9.20 -4.30 6.82
N ALA B 21 -8.56 -4.75 5.76
CA ALA B 21 -7.06 -4.88 5.78
C ALA B 21 -6.43 -3.51 6.09
N GLU B 22 -6.99 -2.45 5.56
CA GLU B 22 -6.43 -1.09 5.85
C GLU B 22 -6.59 -0.79 7.32
N HIS B 23 -7.76 -1.02 7.88
CA HIS B 23 -7.94 -0.76 9.33
C HIS B 23 -7.02 -1.70 10.13
N MET B 24 -6.86 -2.92 9.67
CA MET B 24 -5.96 -3.88 10.38
C MET B 24 -4.50 -3.39 10.31
N LEU B 25 -4.03 -3.01 9.15
CA LEU B 25 -2.62 -2.54 9.04
C LEU B 25 -2.44 -1.16 9.64
N MET B 26 -3.39 -0.28 9.52
CA MET B 26 -3.22 1.05 10.16
C MET B 26 -3.16 0.86 11.68
N ARG B 27 -4.00 -0.02 12.20
CA ARG B 27 -4.03 -0.27 13.66
C ARG B 27 -2.96 -1.28 14.16
N VAL B 28 -2.36 -2.09 13.31
CA VAL B 28 -1.37 -3.11 13.85
C VAL B 28 -0.42 -2.52 14.90
N PRO B 29 0.08 -3.41 15.73
CA PRO B 29 1.02 -3.00 16.83
C PRO B 29 2.35 -2.43 16.30
N ARG B 30 2.72 -2.71 15.09
CA ARG B 30 4.02 -2.17 14.58
C ARG B 30 3.82 -0.98 13.64
N ASP B 31 4.42 0.14 13.93
CA ASP B 31 4.30 1.30 13.01
C ASP B 31 5.05 0.93 11.72
N GLY B 32 4.37 0.81 10.63
CA GLY B 32 5.04 0.41 9.36
C GLY B 32 4.23 -0.71 8.70
N ALA B 33 3.17 -0.37 8.05
CA ALA B 33 2.31 -1.39 7.37
C ALA B 33 2.10 -1.02 5.90
N PHE B 34 1.87 -1.98 5.06
CA PHE B 34 1.65 -1.69 3.60
C PHE B 34 0.60 -2.65 3.05
N LEU B 35 -0.40 -2.16 2.33
CA LEU B 35 -1.45 -3.11 1.84
C LEU B 35 -2.33 -2.46 0.77
N VAL B 36 -2.47 -3.10 -0.36
CA VAL B 36 -3.33 -2.54 -1.44
C VAL B 36 -4.55 -3.45 -1.61
N ARG B 37 -5.72 -2.91 -1.38
CA ARG B 37 -6.97 -3.72 -1.48
C ARG B 37 -7.96 -3.12 -2.49
N LYS B 38 -8.96 -3.86 -2.88
CA LYS B 38 -9.96 -3.32 -3.86
C LYS B 38 -10.94 -2.37 -3.15
N ARG B 39 -11.14 -1.22 -3.73
CA ARG B 39 -12.05 -0.20 -3.12
C ARG B 39 -13.48 -0.43 -3.60
N ASN B 40 -14.46 0.09 -2.90
CA ASN B 40 -15.87 -0.13 -3.34
C ASN B 40 -16.13 0.48 -4.71
N GLU B 41 -15.63 1.67 -4.96
CA GLU B 41 -15.82 2.31 -6.31
C GLU B 41 -15.16 1.45 -7.40
N PRO B 42 -15.76 1.44 -8.57
CA PRO B 42 -15.20 0.64 -9.70
C PRO B 42 -13.82 1.16 -10.08
N ASN B 43 -12.91 0.28 -10.48
CA ASN B 43 -11.50 0.71 -10.84
C ASN B 43 -10.78 1.22 -9.58
N SER B 44 -11.36 2.20 -8.94
CA SER B 44 -10.77 2.80 -7.70
C SER B 44 -10.18 1.77 -6.74
N TYR B 45 -9.03 2.10 -6.21
CA TYR B 45 -8.31 1.20 -5.25
C TYR B 45 -7.78 2.04 -4.07
N ALA B 46 -6.89 1.52 -3.28
CA ALA B 46 -6.36 2.33 -2.13
C ALA B 46 -5.15 1.64 -1.49
N ILE B 47 -4.12 2.41 -1.27
CA ILE B 47 -2.86 1.86 -0.66
C ILE B 47 -2.83 2.11 0.85
N SER B 48 -2.71 1.06 1.62
CA SER B 48 -2.64 1.22 3.12
C SER B 48 -1.19 1.35 3.55
N PHE B 49 -0.87 2.33 4.36
CA PHE B 49 0.55 2.49 4.80
C PHE B 49 0.66 3.05 6.22
N ARG B 50 1.04 2.24 7.17
CA ARG B 50 1.22 2.73 8.57
C ARG B 50 2.66 3.22 8.73
N ALA B 51 2.87 4.32 9.43
CA ALA B 51 4.26 4.83 9.59
C ALA B 51 4.51 5.38 11.00
N GLU B 52 5.75 5.62 11.32
CA GLU B 52 6.12 6.16 12.67
C GLU B 52 5.44 7.51 12.92
N GLY B 53 4.65 7.61 13.97
CA GLY B 53 3.94 8.88 14.29
C GLY B 53 3.26 9.45 13.03
N LYS B 54 2.73 8.60 12.18
CA LYS B 54 2.08 9.09 10.94
C LYS B 54 1.34 7.96 10.23
N ILE B 55 0.13 8.20 9.79
CA ILE B 55 -0.62 7.12 9.07
C ILE B 55 -1.41 7.76 7.92
N LYS B 56 -1.38 7.18 6.74
CA LYS B 56 -2.12 7.79 5.59
C LYS B 56 -2.24 6.83 4.39
N HIS B 57 -3.22 7.06 3.55
CA HIS B 57 -3.42 6.20 2.33
C HIS B 57 -3.98 7.03 1.16
N CYS B 58 -4.12 6.41 0.02
CA CYS B 58 -4.66 7.13 -1.18
C CYS B 58 -5.46 6.15 -2.05
N ARG B 59 -5.80 6.53 -3.25
CA ARG B 59 -6.57 5.62 -4.15
C ARG B 59 -5.88 5.48 -5.52
N VAL B 60 -6.09 4.38 -6.17
CA VAL B 60 -5.47 4.16 -7.51
C VAL B 60 -6.54 3.59 -8.46
N GLN B 61 -6.39 3.79 -9.73
CA GLN B 61 -7.40 3.24 -10.68
C GLN B 61 -6.80 1.99 -11.35
N GLN B 62 -7.30 0.83 -11.03
CA GLN B 62 -6.72 -0.41 -11.63
C GLN B 62 -7.25 -0.65 -13.05
N GLU B 63 -6.42 -1.17 -13.91
CA GLU B 63 -6.85 -1.47 -15.30
C GLU B 63 -6.27 -2.83 -15.71
N GLY B 64 -7.06 -3.68 -16.33
CA GLY B 64 -6.50 -5.01 -16.72
C GLY B 64 -5.48 -4.81 -17.84
N GLN B 65 -4.26 -4.51 -17.46
CA GLN B 65 -3.13 -4.25 -18.40
C GLN B 65 -2.23 -3.17 -17.79
N THR B 66 -2.81 -2.16 -17.19
CA THR B 66 -1.98 -1.07 -16.58
C THR B 66 -2.75 -0.30 -15.49
N VAL B 67 -2.48 -0.57 -14.23
CA VAL B 67 -3.17 0.19 -13.13
C VAL B 67 -2.66 1.64 -13.12
N MET B 68 -3.50 2.58 -12.75
CA MET B 68 -3.05 4.00 -12.77
C MET B 68 -3.40 4.75 -11.47
N LEU B 69 -2.40 5.29 -10.83
CA LEU B 69 -2.65 6.10 -9.60
C LEU B 69 -3.01 7.53 -10.04
N GLY B 70 -3.17 8.47 -9.14
CA GLY B 70 -3.50 9.85 -9.61
C GLY B 70 -2.20 10.59 -9.90
N ASN B 71 -1.68 10.37 -11.09
CA ASN B 71 -0.40 11.02 -11.54
C ASN B 71 0.10 10.34 -12.83
N SER B 72 0.10 9.03 -12.88
CA SER B 72 0.59 8.31 -14.12
C SER B 72 0.19 6.82 -14.12
N GLU B 73 0.55 6.12 -15.18
CA GLU B 73 0.19 4.67 -15.29
C GLU B 73 1.26 3.78 -14.62
N PHE B 74 0.82 2.75 -13.93
CA PHE B 74 1.79 1.82 -13.25
C PHE B 74 1.48 0.37 -13.59
N ASP B 75 2.46 -0.49 -13.66
CA ASP B 75 2.13 -1.91 -13.93
C ASP B 75 1.74 -2.52 -12.57
N SER B 76 0.45 -2.66 -12.34
CA SER B 76 -0.07 -3.19 -11.04
C SER B 76 0.33 -2.22 -9.92
N LEU B 77 -0.42 -2.16 -8.85
CA LEU B 77 -0.03 -1.23 -7.75
C LEU B 77 1.39 -1.54 -7.26
N VAL B 78 1.88 -2.74 -7.51
CA VAL B 78 3.27 -3.11 -7.10
C VAL B 78 4.26 -2.11 -7.67
N ASP B 79 3.93 -1.48 -8.76
CA ASP B 79 4.86 -0.52 -9.40
C ASP B 79 5.31 0.55 -8.37
N LEU B 80 4.46 1.51 -8.09
CA LEU B 80 4.84 2.57 -7.09
C LEU B 80 4.94 1.98 -5.68
N ILE B 81 4.13 1.01 -5.32
CA ILE B 81 4.27 0.41 -3.96
C ILE B 81 5.66 -0.22 -3.87
N SER B 82 6.11 -0.87 -4.93
CA SER B 82 7.49 -1.44 -4.94
C SER B 82 8.46 -0.27 -4.80
N TYR B 83 8.15 0.85 -5.42
CA TYR B 83 9.04 2.05 -5.26
C TYR B 83 9.28 2.26 -3.78
N TYR B 84 8.24 2.13 -2.98
CA TYR B 84 8.40 2.26 -1.50
C TYR B 84 9.30 1.12 -0.98
N GLU B 85 9.09 -0.10 -1.44
CA GLU B 85 9.98 -1.23 -0.99
C GLU B 85 11.42 -0.94 -1.39
N LYS B 86 11.61 -0.27 -2.50
CA LYS B 86 12.98 0.06 -2.97
C LYS B 86 13.47 1.39 -2.35
N HIS B 87 12.56 2.21 -1.88
CA HIS B 87 12.96 3.51 -1.24
C HIS B 87 11.96 3.85 -0.11
N PRO B 88 12.16 3.21 1.01
CA PRO B 88 11.26 3.40 2.18
C PRO B 88 11.53 4.75 2.88
N LEU B 89 12.49 4.76 3.79
CA LEU B 89 12.87 5.99 4.59
C LEU B 89 12.09 6.06 5.89
N TYR B 90 12.26 5.07 6.73
CA TYR B 90 11.56 5.05 8.06
C TYR B 90 12.48 4.39 9.09
N ARG B 91 11.94 4.01 10.22
CA ARG B 91 12.78 3.34 11.27
C ARG B 91 12.51 1.83 11.28
N LYS B 92 11.29 1.43 11.04
CA LYS B 92 10.96 -0.04 11.03
C LYS B 92 9.98 -0.38 9.90
N MET B 93 10.14 0.19 8.73
CA MET B 93 9.18 -0.14 7.64
C MET B 93 9.68 0.27 6.27
N LYS B 94 9.06 -0.26 5.26
CA LYS B 94 9.44 0.04 3.85
C LYS B 94 8.37 -0.60 2.94
N LEU B 95 8.20 -1.90 3.05
CA LEU B 95 7.16 -2.63 2.25
C LEU B 95 7.13 -4.10 2.69
N ARG B 96 8.27 -4.74 2.80
CA ARG B 96 8.30 -6.17 3.23
C ARG B 96 8.47 -6.27 4.76
N TYR B 97 7.39 -6.15 5.50
CA TYR B 97 7.47 -6.24 6.99
C TYR B 97 6.10 -6.65 7.54
N PRO B 98 6.09 -7.37 8.63
CA PRO B 98 4.81 -7.83 9.21
C PRO B 98 4.34 -6.81 10.24
N ILE B 99 3.39 -7.18 11.04
CA ILE B 99 2.94 -6.27 12.10
C ILE B 99 3.22 -6.91 13.46
N ASN B 100 4.37 -6.60 14.01
CA ASN B 100 4.78 -7.20 15.33
C ASN B 100 4.29 -6.34 16.50
N GLU B 101 4.34 -6.87 17.69
CA GLU B 101 3.90 -6.11 18.90
C GLU B 101 4.69 -4.81 19.07
N GLU B 102 4.02 -3.72 19.40
CA GLU B 102 4.74 -2.42 19.62
C GLU B 102 5.71 -2.53 20.80
N ASN B 103 5.57 -3.55 21.62
CA ASN B 103 6.48 -3.72 22.79
C ASN B 103 7.90 -4.10 22.33
N SER B 104 8.09 -4.45 21.08
CA SER B 104 9.45 -4.83 20.60
C SER B 104 10.14 -3.64 19.89
N SER B 105 9.76 -3.37 18.67
CA SER B 105 10.38 -2.22 17.91
C SER B 105 9.72 -2.13 16.52
N ASP A 2 -15.12 5.72 9.21
CA ASP A 2 -15.19 4.65 8.16
C ASP A 2 -14.05 4.80 7.14
N THR A 3 -12.88 4.31 7.47
CA THR A 3 -11.72 4.42 6.53
C THR A 3 -11.91 3.49 5.32
N GLU A 4 -12.89 3.75 4.48
CA GLU A 4 -13.10 2.88 3.28
C GLU A 4 -13.21 3.72 2.00
N VAL A 5 -14.13 4.65 1.94
CA VAL A 5 -14.30 5.47 0.68
C VAL A 5 -13.33 6.66 0.62
N GLU A 7 -9.98 8.59 -2.34
CA GLU A 7 -9.41 8.69 -3.74
C GLU A 7 -7.94 9.16 -3.64
N SER A 8 -7.10 8.80 -4.59
CA SER A 8 -5.65 9.23 -4.57
C SER A 8 -4.91 8.72 -3.33
N PRO A 9 -4.42 7.49 -3.40
CA PRO A 9 -3.69 6.88 -2.26
C PRO A 9 -2.22 7.34 -2.20
N ALA A 11 1.94 7.59 -4.22
CA ALA A 11 2.55 8.07 -5.49
C ALA A 11 4.08 8.15 -5.35
N ASP A 12 4.82 7.42 -6.16
CA ASP A 12 6.33 7.46 -6.08
C ASP A 12 6.83 7.02 -4.68
N PRO A 13 8.13 7.13 -4.49
CA PRO A 13 8.76 6.73 -3.20
C PRO A 13 8.66 7.84 -2.13
N GLY B 1 6.41 1.44 -14.56
CA GLY B 1 6.97 0.11 -14.12
C GLY B 1 8.46 0.04 -14.47
N SER B 2 9.32 0.10 -13.49
CA SER B 2 10.79 0.05 -13.78
C SER B 2 11.59 -0.50 -12.57
N PRO B 3 11.65 0.25 -11.49
CA PRO B 3 12.40 -0.22 -10.29
C PRO B 3 11.57 -1.25 -9.50
N GLY B 4 12.20 -2.33 -9.08
CA GLY B 4 11.46 -3.37 -8.31
C GLY B 4 10.47 -4.10 -9.24
N ILE B 5 9.18 -4.08 -8.91
CA ILE B 5 8.13 -4.75 -9.77
C ILE B 5 8.27 -6.29 -9.80
N HIS B 6 9.48 -6.81 -9.75
CA HIS B 6 9.66 -8.29 -9.78
C HIS B 6 10.13 -8.77 -8.40
N GLU B 7 11.07 -8.05 -7.82
CA GLU B 7 11.59 -8.43 -6.46
C GLU B 7 10.81 -7.71 -5.35
N SER B 8 10.22 -6.56 -5.64
CA SER B 8 9.49 -5.79 -4.56
C SER B 8 8.22 -6.50 -4.07
N LYS B 9 7.26 -5.76 -3.56
CA LYS B 9 6.02 -6.41 -3.01
C LYS B 9 4.74 -5.59 -3.26
N GLU B 10 3.72 -5.83 -2.45
CA GLU B 10 2.42 -5.09 -2.56
C GLU B 10 1.83 -5.18 -3.98
N TRP B 11 2.08 -6.26 -4.67
CA TRP B 11 1.50 -6.42 -6.05
C TRP B 11 0.25 -7.32 -6.04
N TYR B 12 -0.22 -7.72 -4.87
CA TYR B 12 -1.45 -8.59 -4.81
C TYR B 12 -2.73 -7.72 -4.74
N HIS B 13 -2.85 -6.78 -5.65
CA HIS B 13 -4.04 -5.88 -5.67
C HIS B 13 -5.23 -6.55 -6.39
N ALA B 14 -5.90 -7.46 -5.72
CA ALA B 14 -7.07 -8.14 -6.35
C ALA B 14 -8.36 -7.84 -5.56
N SER B 15 -8.63 -8.60 -4.53
CA SER B 15 -9.86 -8.36 -3.70
C SER B 15 -9.78 -9.12 -2.38
N LEU B 16 -8.78 -8.83 -1.58
CA LEU B 16 -8.68 -9.50 -0.25
C LEU B 16 -9.70 -8.85 0.69
N THR B 17 -9.34 -8.55 1.92
CA THR B 17 -10.31 -7.86 2.80
C THR B 17 -10.35 -6.40 2.38
N ARG B 18 -11.32 -5.66 2.81
CA ARG B 18 -11.37 -4.22 2.42
C ARG B 18 -10.57 -3.38 3.42
N ALA B 19 -11.04 -2.20 3.75
CA ALA B 19 -10.30 -1.29 4.69
C ALA B 19 -9.79 -2.04 5.93
N GLN B 20 -10.42 -3.12 6.33
CA GLN B 20 -9.92 -3.87 7.51
C GLN B 20 -8.43 -4.23 7.35
N ALA B 21 -7.99 -4.47 6.14
CA ALA B 21 -6.55 -4.83 5.90
C ALA B 21 -5.65 -3.59 6.09
N GLU B 22 -5.90 -2.54 5.34
CA GLU B 22 -5.05 -1.31 5.49
C GLU B 22 -5.26 -0.69 6.87
N HIS B 23 -6.46 -0.72 7.38
CA HIS B 23 -6.70 -0.15 8.75
C HIS B 23 -5.90 -0.97 9.77
N MET B 24 -5.91 -2.29 9.64
CA MET B 24 -5.11 -3.13 10.59
C MET B 24 -3.63 -2.74 10.48
N LEU B 25 -3.13 -2.64 9.27
CA LEU B 25 -1.69 -2.29 9.08
C LEU B 25 -1.40 -0.88 9.58
N MET B 26 -2.10 0.11 9.13
CA MET B 26 -1.84 1.50 9.64
C MET B 26 -1.85 1.48 11.17
N ARG B 27 -2.76 0.73 11.74
CA ARG B 27 -2.89 0.64 13.22
C ARG B 27 -1.91 -0.35 13.88
N VAL B 28 -1.27 -1.28 13.15
CA VAL B 28 -0.39 -2.28 13.86
C VAL B 28 0.52 -1.66 14.93
N PRO B 29 1.01 -2.54 15.78
CA PRO B 29 1.90 -2.14 16.93
C PRO B 29 3.23 -1.52 16.46
N ARG B 30 3.72 -1.90 15.31
CA ARG B 30 5.03 -1.34 14.85
C ARG B 30 4.86 -0.64 13.50
N ASP B 31 5.82 0.16 13.12
CA ASP B 31 5.76 0.92 11.82
C ASP B 31 5.89 -0.01 10.60
N GLY B 32 5.75 0.54 9.42
CA GLY B 32 5.87 -0.30 8.19
C GLY B 32 4.48 -0.70 7.71
N ALA B 33 4.09 -1.93 7.98
CA ALA B 33 2.73 -2.43 7.57
C ALA B 33 2.33 -1.93 6.17
N PHE B 34 2.75 -2.64 5.15
CA PHE B 34 2.39 -2.24 3.75
C PHE B 34 1.30 -3.19 3.21
N LEU B 35 0.38 -2.72 2.38
CA LEU B 35 -0.68 -3.65 1.87
C LEU B 35 -1.66 -2.92 0.95
N VAL B 36 -1.93 -3.45 -0.22
CA VAL B 36 -2.89 -2.81 -1.15
C VAL B 36 -4.21 -3.62 -1.16
N ARG B 37 -5.29 -3.00 -0.74
CA ARG B 37 -6.60 -3.75 -0.66
C ARG B 37 -7.64 -3.21 -1.65
N LYS B 38 -8.70 -3.98 -1.86
CA LYS B 38 -9.78 -3.56 -2.80
C LYS B 38 -10.75 -2.62 -2.09
N ARG B 39 -11.19 -1.60 -2.77
CA ARG B 39 -12.13 -0.61 -2.15
C ARG B 39 -13.58 -0.92 -2.50
N ASN B 40 -14.49 -0.36 -1.76
CA ASN B 40 -15.94 -0.60 -2.05
C ASN B 40 -16.30 -0.08 -3.46
N GLU B 41 -15.63 0.94 -3.93
CA GLU B 41 -15.94 1.50 -5.30
C GLU B 41 -15.33 0.60 -6.39
N PRO B 42 -15.86 0.71 -7.59
CA PRO B 42 -15.35 -0.10 -8.75
C PRO B 42 -13.92 0.35 -9.09
N ASN B 43 -13.07 -0.56 -9.57
CA ASN B 43 -11.64 -0.18 -9.89
C ASN B 43 -10.91 0.19 -8.59
N SER B 44 -11.42 1.21 -7.96
CA SER B 44 -10.91 1.74 -6.65
C SER B 44 -10.15 0.70 -5.82
N TYR B 45 -8.90 0.99 -5.57
CA TYR B 45 -8.04 0.11 -4.74
C TYR B 45 -7.31 1.02 -3.73
N ALA B 46 -6.57 0.50 -2.79
CA ALA B 46 -5.89 1.40 -1.81
C ALA B 46 -4.47 0.88 -1.47
N ILE B 47 -3.69 1.67 -0.77
CA ILE B 47 -2.30 1.24 -0.40
C ILE B 47 -2.03 1.49 1.10
N SER B 48 -1.89 0.45 1.88
CA SER B 48 -1.59 0.65 3.33
C SER B 48 -0.11 0.94 3.53
N PHE B 49 0.21 1.99 4.22
CA PHE B 49 1.64 2.34 4.45
C PHE B 49 1.79 3.00 5.82
N ARG B 50 2.37 2.32 6.77
CA ARG B 50 2.53 2.94 8.12
C ARG B 50 3.90 3.62 8.23
N ALA B 51 3.92 4.91 8.33
CA ALA B 51 5.22 5.65 8.45
C ALA B 51 5.34 6.26 9.85
N GLU B 52 6.53 6.64 10.23
CA GLU B 52 6.74 7.23 11.58
C GLU B 52 6.40 8.73 11.62
N GLY B 53 5.35 9.10 12.34
CA GLY B 53 4.98 10.55 12.46
C GLY B 53 4.05 11.03 11.33
N LYS B 54 3.76 10.20 10.34
CA LYS B 54 2.87 10.68 9.23
C LYS B 54 2.31 9.48 8.43
N ILE B 55 1.01 9.28 8.47
CA ILE B 55 0.40 8.14 7.70
C ILE B 55 -0.72 8.64 6.76
N LYS B 56 -0.73 8.21 5.53
CA LYS B 56 -1.82 8.66 4.59
C LYS B 56 -2.05 7.63 3.47
N HIS B 57 -3.30 7.29 3.23
CA HIS B 57 -3.64 6.30 2.15
C HIS B 57 -5.00 6.68 1.53
N CYS B 58 -5.35 6.10 0.41
CA CYS B 58 -6.64 6.47 -0.26
C CYS B 58 -6.99 5.49 -1.39
N ARG B 59 -7.94 5.86 -2.22
CA ARG B 59 -8.39 4.96 -3.34
C ARG B 59 -7.64 5.21 -4.67
N VAL B 60 -7.26 4.15 -5.33
CA VAL B 60 -6.56 4.26 -6.66
C VAL B 60 -7.41 3.54 -7.73
N GLN B 61 -7.21 3.84 -8.99
CA GLN B 61 -8.00 3.15 -10.05
C GLN B 61 -7.17 2.00 -10.63
N GLN B 62 -7.55 0.78 -10.37
CA GLN B 62 -6.74 -0.36 -10.91
C GLN B 62 -7.35 -0.94 -12.19
N GLU B 63 -6.53 -1.33 -13.12
CA GLU B 63 -7.02 -1.91 -14.41
C GLU B 63 -6.14 -3.11 -14.79
N GLY B 64 -6.69 -4.11 -15.45
CA GLY B 64 -5.84 -5.26 -15.86
C GLY B 64 -4.99 -4.78 -17.04
N GLN B 65 -3.88 -4.14 -16.72
CA GLN B 65 -2.94 -3.58 -17.74
C GLN B 65 -2.11 -2.48 -17.08
N THR B 66 -2.76 -1.61 -16.32
CA THR B 66 -2.02 -0.49 -15.64
C THR B 66 -2.91 0.22 -14.61
N VAL B 67 -2.63 0.05 -13.34
CA VAL B 67 -3.43 0.74 -12.27
C VAL B 67 -3.06 2.24 -12.24
N MET B 68 -3.98 3.09 -11.85
CA MET B 68 -3.67 4.54 -11.82
C MET B 68 -4.20 5.19 -10.54
N LEU B 69 -3.33 5.80 -9.78
CA LEU B 69 -3.79 6.51 -8.54
C LEU B 69 -4.30 7.88 -8.98
N GLY B 70 -4.67 8.74 -8.07
CA GLY B 70 -5.15 10.08 -8.53
C GLY B 70 -3.91 10.96 -8.64
N ASN B 71 -3.26 10.86 -9.78
CA ASN B 71 -2.02 11.64 -10.07
C ASN B 71 -1.37 11.09 -11.35
N SER B 72 -1.36 9.79 -11.54
CA SER B 72 -0.74 9.20 -12.76
C SER B 72 -1.00 7.68 -12.86
N GLU B 73 -0.69 7.10 -14.00
CA GLU B 73 -0.90 5.63 -14.20
C GLU B 73 0.35 4.83 -13.84
N PHE B 74 0.17 3.66 -13.29
CA PHE B 74 1.33 2.81 -12.89
C PHE B 74 1.14 1.37 -13.38
N ASP B 75 2.20 0.67 -13.70
CA ASP B 75 2.02 -0.74 -14.13
C ASP B 75 1.83 -1.57 -12.86
N SER B 76 0.58 -1.89 -12.56
CA SER B 76 0.25 -2.66 -11.32
C SER B 76 0.63 -1.82 -10.09
N LEU B 77 -0.15 -1.86 -9.04
CA LEU B 77 0.20 -1.05 -7.81
C LEU B 77 1.66 -1.32 -7.40
N VAL B 78 2.18 -2.47 -7.77
CA VAL B 78 3.61 -2.80 -7.47
C VAL B 78 4.54 -1.75 -8.08
N ASP B 79 4.10 -1.04 -9.08
CA ASP B 79 4.96 -0.01 -9.73
C ASP B 79 5.36 1.08 -8.72
N LEU B 80 4.46 1.94 -8.36
CA LEU B 80 4.83 3.00 -7.36
C LEU B 80 5.21 2.35 -6.04
N ILE B 81 4.57 1.26 -5.66
CA ILE B 81 4.97 0.59 -4.39
C ILE B 81 6.44 0.17 -4.53
N SER B 82 6.82 -0.32 -5.69
CA SER B 82 8.24 -0.72 -5.91
C SER B 82 9.13 0.51 -5.80
N TYR B 83 8.74 1.61 -6.41
CA TYR B 83 9.56 2.86 -6.31
C TYR B 83 9.80 3.14 -4.82
N TYR B 84 8.75 3.07 -4.04
CA TYR B 84 8.90 3.29 -2.57
C TYR B 84 9.76 2.18 -1.96
N GLU B 85 9.45 0.92 -2.18
CA GLU B 85 10.34 -0.14 -1.59
C GLU B 85 11.79 0.06 -2.04
N LYS B 86 11.97 0.46 -3.26
CA LYS B 86 13.34 0.70 -3.80
C LYS B 86 13.93 1.97 -3.15
N HIS B 87 13.09 2.89 -2.71
CA HIS B 87 13.59 4.13 -2.03
C HIS B 87 12.57 4.59 -0.97
N PRO B 88 12.41 3.75 0.04
CA PRO B 88 11.45 4.01 1.13
C PRO B 88 12.10 4.79 2.29
N LEU B 89 13.16 4.26 2.85
CA LEU B 89 13.83 4.94 4.00
C LEU B 89 12.86 5.01 5.19
N TYR B 90 12.49 6.19 5.64
CA TYR B 90 11.53 6.33 6.78
C TYR B 90 11.81 5.37 7.95
N ARG B 91 13.03 4.86 8.07
CA ARG B 91 13.37 3.92 9.18
C ARG B 91 12.51 2.64 9.12
N LYS B 92 13.13 1.49 9.28
CA LYS B 92 12.37 0.19 9.23
C LYS B 92 11.27 0.17 8.13
N MET B 93 11.51 0.85 7.03
CA MET B 93 10.49 0.88 5.92
C MET B 93 11.14 0.40 4.62
N LYS B 94 10.55 -0.58 3.96
CA LYS B 94 11.13 -1.09 2.68
C LYS B 94 10.20 -2.19 2.11
N LEU B 95 8.91 -2.00 2.23
CA LEU B 95 7.92 -3.01 1.71
C LEU B 95 8.30 -4.44 2.13
N ARG B 96 8.83 -4.61 3.33
CA ARG B 96 9.20 -5.97 3.82
C ARG B 96 9.31 -5.99 5.36
N TYR B 97 8.22 -5.76 6.05
CA TYR B 97 8.25 -5.77 7.55
C TYR B 97 6.87 -6.24 8.07
N PRO B 98 6.88 -7.04 9.11
CA PRO B 98 5.59 -7.54 9.65
C PRO B 98 5.10 -6.58 10.73
N ILE B 99 4.17 -7.02 11.52
CA ILE B 99 3.67 -6.15 12.61
C ILE B 99 3.90 -6.83 13.96
N ASN B 100 4.94 -6.43 14.67
CA ASN B 100 5.24 -7.09 15.98
C ASN B 100 4.29 -6.58 17.08
N GLU B 101 3.28 -7.34 17.40
CA GLU B 101 2.33 -6.91 18.47
C GLU B 101 2.71 -7.50 19.83
N GLU B 102 3.32 -6.72 20.67
CA GLU B 102 3.71 -7.22 22.02
C GLU B 102 2.48 -7.44 22.92
N ASN B 103 1.35 -6.88 22.57
CA ASN B 103 0.11 -7.07 23.41
C ASN B 103 -0.84 -8.11 22.80
N SER B 104 -0.60 -8.54 21.58
CA SER B 104 -1.47 -9.57 20.91
C SER B 104 -2.92 -9.06 20.70
N SER B 105 -3.09 -7.94 20.02
CA SER B 105 -4.46 -7.41 19.76
C SER B 105 -4.41 -6.22 18.78
N ASP A 2 -15.12 5.72 9.21
CA ASP A 2 -15.19 4.65 8.16
C ASP A 2 -14.05 4.80 7.14
N THR A 3 -12.88 4.31 7.47
CA THR A 3 -11.72 4.42 6.53
C THR A 3 -11.91 3.49 5.32
N GLU A 4 -12.89 3.75 4.48
CA GLU A 4 -13.10 2.88 3.28
C GLU A 4 -13.21 3.72 2.00
N VAL A 5 -14.13 4.65 1.94
CA VAL A 5 -14.30 5.47 0.68
C VAL A 5 -13.33 6.66 0.62
N GLU A 7 -9.98 8.59 -2.34
CA GLU A 7 -9.41 8.69 -3.74
C GLU A 7 -7.94 9.16 -3.64
N SER A 8 -7.10 8.80 -4.59
CA SER A 8 -5.65 9.23 -4.57
C SER A 8 -4.91 8.72 -3.33
N PRO A 9 -4.42 7.49 -3.40
CA PRO A 9 -3.69 6.88 -2.26
C PRO A 9 -2.22 7.34 -2.20
N ALA A 11 1.94 7.59 -4.22
CA ALA A 11 2.55 8.07 -5.49
C ALA A 11 4.08 8.15 -5.35
N ASP A 12 4.82 7.42 -6.16
CA ASP A 12 6.33 7.46 -6.08
C ASP A 12 6.83 7.02 -4.68
N PRO A 13 8.13 7.13 -4.49
CA PRO A 13 8.76 6.73 -3.20
C PRO A 13 8.66 7.84 -2.13
N GLY B 1 6.41 1.44 -14.56
CA GLY B 1 6.97 0.11 -14.12
C GLY B 1 8.46 0.04 -14.47
N SER B 2 9.32 0.10 -13.49
CA SER B 2 10.79 0.05 -13.78
C SER B 2 11.59 -0.50 -12.57
N PRO B 3 11.65 0.25 -11.49
CA PRO B 3 12.40 -0.22 -10.29
C PRO B 3 11.57 -1.25 -9.50
N GLY B 4 12.20 -2.33 -9.08
CA GLY B 4 11.46 -3.37 -8.31
C GLY B 4 10.47 -4.10 -9.24
N ILE B 5 9.18 -4.08 -8.91
CA ILE B 5 8.13 -4.75 -9.77
C ILE B 5 8.27 -6.29 -9.80
N HIS B 6 9.48 -6.81 -9.75
CA HIS B 6 9.66 -8.29 -9.78
C HIS B 6 10.13 -8.77 -8.40
N GLU B 7 11.07 -8.05 -7.82
CA GLU B 7 11.59 -8.43 -6.46
C GLU B 7 10.81 -7.71 -5.35
N SER B 8 10.22 -6.56 -5.64
CA SER B 8 9.49 -5.79 -4.56
C SER B 8 8.22 -6.50 -4.07
N LYS B 9 7.26 -5.76 -3.56
CA LYS B 9 6.02 -6.41 -3.01
C LYS B 9 4.74 -5.59 -3.26
N GLU B 10 3.72 -5.83 -2.45
CA GLU B 10 2.42 -5.09 -2.56
C GLU B 10 1.83 -5.18 -3.98
N TRP B 11 2.08 -6.26 -4.67
CA TRP B 11 1.50 -6.42 -6.05
C TRP B 11 0.25 -7.32 -6.04
N TYR B 12 -0.22 -7.72 -4.87
CA TYR B 12 -1.45 -8.59 -4.81
C TYR B 12 -2.73 -7.72 -4.74
N HIS B 13 -2.85 -6.78 -5.65
CA HIS B 13 -4.04 -5.88 -5.67
C HIS B 13 -5.23 -6.55 -6.39
N ALA B 14 -5.90 -7.46 -5.72
CA ALA B 14 -7.07 -8.14 -6.35
C ALA B 14 -8.36 -7.84 -5.56
N SER B 15 -8.63 -8.60 -4.53
CA SER B 15 -9.86 -8.36 -3.70
C SER B 15 -9.78 -9.12 -2.38
N LEU B 16 -8.78 -8.83 -1.58
CA LEU B 16 -8.68 -9.50 -0.25
C LEU B 16 -9.70 -8.85 0.69
N THR B 17 -9.34 -8.55 1.92
CA THR B 17 -10.31 -7.86 2.80
C THR B 17 -10.35 -6.40 2.38
N ARG B 18 -11.32 -5.66 2.81
CA ARG B 18 -11.37 -4.22 2.42
C ARG B 18 -10.57 -3.38 3.42
N ALA B 19 -11.04 -2.20 3.75
CA ALA B 19 -10.30 -1.29 4.69
C ALA B 19 -9.79 -2.04 5.93
N GLN B 20 -10.42 -3.12 6.33
CA GLN B 20 -9.92 -3.87 7.51
C GLN B 20 -8.43 -4.23 7.35
N ALA B 21 -7.99 -4.47 6.14
CA ALA B 21 -6.55 -4.83 5.90
C ALA B 21 -5.65 -3.59 6.09
N GLU B 22 -5.90 -2.54 5.34
CA GLU B 22 -5.05 -1.31 5.49
C GLU B 22 -5.26 -0.69 6.87
N HIS B 23 -6.46 -0.72 7.38
CA HIS B 23 -6.70 -0.15 8.75
C HIS B 23 -5.90 -0.97 9.77
N MET B 24 -5.91 -2.29 9.64
CA MET B 24 -5.11 -3.13 10.59
C MET B 24 -3.63 -2.74 10.48
N LEU B 25 -3.13 -2.64 9.27
CA LEU B 25 -1.69 -2.29 9.08
C LEU B 25 -1.40 -0.88 9.58
N MET B 26 -2.10 0.11 9.13
CA MET B 26 -1.84 1.50 9.64
C MET B 26 -1.85 1.48 11.17
N ARG B 27 -2.76 0.73 11.74
CA ARG B 27 -2.89 0.64 13.22
C ARG B 27 -1.91 -0.35 13.88
N VAL B 28 -1.27 -1.28 13.15
CA VAL B 28 -0.39 -2.28 13.86
C VAL B 28 0.52 -1.66 14.93
N PRO B 29 1.01 -2.54 15.78
CA PRO B 29 1.90 -2.14 16.93
C PRO B 29 3.23 -1.52 16.46
N ARG B 30 3.72 -1.90 15.31
CA ARG B 30 5.03 -1.34 14.85
C ARG B 30 4.86 -0.64 13.50
N ASP B 31 5.82 0.16 13.12
CA ASP B 31 5.76 0.92 11.82
C ASP B 31 5.89 -0.01 10.60
N GLY B 32 5.75 0.54 9.42
CA GLY B 32 5.87 -0.30 8.19
C GLY B 32 4.48 -0.70 7.71
N ALA B 33 4.09 -1.93 7.98
CA ALA B 33 2.73 -2.43 7.57
C ALA B 33 2.33 -1.93 6.17
N PHE B 34 2.75 -2.64 5.15
CA PHE B 34 2.39 -2.24 3.75
C PHE B 34 1.30 -3.19 3.21
N LEU B 35 0.38 -2.72 2.38
CA LEU B 35 -0.68 -3.65 1.87
C LEU B 35 -1.66 -2.92 0.95
N VAL B 36 -1.93 -3.45 -0.22
CA VAL B 36 -2.89 -2.81 -1.15
C VAL B 36 -4.21 -3.62 -1.16
N ARG B 37 -5.29 -3.00 -0.74
CA ARG B 37 -6.60 -3.75 -0.66
C ARG B 37 -7.64 -3.21 -1.65
N LYS B 38 -8.70 -3.98 -1.86
CA LYS B 38 -9.78 -3.56 -2.80
C LYS B 38 -10.75 -2.62 -2.09
N ARG B 39 -11.19 -1.60 -2.77
CA ARG B 39 -12.13 -0.61 -2.15
C ARG B 39 -13.58 -0.92 -2.50
N ASN B 40 -14.49 -0.36 -1.76
CA ASN B 40 -15.94 -0.60 -2.05
C ASN B 40 -16.30 -0.08 -3.46
N GLU B 41 -15.63 0.94 -3.93
CA GLU B 41 -15.94 1.50 -5.30
C GLU B 41 -15.33 0.60 -6.39
N PRO B 42 -15.86 0.71 -7.59
CA PRO B 42 -15.35 -0.10 -8.75
C PRO B 42 -13.92 0.35 -9.09
N ASN B 43 -13.07 -0.56 -9.57
CA ASN B 43 -11.64 -0.18 -9.89
C ASN B 43 -10.91 0.19 -8.59
N SER B 44 -11.42 1.21 -7.96
CA SER B 44 -10.91 1.74 -6.65
C SER B 44 -10.15 0.70 -5.82
N TYR B 45 -8.90 0.99 -5.57
CA TYR B 45 -8.04 0.11 -4.74
C TYR B 45 -7.31 1.02 -3.73
N ALA B 46 -6.57 0.50 -2.79
CA ALA B 46 -5.89 1.40 -1.81
C ALA B 46 -4.47 0.88 -1.47
N ILE B 47 -3.69 1.67 -0.77
CA ILE B 47 -2.30 1.24 -0.40
C ILE B 47 -2.03 1.49 1.10
N SER B 48 -1.89 0.45 1.88
CA SER B 48 -1.59 0.65 3.33
C SER B 48 -0.11 0.94 3.53
N PHE B 49 0.21 1.99 4.22
CA PHE B 49 1.64 2.34 4.45
C PHE B 49 1.79 3.00 5.82
N ARG B 50 2.37 2.32 6.77
CA ARG B 50 2.53 2.94 8.12
C ARG B 50 3.90 3.62 8.23
N ALA B 51 3.92 4.91 8.33
CA ALA B 51 5.22 5.65 8.45
C ALA B 51 5.34 6.26 9.85
N GLU B 52 6.53 6.64 10.23
CA GLU B 52 6.74 7.23 11.58
C GLU B 52 6.40 8.73 11.62
N GLY B 53 5.35 9.10 12.34
CA GLY B 53 4.98 10.55 12.46
C GLY B 53 4.05 11.03 11.33
N LYS B 54 3.76 10.20 10.34
CA LYS B 54 2.87 10.68 9.23
C LYS B 54 2.31 9.48 8.43
N ILE B 55 1.01 9.28 8.47
CA ILE B 55 0.40 8.14 7.70
C ILE B 55 -0.72 8.64 6.76
N LYS B 56 -0.73 8.21 5.53
CA LYS B 56 -1.82 8.66 4.59
C LYS B 56 -2.05 7.63 3.47
N HIS B 57 -3.30 7.29 3.23
CA HIS B 57 -3.64 6.30 2.15
C HIS B 57 -5.00 6.68 1.53
N CYS B 58 -5.35 6.10 0.41
CA CYS B 58 -6.64 6.47 -0.26
C CYS B 58 -6.99 5.49 -1.39
N ARG B 59 -7.94 5.86 -2.22
CA ARG B 59 -8.39 4.96 -3.34
C ARG B 59 -7.64 5.21 -4.67
N VAL B 60 -7.26 4.15 -5.33
CA VAL B 60 -6.56 4.26 -6.66
C VAL B 60 -7.41 3.54 -7.73
N GLN B 61 -7.21 3.84 -8.99
CA GLN B 61 -8.00 3.15 -10.05
C GLN B 61 -7.17 2.00 -10.63
N GLN B 62 -7.55 0.78 -10.37
CA GLN B 62 -6.74 -0.36 -10.91
C GLN B 62 -7.35 -0.94 -12.19
N GLU B 63 -6.53 -1.33 -13.12
CA GLU B 63 -7.02 -1.91 -14.41
C GLU B 63 -6.14 -3.11 -14.79
N GLY B 64 -6.69 -4.11 -15.45
CA GLY B 64 -5.84 -5.26 -15.86
C GLY B 64 -4.99 -4.78 -17.04
N GLN B 65 -3.88 -4.14 -16.72
CA GLN B 65 -2.94 -3.58 -17.74
C GLN B 65 -2.11 -2.48 -17.08
N THR B 66 -2.76 -1.61 -16.32
CA THR B 66 -2.02 -0.49 -15.64
C THR B 66 -2.91 0.22 -14.61
N VAL B 67 -2.63 0.05 -13.34
CA VAL B 67 -3.43 0.74 -12.27
C VAL B 67 -3.06 2.24 -12.24
N MET B 68 -3.98 3.09 -11.85
CA MET B 68 -3.67 4.54 -11.82
C MET B 68 -4.20 5.19 -10.54
N LEU B 69 -3.33 5.80 -9.78
CA LEU B 69 -3.79 6.51 -8.54
C LEU B 69 -4.30 7.88 -8.98
N GLY B 70 -4.67 8.74 -8.07
CA GLY B 70 -5.15 10.08 -8.53
C GLY B 70 -3.91 10.96 -8.64
N ASN B 71 -3.26 10.86 -9.78
CA ASN B 71 -2.02 11.64 -10.07
C ASN B 71 -1.37 11.09 -11.35
N SER B 72 -1.36 9.79 -11.54
CA SER B 72 -0.74 9.20 -12.76
C SER B 72 -1.00 7.68 -12.86
N GLU B 73 -0.69 7.10 -14.00
CA GLU B 73 -0.90 5.63 -14.20
C GLU B 73 0.35 4.83 -13.84
N PHE B 74 0.17 3.66 -13.29
CA PHE B 74 1.33 2.81 -12.89
C PHE B 74 1.14 1.37 -13.38
N ASP B 75 2.20 0.67 -13.70
CA ASP B 75 2.02 -0.74 -14.13
C ASP B 75 1.83 -1.57 -12.86
N SER B 76 0.58 -1.89 -12.56
CA SER B 76 0.25 -2.66 -11.32
C SER B 76 0.63 -1.82 -10.09
N LEU B 77 -0.15 -1.86 -9.04
CA LEU B 77 0.20 -1.05 -7.81
C LEU B 77 1.66 -1.32 -7.40
N VAL B 78 2.18 -2.47 -7.77
CA VAL B 78 3.61 -2.80 -7.47
C VAL B 78 4.54 -1.75 -8.08
N ASP B 79 4.10 -1.04 -9.08
CA ASP B 79 4.96 -0.01 -9.73
C ASP B 79 5.36 1.08 -8.72
N LEU B 80 4.46 1.94 -8.36
CA LEU B 80 4.83 3.00 -7.36
C LEU B 80 5.21 2.35 -6.04
N ILE B 81 4.57 1.26 -5.66
CA ILE B 81 4.97 0.59 -4.39
C ILE B 81 6.44 0.17 -4.53
N SER B 82 6.82 -0.32 -5.69
CA SER B 82 8.24 -0.72 -5.91
C SER B 82 9.13 0.51 -5.80
N TYR B 83 8.74 1.61 -6.41
CA TYR B 83 9.56 2.86 -6.31
C TYR B 83 9.80 3.14 -4.82
N TYR B 84 8.75 3.07 -4.04
CA TYR B 84 8.90 3.29 -2.57
C TYR B 84 9.76 2.18 -1.96
N GLU B 85 9.45 0.92 -2.18
CA GLU B 85 10.34 -0.14 -1.59
C GLU B 85 11.79 0.06 -2.04
N LYS B 86 11.97 0.46 -3.26
CA LYS B 86 13.34 0.70 -3.80
C LYS B 86 13.93 1.97 -3.15
N HIS B 87 13.09 2.89 -2.71
CA HIS B 87 13.59 4.13 -2.03
C HIS B 87 12.57 4.59 -0.97
N PRO B 88 12.41 3.75 0.04
CA PRO B 88 11.45 4.01 1.13
C PRO B 88 12.10 4.79 2.29
N LEU B 89 13.16 4.26 2.85
CA LEU B 89 13.83 4.94 4.00
C LEU B 89 12.86 5.01 5.19
N TYR B 90 12.49 6.19 5.64
CA TYR B 90 11.53 6.33 6.78
C TYR B 90 11.81 5.37 7.95
N ARG B 91 13.03 4.86 8.07
CA ARG B 91 13.37 3.92 9.18
C ARG B 91 12.51 2.64 9.12
N LYS B 92 13.13 1.49 9.28
CA LYS B 92 12.37 0.19 9.23
C LYS B 92 11.27 0.17 8.13
N MET B 93 11.51 0.85 7.03
CA MET B 93 10.49 0.88 5.92
C MET B 93 11.14 0.40 4.62
N LYS B 94 10.55 -0.58 3.96
CA LYS B 94 11.13 -1.09 2.68
C LYS B 94 10.20 -2.19 2.11
N LEU B 95 8.91 -2.00 2.23
CA LEU B 95 7.92 -3.01 1.71
C LEU B 95 8.30 -4.44 2.13
N ARG B 96 8.83 -4.61 3.33
CA ARG B 96 9.20 -5.97 3.82
C ARG B 96 9.31 -5.99 5.36
N TYR B 97 8.22 -5.76 6.05
CA TYR B 97 8.25 -5.77 7.55
C TYR B 97 6.87 -6.24 8.07
N PRO B 98 6.88 -7.04 9.11
CA PRO B 98 5.59 -7.54 9.65
C PRO B 98 5.10 -6.58 10.73
N ILE B 99 4.17 -7.02 11.52
CA ILE B 99 3.67 -6.15 12.61
C ILE B 99 3.90 -6.83 13.96
N ASN B 100 4.94 -6.43 14.67
CA ASN B 100 5.24 -7.09 15.98
C ASN B 100 4.29 -6.58 17.08
N GLU B 101 3.28 -7.34 17.40
CA GLU B 101 2.33 -6.91 18.47
C GLU B 101 2.71 -7.50 19.83
N GLU B 102 3.32 -6.72 20.67
CA GLU B 102 3.71 -7.22 22.02
C GLU B 102 2.48 -7.44 22.92
N ASN B 103 1.35 -6.88 22.57
CA ASN B 103 0.11 -7.07 23.41
C ASN B 103 -0.84 -8.11 22.80
N SER B 104 -0.60 -8.54 21.58
CA SER B 104 -1.47 -9.57 20.91
C SER B 104 -2.92 -9.06 20.70
N SER B 105 -3.09 -7.94 20.02
CA SER B 105 -4.46 -7.41 19.76
C SER B 105 -4.41 -6.22 18.78
N ASP A 2 -12.43 6.86 4.81
CA ASP A 2 -13.01 6.09 5.95
C ASP A 2 -13.39 4.67 5.50
N THR A 3 -13.94 3.90 6.40
CA THR A 3 -14.35 2.48 6.08
C THR A 3 -15.08 2.40 4.74
N GLU A 4 -14.48 1.75 3.76
CA GLU A 4 -15.11 1.63 2.40
C GLU A 4 -15.40 3.04 1.82
N VAL A 5 -14.79 4.08 2.35
CA VAL A 5 -15.08 5.44 1.82
C VAL A 5 -13.80 6.30 1.64
N GLU A 7 -11.22 8.47 -1.30
CA GLU A 7 -11.27 8.99 -2.71
C GLU A 7 -9.86 9.38 -3.23
N SER A 8 -9.13 10.21 -2.52
CA SER A 8 -7.77 10.63 -3.02
C SER A 8 -6.68 9.72 -2.44
N PRO A 9 -6.15 8.85 -3.28
CA PRO A 9 -5.11 7.86 -2.84
C PRO A 9 -3.77 8.50 -2.45
N ALA A 11 0.19 9.90 -2.39
CA ALA A 11 0.80 10.96 -3.25
C ALA A 11 2.07 10.44 -3.95
N ASP A 12 3.10 11.26 -4.05
CA ASP A 12 4.36 10.81 -4.72
C ASP A 12 5.22 9.94 -3.76
N PRO A 13 6.20 9.27 -4.33
CA PRO A 13 7.07 8.37 -3.51
C PRO A 13 8.13 9.16 -2.72
N GLY B 1 16.14 -5.82 -8.00
CA GLY B 1 17.02 -4.67 -8.34
C GLY B 1 16.20 -3.37 -8.33
N SER B 2 16.27 -2.59 -9.39
CA SER B 2 15.49 -1.32 -9.43
C SER B 2 13.98 -1.63 -9.41
N PRO B 3 13.53 -2.43 -10.35
CA PRO B 3 12.09 -2.83 -10.39
C PRO B 3 11.81 -3.92 -9.34
N GLY B 4 10.57 -4.09 -8.95
CA GLY B 4 10.22 -5.14 -7.94
C GLY B 4 9.24 -6.14 -8.54
N ILE B 5 7.95 -5.95 -8.30
CA ILE B 5 6.90 -6.91 -8.85
C ILE B 5 7.00 -8.33 -8.24
N HIS B 6 8.19 -8.78 -7.88
CA HIS B 6 8.35 -10.13 -7.27
C HIS B 6 9.66 -10.19 -6.46
N GLU B 7 10.13 -9.07 -5.96
CA GLU B 7 11.41 -9.07 -5.19
C GLU B 7 11.17 -9.21 -3.68
N SER B 8 10.05 -8.76 -3.17
CA SER B 8 9.81 -8.85 -1.68
C SER B 8 8.32 -8.91 -1.32
N LYS B 9 7.58 -7.82 -1.41
CA LYS B 9 6.12 -7.91 -1.01
C LYS B 9 5.23 -6.83 -1.67
N GLU B 10 3.95 -6.88 -1.37
CA GLU B 10 2.96 -5.89 -1.92
C GLU B 10 2.96 -5.85 -3.45
N TRP B 11 3.37 -6.91 -4.09
CA TRP B 11 3.34 -6.96 -5.58
C TRP B 11 2.12 -7.77 -6.06
N TYR B 12 1.26 -8.15 -5.14
CA TYR B 12 0.04 -8.94 -5.50
C TYR B 12 -1.23 -8.13 -5.17
N HIS B 13 -1.42 -7.00 -5.84
CA HIS B 13 -2.62 -6.14 -5.56
C HIS B 13 -3.93 -6.90 -5.82
N ALA B 14 -4.32 -7.76 -4.91
CA ALA B 14 -5.60 -8.54 -5.07
C ALA B 14 -5.64 -9.69 -4.05
N SER B 15 -6.66 -10.52 -4.13
CA SER B 15 -6.81 -11.70 -3.20
C SER B 15 -6.98 -11.30 -1.72
N LEU B 16 -6.07 -10.55 -1.16
CA LEU B 16 -6.18 -10.17 0.29
C LEU B 16 -7.54 -9.51 0.60
N THR B 17 -7.78 -9.19 1.85
CA THR B 17 -9.08 -8.54 2.23
C THR B 17 -9.05 -7.05 1.87
N ARG B 18 -10.21 -6.45 1.89
CA ARG B 18 -10.34 -5.00 1.56
C ARG B 18 -9.83 -4.11 2.71
N ALA B 19 -10.51 -3.01 3.00
CA ALA B 19 -10.06 -2.03 4.06
C ALA B 19 -9.54 -2.69 5.34
N GLN B 20 -9.89 -3.93 5.60
CA GLN B 20 -9.36 -4.59 6.82
C GLN B 20 -7.82 -4.50 6.85
N ALA B 21 -7.20 -4.69 5.70
CA ALA B 21 -5.70 -4.60 5.62
C ALA B 21 -5.24 -3.15 5.84
N GLU B 22 -5.93 -2.20 5.26
CA GLU B 22 -5.55 -0.76 5.46
C GLU B 22 -5.64 -0.43 6.94
N HIS B 23 -6.74 -0.79 7.55
CA HIS B 23 -6.90 -0.54 9.01
C HIS B 23 -5.85 -1.34 9.78
N MET B 24 -5.64 -2.60 9.43
CA MET B 24 -4.61 -3.40 10.16
C MET B 24 -3.22 -2.76 10.00
N LEU B 25 -2.83 -2.39 8.81
CA LEU B 25 -1.49 -1.76 8.63
C LEU B 25 -1.44 -0.34 9.20
N MET B 26 -2.42 0.47 8.94
CA MET B 26 -2.39 1.85 9.52
C MET B 26 -2.28 1.73 11.04
N ARG B 27 -3.01 0.80 11.61
CA ARG B 27 -3.00 0.61 13.09
C ARG B 27 -1.83 -0.25 13.62
N VAL B 28 -1.14 -1.04 12.81
CA VAL B 28 -0.06 -1.91 13.42
C VAL B 28 0.85 -1.13 14.39
N PRO B 29 1.53 -1.89 15.22
CA PRO B 29 2.42 -1.31 16.26
C PRO B 29 3.57 -0.49 15.67
N ARG B 30 4.19 -0.98 14.61
CA ARG B 30 5.33 -0.22 14.02
C ARG B 30 4.98 0.36 12.64
N ASP B 31 5.47 1.53 12.35
CA ASP B 31 5.19 2.18 11.04
C ASP B 31 5.90 1.46 9.90
N GLY B 32 5.67 1.86 8.68
CA GLY B 32 6.32 1.17 7.52
C GLY B 32 5.42 0.02 7.04
N ALA B 33 4.21 -0.06 7.52
CA ALA B 33 3.28 -1.15 7.09
C ALA B 33 2.86 -0.94 5.62
N PHE B 34 3.04 -1.94 4.80
CA PHE B 34 2.67 -1.81 3.36
C PHE B 34 1.79 -2.98 2.90
N LEU B 35 0.81 -2.72 2.07
CA LEU B 35 -0.10 -3.80 1.55
C LEU B 35 -1.13 -3.19 0.59
N VAL B 36 -1.24 -3.69 -0.62
CA VAL B 36 -2.25 -3.13 -1.59
C VAL B 36 -3.52 -3.99 -1.60
N ARG B 37 -4.67 -3.39 -1.77
CA ARG B 37 -5.93 -4.20 -1.74
C ARG B 37 -7.02 -3.64 -2.68
N LYS B 38 -8.01 -4.46 -2.97
CA LYS B 38 -9.15 -4.02 -3.84
C LYS B 38 -10.22 -3.31 -2.99
N ARG B 39 -10.66 -2.16 -3.42
CA ARG B 39 -11.71 -1.42 -2.65
C ARG B 39 -13.10 -1.82 -3.17
N ASN B 40 -14.13 -1.65 -2.38
CA ASN B 40 -15.50 -2.05 -2.85
C ASN B 40 -15.92 -1.25 -4.09
N GLU B 41 -15.55 0.00 -4.16
CA GLU B 41 -15.92 0.87 -5.32
C GLU B 41 -15.29 0.36 -6.62
N PRO B 42 -16.00 0.57 -7.71
CA PRO B 42 -15.47 0.16 -9.04
C PRO B 42 -14.35 1.12 -9.45
N ASN B 43 -13.37 0.65 -10.19
CA ASN B 43 -12.22 1.55 -10.57
C ASN B 43 -11.66 2.18 -9.30
N SER B 44 -11.39 1.38 -8.31
CA SER B 44 -10.92 1.92 -7.01
C SER B 44 -10.09 0.87 -6.24
N TYR B 45 -8.85 1.16 -6.00
CA TYR B 45 -7.96 0.23 -5.23
C TYR B 45 -7.38 0.98 -4.03
N ALA B 46 -7.08 0.32 -2.94
CA ALA B 46 -6.52 1.07 -1.77
C ALA B 46 -5.14 0.52 -1.37
N ILE B 47 -4.22 1.39 -0.98
CA ILE B 47 -2.85 0.93 -0.57
C ILE B 47 -2.64 1.11 0.94
N SER B 48 -2.63 0.04 1.69
CA SER B 48 -2.40 0.13 3.18
C SER B 48 -0.99 0.68 3.43
N PHE B 49 -0.86 1.98 3.42
CA PHE B 49 0.49 2.58 3.61
C PHE B 49 0.60 3.27 4.98
N ARG B 50 1.33 2.67 5.89
CA ARG B 50 1.53 3.31 7.22
C ARG B 50 2.95 3.88 7.30
N ALA B 51 3.09 5.18 7.36
CA ALA B 51 4.46 5.78 7.46
C ALA B 51 4.65 6.38 8.86
N GLU B 52 5.87 6.46 9.32
CA GLU B 52 6.11 7.02 10.68
C GLU B 52 5.65 8.49 10.75
N GLY B 53 4.53 8.72 11.38
CA GLY B 53 4.00 10.12 11.48
C GLY B 53 3.49 10.58 10.10
N LYS B 54 2.96 9.68 9.31
CA LYS B 54 2.45 10.08 7.97
C LYS B 54 1.47 9.03 7.42
N ILE B 55 0.30 8.96 7.98
CA ILE B 55 -0.69 7.97 7.48
C ILE B 55 -1.50 8.64 6.38
N LYS B 56 -1.61 8.00 5.25
CA LYS B 56 -2.32 8.62 4.10
C LYS B 56 -2.55 7.59 2.97
N HIS B 57 -3.65 6.90 3.00
CA HIS B 57 -3.92 5.91 1.92
C HIS B 57 -5.41 5.91 1.59
N CYS B 58 -5.72 5.97 0.32
CA CYS B 58 -7.14 6.03 -0.12
C CYS B 58 -7.36 5.19 -1.40
N ARG B 59 -8.47 5.38 -2.06
CA ARG B 59 -8.76 4.58 -3.28
C ARG B 59 -8.03 5.10 -4.52
N VAL B 60 -7.41 4.20 -5.25
CA VAL B 60 -6.67 4.55 -6.49
C VAL B 60 -7.51 4.13 -7.70
N GLN B 61 -7.36 4.79 -8.81
CA GLN B 61 -8.15 4.40 -10.01
C GLN B 61 -7.31 3.46 -10.88
N GLN B 62 -7.82 2.29 -11.20
CA GLN B 62 -7.05 1.34 -12.03
C GLN B 62 -7.53 1.37 -13.49
N GLU B 63 -6.62 1.23 -14.42
CA GLU B 63 -7.00 1.25 -15.86
C GLU B 63 -6.43 0.02 -16.56
N GLY B 64 -7.05 -0.44 -17.62
CA GLY B 64 -6.50 -1.65 -18.32
C GLY B 64 -5.26 -1.22 -19.09
N GLN B 65 -4.14 -1.19 -18.40
CA GLN B 65 -2.82 -0.79 -18.98
C GLN B 65 -1.98 -0.25 -17.82
N THR B 66 -2.51 0.74 -17.13
CA THR B 66 -1.78 1.33 -15.97
C THR B 66 -2.76 1.97 -14.97
N VAL B 67 -2.69 1.56 -13.73
CA VAL B 67 -3.57 2.14 -12.66
C VAL B 67 -3.07 3.57 -12.35
N MET B 68 -3.78 4.34 -11.58
CA MET B 68 -3.26 5.71 -11.30
C MET B 68 -3.41 6.10 -9.83
N LEU B 69 -2.29 6.35 -9.20
CA LEU B 69 -2.29 6.80 -7.77
C LEU B 69 -2.31 8.35 -7.76
N GLY B 70 -2.17 8.97 -6.62
CA GLY B 70 -2.20 10.46 -6.58
C GLY B 70 -0.77 11.02 -6.72
N ASN B 71 -0.64 12.18 -7.31
CA ASN B 71 0.72 12.81 -7.49
C ASN B 71 1.75 11.84 -8.10
N SER B 72 1.31 10.81 -8.79
CA SER B 72 2.27 9.83 -9.37
C SER B 72 1.54 8.77 -10.21
N GLU B 73 2.22 8.11 -11.12
CA GLU B 73 1.54 7.08 -11.95
C GLU B 73 1.39 5.78 -11.14
N PHE B 74 0.96 4.72 -11.78
CA PHE B 74 0.77 3.43 -11.04
C PHE B 74 0.59 2.29 -12.04
N ASP B 75 1.66 1.73 -12.55
CA ASP B 75 1.49 0.62 -13.53
C ASP B 75 1.12 -0.67 -12.80
N SER B 76 -0.08 -1.11 -13.01
CA SER B 76 -0.60 -2.35 -12.35
C SER B 76 -0.46 -2.24 -10.82
N LEU B 77 -0.51 -1.04 -10.27
CA LEU B 77 -0.38 -0.85 -8.78
C LEU B 77 1.01 -1.32 -8.28
N VAL B 78 1.35 -2.56 -8.54
CA VAL B 78 2.67 -3.10 -8.13
C VAL B 78 3.78 -2.17 -8.61
N ASP B 79 3.59 -1.48 -9.68
CA ASP B 79 4.66 -0.58 -10.19
C ASP B 79 5.12 0.42 -9.10
N LEU B 80 4.33 1.44 -8.82
CA LEU B 80 4.74 2.45 -7.78
C LEU B 80 4.82 1.79 -6.38
N ILE B 81 3.90 0.92 -6.02
CA ILE B 81 4.03 0.28 -4.68
C ILE B 81 5.30 -0.59 -4.66
N SER B 82 5.68 -1.15 -5.78
CA SER B 82 6.95 -1.95 -5.83
C SER B 82 8.13 -0.98 -5.79
N TYR B 83 7.98 0.18 -6.39
CA TYR B 83 9.10 1.19 -6.32
C TYR B 83 9.40 1.40 -4.83
N TYR B 84 8.35 1.56 -4.03
CA TYR B 84 8.56 1.67 -2.56
C TYR B 84 9.14 0.33 -2.04
N GLU B 85 8.66 -0.76 -2.59
CA GLU B 85 9.15 -2.12 -2.22
C GLU B 85 10.65 -2.27 -2.48
N LYS B 86 11.17 -1.57 -3.44
CA LYS B 86 12.64 -1.68 -3.73
C LYS B 86 13.38 -0.53 -3.04
N HIS B 87 12.87 0.68 -3.15
CA HIS B 87 13.51 1.85 -2.49
C HIS B 87 12.45 2.64 -1.71
N PRO B 88 12.19 2.17 -0.51
CA PRO B 88 11.17 2.81 0.34
C PRO B 88 11.77 4.07 1.01
N LEU B 89 11.99 4.03 2.32
CA LEU B 89 12.60 5.21 3.07
C LEU B 89 12.21 5.11 4.57
N TYR B 90 12.08 6.24 5.23
CA TYR B 90 11.70 6.25 6.69
C TYR B 90 12.77 5.50 7.52
N ARG B 91 12.53 4.26 7.84
CA ARG B 91 13.55 3.47 8.63
C ARG B 91 13.14 2.00 8.75
N LYS B 92 11.90 1.72 9.08
CA LYS B 92 11.45 0.29 9.18
C LYS B 92 10.38 0.01 8.10
N MET B 93 10.50 0.65 6.97
CA MET B 93 9.53 0.44 5.86
C MET B 93 10.26 -0.15 4.65
N LYS B 94 9.81 -1.27 4.15
CA LYS B 94 10.47 -1.90 2.97
C LYS B 94 9.55 -2.97 2.34
N LEU B 95 8.25 -2.81 2.51
CA LEU B 95 7.25 -3.78 1.93
C LEU B 95 7.41 -5.19 2.54
N ARG B 96 8.56 -5.79 2.44
CA ARG B 96 8.76 -7.16 3.04
C ARG B 96 8.96 -7.08 4.56
N TYR B 97 8.12 -6.35 5.26
CA TYR B 97 8.26 -6.24 6.73
C TYR B 97 6.90 -6.50 7.41
N PRO B 98 6.93 -7.19 8.52
CA PRO B 98 5.67 -7.51 9.23
C PRO B 98 5.38 -6.40 10.25
N ILE B 99 4.46 -6.64 11.12
CA ILE B 99 4.14 -5.64 12.15
C ILE B 99 4.43 -6.24 13.53
N ASN B 100 5.60 -5.97 14.06
CA ASN B 100 5.98 -6.55 15.38
C ASN B 100 5.26 -5.83 16.54
N GLU B 101 4.32 -6.48 17.15
CA GLU B 101 3.57 -5.86 18.29
C GLU B 101 4.31 -6.14 19.61
N GLU B 102 5.03 -5.18 20.12
CA GLU B 102 5.77 -5.39 21.42
C GLU B 102 4.79 -5.75 22.54
N ASN B 103 3.65 -5.12 22.56
CA ASN B 103 2.63 -5.41 23.62
C ASN B 103 1.49 -6.29 23.10
N SER B 104 1.40 -6.47 21.79
CA SER B 104 0.30 -7.30 21.18
C SER B 104 -1.06 -6.58 21.31
N SER B 105 -1.95 -6.80 20.37
CA SER B 105 -3.31 -6.15 20.39
C SER B 105 -3.23 -4.66 19.96
N ASP A 2 -18.02 4.03 4.22
CA ASP A 2 -17.05 3.43 5.19
C ASP A 2 -15.72 3.08 4.49
N THR A 3 -15.61 1.91 3.90
CA THR A 3 -14.35 1.52 3.19
C THR A 3 -14.22 2.26 1.85
N GLU A 4 -14.12 3.57 1.89
CA GLU A 4 -13.99 4.36 0.62
C GLU A 4 -13.49 5.80 0.90
N VAL A 5 -14.03 6.80 0.21
CA VAL A 5 -13.58 8.21 0.42
C VAL A 5 -12.09 8.34 0.05
N GLU A 7 -8.78 8.98 -3.12
CA GLU A 7 -8.45 9.76 -4.35
C GLU A 7 -6.99 9.49 -4.80
N SER A 8 -6.00 9.96 -4.08
CA SER A 8 -4.55 9.74 -4.47
C SER A 8 -3.78 9.11 -3.30
N PRO A 9 -3.40 7.86 -3.45
CA PRO A 9 -2.71 7.11 -2.37
C PRO A 9 -1.20 7.40 -2.28
N ALA A 11 2.45 7.05 -4.84
CA ALA A 11 3.17 6.55 -6.06
C ALA A 11 4.63 6.20 -5.70
N ASP A 12 5.40 7.19 -5.33
CA ASP A 12 6.83 6.94 -4.97
C ASP A 12 7.06 7.33 -3.49
N PRO A 13 8.15 6.85 -2.93
CA PRO A 13 8.47 7.17 -1.52
C PRO A 13 9.00 8.61 -1.38
N GLY B 1 14.10 -4.59 -11.96
CA GLY B 1 15.13 -3.67 -12.57
C GLY B 1 15.05 -2.31 -11.88
N SER B 2 14.78 -1.26 -12.61
CA SER B 2 14.68 0.10 -11.99
C SER B 2 13.59 0.10 -10.90
N PRO B 3 12.39 -0.30 -11.29
CA PRO B 3 11.26 -0.37 -10.31
C PRO B 3 11.43 -1.56 -9.36
N GLY B 4 10.43 -1.88 -8.58
CA GLY B 4 10.56 -3.05 -7.65
C GLY B 4 9.96 -4.29 -8.30
N ILE B 5 8.86 -4.77 -7.78
CA ILE B 5 8.18 -6.01 -8.34
C ILE B 5 9.04 -7.29 -8.16
N HIS B 6 10.35 -7.17 -8.17
CA HIS B 6 11.23 -8.36 -7.99
C HIS B 6 11.76 -8.34 -6.55
N GLU B 7 12.45 -7.29 -6.18
CA GLU B 7 12.99 -7.16 -4.80
C GLU B 7 11.83 -6.99 -3.80
N SER B 8 10.86 -6.16 -4.13
CA SER B 8 9.67 -5.96 -3.23
C SER B 8 8.60 -7.00 -3.58
N LYS B 9 7.45 -6.98 -2.94
CA LYS B 9 6.43 -8.02 -3.30
C LYS B 9 5.03 -7.74 -2.70
N GLU B 10 4.63 -6.50 -2.49
CA GLU B 10 3.26 -6.27 -1.96
C GLU B 10 2.24 -6.51 -3.08
N TRP B 11 2.00 -7.75 -3.38
CA TRP B 11 1.05 -8.10 -4.47
C TRP B 11 -0.34 -8.43 -3.92
N TYR B 12 -0.57 -8.22 -2.64
CA TYR B 12 -1.90 -8.53 -2.03
C TYR B 12 -3.07 -7.88 -2.82
N HIS B 13 -2.80 -6.84 -3.56
CA HIS B 13 -3.89 -6.15 -4.35
C HIS B 13 -4.52 -7.12 -5.38
N ALA B 14 -5.38 -7.99 -4.95
CA ALA B 14 -6.04 -8.95 -5.88
C ALA B 14 -7.51 -9.15 -5.49
N SER B 15 -7.76 -9.81 -4.39
CA SER B 15 -9.18 -10.05 -3.96
C SER B 15 -9.23 -10.45 -2.48
N LEU B 16 -9.54 -9.52 -1.61
CA LEU B 16 -9.60 -9.84 -0.14
C LEU B 16 -10.73 -9.05 0.54
N THR B 17 -10.52 -8.65 1.78
CA THR B 17 -11.57 -7.88 2.52
C THR B 17 -11.46 -6.38 2.25
N ARG B 18 -12.46 -5.64 2.66
CA ARG B 18 -12.49 -4.16 2.48
C ARG B 18 -11.80 -3.46 3.67
N ALA B 19 -12.36 -2.37 4.14
CA ALA B 19 -11.76 -1.58 5.27
C ALA B 19 -11.24 -2.45 6.41
N GLN B 20 -11.76 -3.64 6.59
CA GLN B 20 -11.24 -4.50 7.68
C GLN B 20 -9.70 -4.60 7.54
N ALA B 21 -9.23 -4.77 6.33
CA ALA B 21 -7.76 -4.83 6.07
C ALA B 21 -7.17 -3.42 6.22
N GLU B 22 -7.89 -2.42 5.74
CA GLU B 22 -7.42 -1.00 5.87
C GLU B 22 -7.14 -0.69 7.35
N HIS B 23 -8.12 -0.91 8.19
CA HIS B 23 -7.96 -0.64 9.65
C HIS B 23 -6.94 -1.59 10.28
N MET B 24 -6.91 -2.84 9.89
CA MET B 24 -5.91 -3.77 10.51
C MET B 24 -4.50 -3.23 10.28
N LEU B 25 -4.16 -2.86 9.07
CA LEU B 25 -2.79 -2.33 8.81
C LEU B 25 -2.60 -0.95 9.42
N MET B 26 -3.51 -0.04 9.20
CA MET B 26 -3.35 1.32 9.80
C MET B 26 -3.17 1.19 11.33
N ARG B 27 -3.86 0.24 11.93
CA ARG B 27 -3.76 0.03 13.40
C ARG B 27 -2.53 -0.82 13.81
N VAL B 28 -1.91 -1.58 12.92
CA VAL B 28 -0.74 -2.45 13.34
C VAL B 28 0.22 -1.73 14.32
N PRO B 29 0.90 -2.53 15.11
CA PRO B 29 1.87 -1.99 16.11
C PRO B 29 3.12 -1.42 15.42
N ARG B 30 3.83 -2.21 14.66
CA ARG B 30 5.07 -1.72 13.98
C ARG B 30 4.73 -0.70 12.88
N ASP B 31 5.64 0.23 12.65
CA ASP B 31 5.42 1.24 11.57
C ASP B 31 5.54 0.55 10.21
N GLY B 32 5.05 1.17 9.17
CA GLY B 32 5.11 0.54 7.82
C GLY B 32 3.70 0.22 7.38
N ALA B 33 3.19 -0.94 7.75
CA ALA B 33 1.78 -1.35 7.38
C ALA B 33 1.55 -1.24 5.86
N PHE B 34 1.55 -2.35 5.17
CA PHE B 34 1.34 -2.31 3.69
C PHE B 34 0.30 -3.37 3.27
N LEU B 35 -0.71 -2.98 2.54
CA LEU B 35 -1.75 -3.96 2.10
C LEU B 35 -2.80 -3.28 1.21
N VAL B 36 -3.07 -3.84 0.05
CA VAL B 36 -4.10 -3.22 -0.85
C VAL B 36 -5.41 -4.01 -0.78
N ARG B 37 -6.49 -3.38 -0.40
CA ARG B 37 -7.81 -4.08 -0.30
C ARG B 37 -8.85 -3.41 -1.19
N LYS B 38 -9.94 -4.09 -1.48
CA LYS B 38 -10.98 -3.50 -2.37
C LYS B 38 -11.89 -2.53 -1.61
N ARG B 39 -11.91 -1.31 -2.05
CA ARG B 39 -12.76 -0.25 -1.40
C ARG B 39 -14.13 -0.17 -2.05
N ASN B 40 -15.07 0.46 -1.41
CA ASN B 40 -16.45 0.57 -2.00
C ASN B 40 -16.52 1.57 -3.19
N GLU B 41 -15.39 2.03 -3.72
CA GLU B 41 -15.46 2.99 -4.89
C GLU B 41 -15.72 2.20 -6.19
N PRO B 42 -16.00 2.92 -7.25
CA PRO B 42 -16.29 2.27 -8.56
C PRO B 42 -15.01 1.73 -9.24
N ASN B 43 -13.95 2.50 -9.24
CA ASN B 43 -12.68 2.04 -9.91
C ASN B 43 -11.46 2.61 -9.20
N SER B 44 -11.10 2.11 -8.04
CA SER B 44 -9.92 2.69 -7.33
C SER B 44 -9.55 1.91 -6.08
N TYR B 45 -8.53 1.10 -6.20
CA TYR B 45 -8.03 0.25 -5.06
C TYR B 45 -7.49 1.11 -3.90
N ALA B 46 -6.49 0.65 -3.20
CA ALA B 46 -5.93 1.44 -2.05
C ALA B 46 -4.61 0.84 -1.55
N ILE B 47 -3.91 1.56 -0.72
CA ILE B 47 -2.61 1.04 -0.20
C ILE B 47 -2.48 1.31 1.30
N SER B 48 -2.70 0.31 2.15
CA SER B 48 -2.55 0.54 3.62
C SER B 48 -1.13 1.03 3.88
N PHE B 49 -0.97 2.11 4.61
CA PHE B 49 0.40 2.65 4.87
C PHE B 49 0.50 3.33 6.23
N ARG B 50 1.45 2.93 7.04
CA ARG B 50 1.62 3.59 8.38
C ARG B 50 3.05 4.11 8.52
N ALA B 51 3.23 5.39 8.58
CA ALA B 51 4.62 5.93 8.75
C ALA B 51 4.79 6.51 10.15
N GLU B 52 6.01 6.77 10.55
CA GLU B 52 6.25 7.33 11.92
C GLU B 52 5.51 8.67 12.08
N GLY B 53 4.44 8.66 12.82
CA GLY B 53 3.64 9.91 13.02
C GLY B 53 2.93 10.30 11.70
N LYS B 54 2.58 9.33 10.88
CA LYS B 54 1.88 9.69 9.59
C LYS B 54 1.11 8.48 9.02
N ILE B 55 -0.20 8.56 9.05
CA ILE B 55 -1.03 7.46 8.47
C ILE B 55 -2.01 8.07 7.46
N LYS B 56 -1.89 7.70 6.21
CA LYS B 56 -2.82 8.25 5.16
C LYS B 56 -2.70 7.42 3.87
N HIS B 57 -3.81 7.16 3.24
CA HIS B 57 -3.79 6.33 1.98
C HIS B 57 -4.97 6.73 1.10
N CYS B 58 -4.97 6.30 -0.13
CA CYS B 58 -6.08 6.67 -1.04
C CYS B 58 -6.26 5.63 -2.16
N ARG B 59 -7.02 5.94 -3.16
CA ARG B 59 -7.31 4.94 -4.24
C ARG B 59 -6.45 5.09 -5.51
N VAL B 60 -6.18 3.98 -6.14
CA VAL B 60 -5.40 3.99 -7.43
C VAL B 60 -6.34 3.50 -8.54
N GLN B 61 -6.23 4.02 -9.73
CA GLN B 61 -7.14 3.57 -10.82
C GLN B 61 -6.52 2.37 -11.53
N GLN B 62 -7.12 1.22 -11.41
CA GLN B 62 -6.55 0.00 -12.05
C GLN B 62 -7.23 -0.31 -13.39
N GLU B 63 -6.46 -0.31 -14.45
CA GLU B 63 -7.04 -0.64 -15.78
C GLU B 63 -6.51 -2.02 -16.20
N GLY B 64 -7.31 -2.87 -16.78
CA GLY B 64 -6.78 -4.21 -17.18
C GLY B 64 -5.80 -4.01 -18.31
N GLN B 65 -4.56 -3.69 -17.95
CA GLN B 65 -3.45 -3.42 -18.92
C GLN B 65 -2.61 -2.25 -18.37
N THR B 66 -3.22 -1.35 -17.60
CA THR B 66 -2.43 -0.20 -17.06
C THR B 66 -3.08 0.46 -15.81
N VAL B 67 -2.54 0.21 -14.64
CA VAL B 67 -3.10 0.85 -13.39
C VAL B 67 -2.43 2.21 -13.14
N MET B 68 -3.15 3.13 -12.55
CA MET B 68 -2.56 4.47 -12.27
C MET B 68 -3.28 5.18 -11.12
N LEU B 69 -2.57 5.59 -10.11
CA LEU B 69 -3.23 6.33 -8.98
C LEU B 69 -3.39 7.81 -9.38
N GLY B 70 -3.77 8.68 -8.48
CA GLY B 70 -4.01 10.10 -8.88
C GLY B 70 -2.74 10.95 -8.82
N ASN B 71 -1.98 10.96 -9.91
CA ASN B 71 -0.72 11.78 -10.04
C ASN B 71 0.18 11.20 -11.15
N SER B 72 0.17 9.89 -11.33
CA SER B 72 1.02 9.27 -12.41
C SER B 72 0.62 7.79 -12.63
N GLU B 73 1.01 7.23 -13.74
CA GLU B 73 0.67 5.79 -14.02
C GLU B 73 1.74 4.88 -13.39
N PHE B 74 1.38 3.66 -13.08
CA PHE B 74 2.38 2.74 -12.45
C PHE B 74 2.15 1.30 -12.91
N ASP B 75 3.14 0.45 -12.76
CA ASP B 75 2.92 -0.97 -13.17
C ASP B 75 2.18 -1.66 -12.01
N SER B 76 0.91 -1.86 -12.19
CA SER B 76 0.07 -2.49 -11.12
C SER B 76 0.25 -1.67 -9.82
N LEU B 77 -0.19 -2.20 -8.72
CA LEU B 77 0.01 -1.48 -7.43
C LEU B 77 1.40 -1.83 -6.89
N VAL B 78 1.86 -3.02 -7.21
CA VAL B 78 3.22 -3.46 -6.76
C VAL B 78 4.30 -2.48 -7.22
N ASP B 79 4.09 -1.73 -8.27
CA ASP B 79 5.15 -0.80 -8.75
C ASP B 79 5.32 0.38 -7.77
N LEU B 80 4.29 1.16 -7.55
CA LEU B 80 4.43 2.30 -6.57
C LEU B 80 4.74 1.72 -5.19
N ILE B 81 4.08 0.65 -4.83
CA ILE B 81 4.37 -0.01 -3.53
C ILE B 81 5.85 -0.45 -3.56
N SER B 82 6.30 -0.91 -4.70
CA SER B 82 7.72 -1.35 -4.84
C SER B 82 8.66 -0.17 -4.71
N TYR B 83 8.41 0.90 -5.42
CA TYR B 83 9.29 2.09 -5.32
C TYR B 83 9.38 2.48 -3.84
N TYR B 84 8.28 2.48 -3.14
CA TYR B 84 8.31 2.80 -1.69
C TYR B 84 9.06 1.71 -0.91
N GLU B 85 8.99 0.47 -1.34
CA GLU B 85 9.74 -0.62 -0.62
C GLU B 85 11.24 -0.49 -0.92
N LYS B 86 11.60 -0.38 -2.17
CA LYS B 86 13.05 -0.24 -2.54
C LYS B 86 13.62 1.03 -1.92
N HIS B 87 12.85 2.08 -1.86
CA HIS B 87 13.30 3.35 -1.20
C HIS B 87 12.46 3.49 0.07
N PRO B 88 12.82 2.70 1.05
CA PRO B 88 12.06 2.61 2.33
C PRO B 88 12.11 3.88 3.19
N LEU B 89 13.10 3.97 4.05
CA LEU B 89 13.21 5.12 4.99
C LEU B 89 12.05 5.08 5.98
N TYR B 90 11.78 6.19 6.63
CA TYR B 90 10.66 6.25 7.62
C TYR B 90 10.80 5.15 8.70
N ARG B 91 11.89 5.18 9.45
CA ARG B 91 12.13 4.16 10.53
C ARG B 91 12.14 2.72 9.96
N LYS B 92 11.00 2.08 9.86
CA LYS B 92 10.95 0.69 9.30
C LYS B 92 9.97 0.62 8.12
N MET B 93 9.62 1.74 7.54
CA MET B 93 8.66 1.74 6.40
C MET B 93 9.34 1.20 5.13
N LYS B 94 9.71 -0.04 5.11
CA LYS B 94 10.39 -0.59 3.90
C LYS B 94 9.48 -1.57 3.14
N LEU B 95 8.25 -1.73 3.55
CA LEU B 95 7.33 -2.68 2.86
C LEU B 95 7.81 -4.13 3.04
N ARG B 96 6.96 -5.08 2.74
CA ARG B 96 7.33 -6.53 2.92
C ARG B 96 7.64 -6.84 4.40
N TYR B 97 6.79 -6.38 5.29
CA TYR B 97 7.01 -6.62 6.75
C TYR B 97 5.65 -7.00 7.38
N PRO B 98 5.70 -7.70 8.51
CA PRO B 98 4.45 -8.08 9.18
C PRO B 98 4.10 -7.02 10.22
N ILE B 99 3.21 -7.33 11.11
CA ILE B 99 2.87 -6.33 12.15
C ILE B 99 3.21 -6.92 13.54
N ASN B 100 4.39 -6.66 14.03
CA ASN B 100 4.80 -7.22 15.36
C ASN B 100 4.61 -6.19 16.50
N GLU B 101 4.03 -6.59 17.60
CA GLU B 101 3.84 -5.64 18.75
C GLU B 101 5.20 -5.25 19.34
N GLU B 102 5.64 -4.03 19.11
CA GLU B 102 6.96 -3.55 19.64
C GLU B 102 7.09 -3.78 21.15
N ASN B 103 5.99 -3.73 21.89
CA ASN B 103 6.08 -3.95 23.37
C ASN B 103 6.37 -5.42 23.70
N SER B 104 6.22 -6.31 22.73
CA SER B 104 6.50 -7.76 22.99
C SER B 104 7.77 -8.21 22.24
N SER B 105 7.92 -7.80 21.00
CA SER B 105 9.13 -8.19 20.20
C SER B 105 9.04 -7.59 18.78
#